data_9JUU
# 
_entry.id   9JUU 
# 
_audit_conform.dict_name       mmcif_pdbx.dic 
_audit_conform.dict_version    5.403 
_audit_conform.dict_location   http://mmcif.pdb.org/dictionaries/ascii/mmcif_pdbx.dic 
# 
loop_
_database_2.database_id 
_database_2.database_code 
_database_2.pdbx_database_accession 
_database_2.pdbx_DOI 
PDB   9JUU         pdb_00009juu 10.2210/pdb9juu/pdb 
WWPDB D_1300052302 ?            ?                   
# 
loop_
_pdbx_audit_revision_history.ordinal 
_pdbx_audit_revision_history.data_content_type 
_pdbx_audit_revision_history.major_revision 
_pdbx_audit_revision_history.minor_revision 
_pdbx_audit_revision_history.revision_date 
_pdbx_audit_revision_history.part_number 
1 'Structure model' 1 0 2025-03-12 ? 
2 'Structure model' 1 1 2025-06-04 ? 
# 
_pdbx_audit_revision_details.ordinal             1 
_pdbx_audit_revision_details.revision_ordinal    1 
_pdbx_audit_revision_details.data_content_type   'Structure model' 
_pdbx_audit_revision_details.provider            repository 
_pdbx_audit_revision_details.type                'Initial release' 
_pdbx_audit_revision_details.description         ? 
_pdbx_audit_revision_details.details             ? 
# 
_pdbx_audit_revision_group.ordinal             1 
_pdbx_audit_revision_group.revision_ordinal    2 
_pdbx_audit_revision_group.data_content_type   'Structure model' 
_pdbx_audit_revision_group.group               'Database references' 
# 
_pdbx_audit_revision_category.ordinal             1 
_pdbx_audit_revision_category.revision_ordinal    2 
_pdbx_audit_revision_category.data_content_type   'Structure model' 
_pdbx_audit_revision_category.category            citation 
# 
loop_
_pdbx_audit_revision_item.ordinal 
_pdbx_audit_revision_item.revision_ordinal 
_pdbx_audit_revision_item.data_content_type 
_pdbx_audit_revision_item.item 
1 2 'Structure model' '_citation.journal_volume' 
2 2 'Structure model' '_citation.page_first'     
3 2 'Structure model' '_citation.page_last'      
# 
_pdbx_database_status.status_code                     REL 
_pdbx_database_status.status_code_sf                  REL 
_pdbx_database_status.status_code_mr                  ? 
_pdbx_database_status.entry_id                        9JUU 
_pdbx_database_status.recvd_initial_deposition_date   2024-10-08 
_pdbx_database_status.SG_entry                        N 
_pdbx_database_status.deposit_site                    PDBJ 
_pdbx_database_status.process_site                    PDBC 
_pdbx_database_status.status_code_cs                  ? 
_pdbx_database_status.status_code_nmr_data            ? 
_pdbx_database_status.methods_development_category    ? 
_pdbx_database_status.pdb_format_compatible           N 
# 
_pdbx_contact_author.id                 3 
_pdbx_contact_author.email              xu_yong@gibh.ac.cn 
_pdbx_contact_author.name_first         Yong 
_pdbx_contact_author.name_last          Xu 
_pdbx_contact_author.name_mi            ? 
_pdbx_contact_author.role               'principal investigator/group leader' 
_pdbx_contact_author.identifier_ORCID   0000-0003-3601-0246 
# 
loop_
_audit_author.name 
_audit_author.pdbx_ordinal 
_audit_author.identifier_ORCID 
'Hu, J.'     1  ? 
'Zhang, C.'  2  ? 
'Luo, G.'    3  ? 
'Tang, X.'   4  ? 
'Wu, T.'     5  ? 
'Shen, H.'   6  ? 
'Zhao, X.'   7  ? 
'Wu, X.'     8  ? 
'Smaill, J.' 9  ? 
'Zhang, Y.'  10 ? 
'Xu, Y.'     11 ? 
'Xiang, Q.'  12 ? 
# 
_citation.abstract                  ? 
_citation.abstract_id_CAS           ? 
_citation.book_id_ISBN              ? 
_citation.book_publisher            ? 
_citation.book_publisher_city       ? 
_citation.book_title                ? 
_citation.coordinate_linkage        ? 
_citation.country                   CN 
_citation.database_id_Medline       ? 
_citation.details                   ? 
_citation.id                        primary 
_citation.journal_abbrev            'Acta Pharmacol.Sin.' 
_citation.journal_id_ASTM           ? 
_citation.journal_id_CSD            ? 
_citation.journal_id_ISSN           1745-7254 
_citation.journal_full              ? 
_citation.journal_issue             ? 
_citation.journal_volume            46 
_citation.language                  ? 
_citation.page_first                1706 
_citation.page_last                 1721 
_citation.title                     
;Discovery of 5-imidazole-3-methylbenz[d]isoxazole derivatives as potent and selective CBP/p300 bromodomain inhibitors for the treatment of acute myeloid leukemia.
;
_citation.year                      2025 
_citation.database_id_CSD           ? 
_citation.pdbx_database_id_DOI      10.1038/s41401-025-01478-x 
_citation.pdbx_database_id_PubMed   39890943 
_citation.pdbx_database_id_patent   ? 
_citation.unpublished_flag          ? 
# 
loop_
_citation_author.citation_id 
_citation_author.name 
_citation_author.ordinal 
_citation_author.identifier_ORCID 
primary 'Hu, J.K.'     1  ? 
primary 'Tang, X.'     2  ? 
primary 'Luo, G.L.'    3  ? 
primary 'Zhang, C.'    4  ? 
primary 'Wu, T.B.'     5  ? 
primary 'Wang, C.'     6  ? 
primary 'Shen, H.'     7  ? 
primary 'Zhao, X.F.'   8  ? 
primary 'Wu, X.S.'     9  ? 
primary 'Smaill, J.B.' 10 ? 
primary 'Xu, Y.'       11 ? 
primary 'Zhang, Y.'    12 ? 
primary 'Xiang, Q.P.'  13 ? 
# 
loop_
_entity.id 
_entity.type 
_entity.src_method 
_entity.pdbx_description 
_entity.formula_weight 
_entity.pdbx_number_of_molecules 
_entity.pdbx_ec 
_entity.pdbx_mutation 
_entity.pdbx_fragment 
_entity.details 
1 polymer     man 'CREB-binding protein' 15891.296 1  2.3.1.48,2.3.1.- ? ? 
'CBP_HUMAN, Q92793, sequence from 1065-1080 are tags. MKKGHHHHHHLVPRGS' 
2 non-polymer syn 
;(5~{S})-1-(3-chloranyl-4-methoxy-phenyl)-5-[4-(3-methyl-1,2-benzoxazol-5-yl)-1-[(2~{R})-2-morpholin-4-ylpropyl]imidazol-2-yl]pyrrolidin-2-one
;
550.048   1  ?                ? ? ?                                                                       
3 non-polymer syn 1,2-ETHANEDIOL 62.068    1  ?                ? ? ? 
4 non-polymer syn GLYCEROL 92.094    1  ?                ? ? ? 
5 water       nat water 18.015    70 ?                ? ? ?                                                                       
# 
_entity_name_com.entity_id   1 
_entity_name_com.name        
'Histone lysine acetyltransferase CREBBP,Protein lactyltransferas CREBBP,Protein-lysine acetyltransferase CREBBP' 
# 
_entity_poly.entity_id                      1 
_entity_poly.type                           'polypeptide(L)' 
_entity_poly.nstd_linkage                   no 
_entity_poly.nstd_monomer                   no 
_entity_poly.pdbx_seq_one_letter_code       
;MKKGHHHHHHLVPRGSRKKIFKPEELRQALMPTLEALYRQDPESLPFRQPVDPQLLGIPDYFDIVKNPMDLSTIKRKLDT
GQYQEPWQYVDDVWLMFNNAWLYNRKTSRVYKFCSKLAEVFEQEIDPVMQSLG
;
_entity_poly.pdbx_seq_one_letter_code_can   
;MKKGHHHHHHLVPRGSRKKIFKPEELRQALMPTLEALYRQDPESLPFRQPVDPQLLGIPDYFDIVKNPMDLSTIKRKLDT
GQYQEPWQYVDDVWLMFNNAWLYNRKTSRVYKFCSKLAEVFEQEIDPVMQSLG
;
_entity_poly.pdbx_strand_id                 A 
_entity_poly.pdbx_target_identifier         ? 
# 
loop_
_pdbx_entity_nonpoly.entity_id 
_pdbx_entity_nonpoly.name 
_pdbx_entity_nonpoly.comp_id 
2 
;(5~{S})-1-(3-chloranyl-4-methoxy-phenyl)-5-[4-(3-methyl-1,2-benzoxazol-5-yl)-1-[(2~{R})-2-morpholin-4-ylpropyl]imidazol-2-yl]pyrrolidin-2-one
;
A1EDN 
3 1,2-ETHANEDIOL EDO   
4 GLYCEROL GOL   
5 water HOH   
# 
loop_
_entity_poly_seq.entity_id 
_entity_poly_seq.num 
_entity_poly_seq.mon_id 
_entity_poly_seq.hetero 
1 1   MET n 
1 2   LYS n 
1 3   LYS n 
1 4   GLY n 
1 5   HIS n 
1 6   HIS n 
1 7   HIS n 
1 8   HIS n 
1 9   HIS n 
1 10  HIS n 
1 11  LEU n 
1 12  VAL n 
1 13  PRO n 
1 14  ARG n 
1 15  GLY n 
1 16  SER n 
1 17  ARG n 
1 18  LYS n 
1 19  LYS n 
1 20  ILE n 
1 21  PHE n 
1 22  LYS n 
1 23  PRO n 
1 24  GLU n 
1 25  GLU n 
1 26  LEU n 
1 27  ARG n 
1 28  GLN n 
1 29  ALA n 
1 30  LEU n 
1 31  MET n 
1 32  PRO n 
1 33  THR n 
1 34  LEU n 
1 35  GLU n 
1 36  ALA n 
1 37  LEU n 
1 38  TYR n 
1 39  ARG n 
1 40  GLN n 
1 41  ASP n 
1 42  PRO n 
1 43  GLU n 
1 44  SER n 
1 45  LEU n 
1 46  PRO n 
1 47  PHE n 
1 48  ARG n 
1 49  GLN n 
1 50  PRO n 
1 51  VAL n 
1 52  ASP n 
1 53  PRO n 
1 54  GLN n 
1 55  LEU n 
1 56  LEU n 
1 57  GLY n 
1 58  ILE n 
1 59  PRO n 
1 60  ASP n 
1 61  TYR n 
1 62  PHE n 
1 63  ASP n 
1 64  ILE n 
1 65  VAL n 
1 66  LYS n 
1 67  ASN n 
1 68  PRO n 
1 69  MET n 
1 70  ASP n 
1 71  LEU n 
1 72  SER n 
1 73  THR n 
1 74  ILE n 
1 75  LYS n 
1 76  ARG n 
1 77  LYS n 
1 78  LEU n 
1 79  ASP n 
1 80  THR n 
1 81  GLY n 
1 82  GLN n 
1 83  TYR n 
1 84  GLN n 
1 85  GLU n 
1 86  PRO n 
1 87  TRP n 
1 88  GLN n 
1 89  TYR n 
1 90  VAL n 
1 91  ASP n 
1 92  ASP n 
1 93  VAL n 
1 94  TRP n 
1 95  LEU n 
1 96  MET n 
1 97  PHE n 
1 98  ASN n 
1 99  ASN n 
1 100 ALA n 
1 101 TRP n 
1 102 LEU n 
1 103 TYR n 
1 104 ASN n 
1 105 ARG n 
1 106 LYS n 
1 107 THR n 
1 108 SER n 
1 109 ARG n 
1 110 VAL n 
1 111 TYR n 
1 112 LYS n 
1 113 PHE n 
1 114 CYS n 
1 115 SER n 
1 116 LYS n 
1 117 LEU n 
1 118 ALA n 
1 119 GLU n 
1 120 VAL n 
1 121 PHE n 
1 122 GLU n 
1 123 GLN n 
1 124 GLU n 
1 125 ILE n 
1 126 ASP n 
1 127 PRO n 
1 128 VAL n 
1 129 MET n 
1 130 GLN n 
1 131 SER n 
1 132 LEU n 
1 133 GLY n 
# 
_entity_src_gen.entity_id                          1 
_entity_src_gen.pdbx_src_id                        1 
_entity_src_gen.pdbx_alt_source_flag               sample 
_entity_src_gen.pdbx_seq_type                      'Biological sequence' 
_entity_src_gen.pdbx_beg_seq_num                   1 
_entity_src_gen.pdbx_end_seq_num                   133 
_entity_src_gen.gene_src_common_name               human 
_entity_src_gen.gene_src_genus                     ? 
_entity_src_gen.pdbx_gene_src_gene                 'CREBBP, CBP' 
_entity_src_gen.gene_src_species                   ? 
_entity_src_gen.gene_src_strain                    ? 
_entity_src_gen.gene_src_tissue                    ? 
_entity_src_gen.gene_src_tissue_fraction           ? 
_entity_src_gen.gene_src_details                   ? 
_entity_src_gen.pdbx_gene_src_fragment             ? 
_entity_src_gen.pdbx_gene_src_scientific_name      'Homo sapiens' 
_entity_src_gen.pdbx_gene_src_ncbi_taxonomy_id     9606 
_entity_src_gen.pdbx_gene_src_variant              ? 
_entity_src_gen.pdbx_gene_src_cell_line            ? 
_entity_src_gen.pdbx_gene_src_atcc                 ? 
_entity_src_gen.pdbx_gene_src_organ                ? 
_entity_src_gen.pdbx_gene_src_organelle            ? 
_entity_src_gen.pdbx_gene_src_cell                 ? 
_entity_src_gen.pdbx_gene_src_cellular_location    ? 
_entity_src_gen.host_org_common_name               ? 
_entity_src_gen.pdbx_host_org_scientific_name      'Escherichia coli' 
_entity_src_gen.pdbx_host_org_ncbi_taxonomy_id     562 
_entity_src_gen.host_org_genus                     ? 
_entity_src_gen.pdbx_host_org_gene                 ? 
_entity_src_gen.pdbx_host_org_organ                ? 
_entity_src_gen.host_org_species                   ? 
_entity_src_gen.pdbx_host_org_tissue               ? 
_entity_src_gen.pdbx_host_org_tissue_fraction      ? 
_entity_src_gen.pdbx_host_org_strain               ? 
_entity_src_gen.pdbx_host_org_variant              ? 
_entity_src_gen.pdbx_host_org_cell_line            ? 
_entity_src_gen.pdbx_host_org_atcc                 ? 
_entity_src_gen.pdbx_host_org_culture_collection   ? 
_entity_src_gen.pdbx_host_org_cell                 ? 
_entity_src_gen.pdbx_host_org_organelle            ? 
_entity_src_gen.pdbx_host_org_cellular_location    ? 
_entity_src_gen.pdbx_host_org_vector_type          ? 
_entity_src_gen.pdbx_host_org_vector               ? 
_entity_src_gen.host_org_details                   ? 
_entity_src_gen.expression_system_id               ? 
_entity_src_gen.plasmid_name                       ? 
_entity_src_gen.plasmid_details                    ? 
_entity_src_gen.pdbx_description                   ? 
# 
loop_
_chem_comp.id 
_chem_comp.type 
_chem_comp.mon_nstd_flag 
_chem_comp.name 
_chem_comp.pdbx_synonyms 
_chem_comp.formula 
_chem_comp.formula_weight 
A1EDN non-polymer         . 
;(5~{S})-1-(3-chloranyl-4-methoxy-phenyl)-5-[4-(3-methyl-1,2-benzoxazol-5-yl)-1-[(2~{R})-2-morpholin-4-ylpropyl]imidazol-2-yl]pyrrolidin-2-one
;
?                               'C29 H32 Cl N5 O4' 550.048 
ALA   'L-peptide linking' y ALANINE ?                               'C3 H7 N O2'       89.093  
ARG   'L-peptide linking' y ARGININE ?                               'C6 H15 N4 O2 1'   175.209 
ASN   'L-peptide linking' y ASPARAGINE ?                               'C4 H8 N2 O3'      132.118 
ASP   'L-peptide linking' y 'ASPARTIC ACID' ?                               'C4 H7 N O4'       133.103 
CYS   'L-peptide linking' y CYSTEINE ?                               'C3 H7 N O2 S'     121.158 
EDO   non-polymer         . 1,2-ETHANEDIOL 'ETHYLENE GLYCOL'               'C2 H6 O2'         62.068  
GLN   'L-peptide linking' y GLUTAMINE ?                               'C5 H10 N2 O3'     146.144 
GLU   'L-peptide linking' y 'GLUTAMIC ACID' ?                               'C5 H9 N O4'       147.129 
GLY   'peptide linking'   y GLYCINE ?                               'C2 H5 N O2'       75.067  
GOL   non-polymer         . GLYCEROL 'GLYCERIN; PROPANE-1,2,3-TRIOL' 'C3 H8 O3'         92.094  
HIS   'L-peptide linking' y HISTIDINE ?                               'C6 H10 N3 O2 1'   156.162 
HOH   non-polymer         . WATER ?                               'H2 O'             18.015  
ILE   'L-peptide linking' y ISOLEUCINE ?                               'C6 H13 N O2'      131.173 
LEU   'L-peptide linking' y LEUCINE ?                               'C6 H13 N O2'      131.173 
LYS   'L-peptide linking' y LYSINE ?                               'C6 H15 N2 O2 1'   147.195 
MET   'L-peptide linking' y METHIONINE ?                               'C5 H11 N O2 S'    149.211 
PHE   'L-peptide linking' y PHENYLALANINE ?                               'C9 H11 N O2'      165.189 
PRO   'L-peptide linking' y PROLINE ?                               'C5 H9 N O2'       115.130 
SER   'L-peptide linking' y SERINE ?                               'C3 H7 N O3'       105.093 
THR   'L-peptide linking' y THREONINE ?                               'C4 H9 N O3'       119.119 
TRP   'L-peptide linking' y TRYPTOPHAN ?                               'C11 H12 N2 O2'    204.225 
TYR   'L-peptide linking' y TYROSINE ?                               'C9 H11 N O3'      181.189 
VAL   'L-peptide linking' y VALINE ?                               'C5 H11 N O2'      117.146 
# 
loop_
_pdbx_poly_seq_scheme.asym_id 
_pdbx_poly_seq_scheme.entity_id 
_pdbx_poly_seq_scheme.seq_id 
_pdbx_poly_seq_scheme.mon_id 
_pdbx_poly_seq_scheme.ndb_seq_num 
_pdbx_poly_seq_scheme.pdb_seq_num 
_pdbx_poly_seq_scheme.auth_seq_num 
_pdbx_poly_seq_scheme.pdb_mon_id 
_pdbx_poly_seq_scheme.auth_mon_id 
_pdbx_poly_seq_scheme.pdb_strand_id 
_pdbx_poly_seq_scheme.pdb_ins_code 
_pdbx_poly_seq_scheme.hetero 
A 1 1   MET 1   1065 ?    ?   ?   A . n 
A 1 2   LYS 2   1066 ?    ?   ?   A . n 
A 1 3   LYS 3   1067 ?    ?   ?   A . n 
A 1 4   GLY 4   1068 ?    ?   ?   A . n 
A 1 5   HIS 5   1069 ?    ?   ?   A . n 
A 1 6   HIS 6   1070 ?    ?   ?   A . n 
A 1 7   HIS 7   1071 ?    ?   ?   A . n 
A 1 8   HIS 8   1072 ?    ?   ?   A . n 
A 1 9   HIS 9   1073 ?    ?   ?   A . n 
A 1 10  HIS 10  1074 ?    ?   ?   A . n 
A 1 11  LEU 11  1075 ?    ?   ?   A . n 
A 1 12  VAL 12  1076 ?    ?   ?   A . n 
A 1 13  PRO 13  1077 ?    ?   ?   A . n 
A 1 14  ARG 14  1078 ?    ?   ?   A . n 
A 1 15  GLY 15  1079 ?    ?   ?   A . n 
A 1 16  SER 16  1080 ?    ?   ?   A . n 
A 1 17  ARG 17  1081 1081 ARG ARG A . n 
A 1 18  LYS 18  1082 1082 LYS LYS A . n 
A 1 19  LYS 19  1083 1083 LYS LYS A . n 
A 1 20  ILE 20  1084 1084 ILE ILE A . n 
A 1 21  PHE 21  1085 1085 PHE PHE A . n 
A 1 22  LYS 22  1086 1086 LYS LYS A . n 
A 1 23  PRO 23  1087 1087 PRO PRO A . n 
A 1 24  GLU 24  1088 1088 GLU GLU A . n 
A 1 25  GLU 25  1089 1089 GLU GLU A . n 
A 1 26  LEU 26  1090 1090 LEU LEU A . n 
A 1 27  ARG 27  1091 1091 ARG ARG A . n 
A 1 28  GLN 28  1092 1092 GLN GLN A . n 
A 1 29  ALA 29  1093 1093 ALA ALA A . n 
A 1 30  LEU 30  1094 1094 LEU LEU A . n 
A 1 31  MET 31  1095 1095 MET MET A . n 
A 1 32  PRO 32  1096 1096 PRO PRO A . n 
A 1 33  THR 33  1097 1097 THR THR A . n 
A 1 34  LEU 34  1098 1098 LEU LEU A . n 
A 1 35  GLU 35  1099 1099 GLU GLU A . n 
A 1 36  ALA 36  1100 1100 ALA ALA A . n 
A 1 37  LEU 37  1101 1101 LEU LEU A . n 
A 1 38  TYR 38  1102 1102 TYR TYR A . n 
A 1 39  ARG 39  1103 1103 ARG ARG A . n 
A 1 40  GLN 40  1104 1104 GLN GLN A . n 
A 1 41  ASP 41  1105 1105 ASP ASP A . n 
A 1 42  PRO 42  1106 1106 PRO PRO A . n 
A 1 43  GLU 43  1107 1107 GLU GLU A . n 
A 1 44  SER 44  1108 1108 SER SER A . n 
A 1 45  LEU 45  1109 1109 LEU LEU A . n 
A 1 46  PRO 46  1110 1110 PRO PRO A . n 
A 1 47  PHE 47  1111 1111 PHE PHE A . n 
A 1 48  ARG 48  1112 1112 ARG ARG A . n 
A 1 49  GLN 49  1113 1113 GLN GLN A . n 
A 1 50  PRO 50  1114 1114 PRO PRO A . n 
A 1 51  VAL 51  1115 1115 VAL VAL A . n 
A 1 52  ASP 52  1116 1116 ASP ASP A . n 
A 1 53  PRO 53  1117 1117 PRO PRO A . n 
A 1 54  GLN 54  1118 1118 GLN GLN A . n 
A 1 55  LEU 55  1119 1119 LEU LEU A . n 
A 1 56  LEU 56  1120 1120 LEU LEU A . n 
A 1 57  GLY 57  1121 1121 GLY GLY A . n 
A 1 58  ILE 58  1122 1122 ILE ILE A . n 
A 1 59  PRO 59  1123 1123 PRO PRO A . n 
A 1 60  ASP 60  1124 1124 ASP ASP A . n 
A 1 61  TYR 61  1125 1125 TYR TYR A . n 
A 1 62  PHE 62  1126 1126 PHE PHE A . n 
A 1 63  ASP 63  1127 1127 ASP ASP A . n 
A 1 64  ILE 64  1128 1128 ILE ILE A . n 
A 1 65  VAL 65  1129 1129 VAL VAL A . n 
A 1 66  LYS 66  1130 1130 LYS LYS A . n 
A 1 67  ASN 67  1131 1131 ASN ASN A . n 
A 1 68  PRO 68  1132 1132 PRO PRO A . n 
A 1 69  MET 69  1133 1133 MET MET A . n 
A 1 70  ASP 70  1134 1134 ASP ASP A . n 
A 1 71  LEU 71  1135 1135 LEU LEU A . n 
A 1 72  SER 72  1136 1136 SER SER A . n 
A 1 73  THR 73  1137 1137 THR THR A . n 
A 1 74  ILE 74  1138 1138 ILE ILE A . n 
A 1 75  LYS 75  1139 1139 LYS LYS A . n 
A 1 76  ARG 76  1140 1140 ARG ARG A . n 
A 1 77  LYS 77  1141 1141 LYS LYS A . n 
A 1 78  LEU 78  1142 1142 LEU LEU A . n 
A 1 79  ASP 79  1143 1143 ASP ASP A . n 
A 1 80  THR 80  1144 1144 THR THR A . n 
A 1 81  GLY 81  1145 1145 GLY GLY A . n 
A 1 82  GLN 82  1146 1146 GLN GLN A . n 
A 1 83  TYR 83  1147 1147 TYR TYR A . n 
A 1 84  GLN 84  1148 1148 GLN GLN A . n 
A 1 85  GLU 85  1149 1149 GLU GLU A . n 
A 1 86  PRO 86  1150 1150 PRO PRO A . n 
A 1 87  TRP 87  1151 1151 TRP TRP A . n 
A 1 88  GLN 88  1152 1152 GLN GLN A . n 
A 1 89  TYR 89  1153 1153 TYR TYR A . n 
A 1 90  VAL 90  1154 1154 VAL VAL A . n 
A 1 91  ASP 91  1155 1155 ASP ASP A . n 
A 1 92  ASP 92  1156 1156 ASP ASP A . n 
A 1 93  VAL 93  1157 1157 VAL VAL A . n 
A 1 94  TRP 94  1158 1158 TRP TRP A . n 
A 1 95  LEU 95  1159 1159 LEU LEU A . n 
A 1 96  MET 96  1160 1160 MET MET A . n 
A 1 97  PHE 97  1161 1161 PHE PHE A . n 
A 1 98  ASN 98  1162 1162 ASN ASN A . n 
A 1 99  ASN 99  1163 1163 ASN ASN A . n 
A 1 100 ALA 100 1164 1164 ALA ALA A . n 
A 1 101 TRP 101 1165 1165 TRP TRP A . n 
A 1 102 LEU 102 1166 1166 LEU LEU A . n 
A 1 103 TYR 103 1167 1167 TYR TYR A . n 
A 1 104 ASN 104 1168 1168 ASN ASN A . n 
A 1 105 ARG 105 1169 1169 ARG ARG A . n 
A 1 106 LYS 106 1170 1170 LYS LYS A . n 
A 1 107 THR 107 1171 1171 THR THR A . n 
A 1 108 SER 108 1172 1172 SER SER A . n 
A 1 109 ARG 109 1173 1173 ARG ARG A . n 
A 1 110 VAL 110 1174 1174 VAL VAL A . n 
A 1 111 TYR 111 1175 1175 TYR TYR A . n 
A 1 112 LYS 112 1176 1176 LYS LYS A . n 
A 1 113 PHE 113 1177 1177 PHE PHE A . n 
A 1 114 CYS 114 1178 1178 CYS CYS A . n 
A 1 115 SER 115 1179 1179 SER SER A . n 
A 1 116 LYS 116 1180 1180 LYS LYS A . n 
A 1 117 LEU 117 1181 1181 LEU LEU A . n 
A 1 118 ALA 118 1182 1182 ALA ALA A . n 
A 1 119 GLU 119 1183 1183 GLU GLU A . n 
A 1 120 VAL 120 1184 1184 VAL VAL A . n 
A 1 121 PHE 121 1185 1185 PHE PHE A . n 
A 1 122 GLU 122 1186 1186 GLU GLU A . n 
A 1 123 GLN 123 1187 1187 GLN GLN A . n 
A 1 124 GLU 124 1188 1188 GLU GLU A . n 
A 1 125 ILE 125 1189 1189 ILE ILE A . n 
A 1 126 ASP 126 1190 1190 ASP ASP A . n 
A 1 127 PRO 127 1191 1191 PRO PRO A . n 
A 1 128 VAL 128 1192 1192 VAL VAL A . n 
A 1 129 MET 129 1193 1193 MET MET A . n 
A 1 130 GLN 130 1194 ?    ?   ?   A . n 
A 1 131 SER 131 1195 ?    ?   ?   A . n 
A 1 132 LEU 132 1196 ?    ?   ?   A . n 
A 1 133 GLY 133 1197 ?    ?   ?   A . n 
# 
_pdbx_entity_instance_feature.ordinal        1 
_pdbx_entity_instance_feature.comp_id        A1EDN 
_pdbx_entity_instance_feature.asym_id        ? 
_pdbx_entity_instance_feature.seq_num        ? 
_pdbx_entity_instance_feature.auth_comp_id   A1EDN 
_pdbx_entity_instance_feature.auth_asym_id   ? 
_pdbx_entity_instance_feature.auth_seq_num   ? 
_pdbx_entity_instance_feature.feature_type   'SUBJECT OF INVESTIGATION' 
_pdbx_entity_instance_feature.details        ? 
# 
loop_
_pdbx_nonpoly_scheme.asym_id 
_pdbx_nonpoly_scheme.entity_id 
_pdbx_nonpoly_scheme.mon_id 
_pdbx_nonpoly_scheme.ndb_seq_num 
_pdbx_nonpoly_scheme.pdb_seq_num 
_pdbx_nonpoly_scheme.auth_seq_num 
_pdbx_nonpoly_scheme.pdb_mon_id 
_pdbx_nonpoly_scheme.auth_mon_id 
_pdbx_nonpoly_scheme.pdb_strand_id 
_pdbx_nonpoly_scheme.pdb_ins_code 
B 2 A1EDN 1  1201 1201 A1EDN DRG A . 
C 3 EDO   1  1202 1203 EDO   EDO A . 
D 4 GOL   1  1203 1204 GOL   GOL A . 
E 5 HOH   1  1301 65   HOH   HOH A . 
E 5 HOH   2  1302 70   HOH   HOH A . 
E 5 HOH   3  1303 27   HOH   HOH A . 
E 5 HOH   4  1304 13   HOH   HOH A . 
E 5 HOH   5  1305 36   HOH   HOH A . 
E 5 HOH   6  1306 67   HOH   HOH A . 
E 5 HOH   7  1307 33   HOH   HOH A . 
E 5 HOH   8  1308 48   HOH   HOH A . 
E 5 HOH   9  1309 46   HOH   HOH A . 
E 5 HOH   10 1310 26   HOH   HOH A . 
E 5 HOH   11 1311 34   HOH   HOH A . 
E 5 HOH   12 1312 39   HOH   HOH A . 
E 5 HOH   13 1313 18   HOH   HOH A . 
E 5 HOH   14 1314 9    HOH   HOH A . 
E 5 HOH   15 1315 20   HOH   HOH A . 
E 5 HOH   16 1316 44   HOH   HOH A . 
E 5 HOH   17 1317 35   HOH   HOH A . 
E 5 HOH   18 1318 17   HOH   HOH A . 
E 5 HOH   19 1319 30   HOH   HOH A . 
E 5 HOH   20 1320 49   HOH   HOH A . 
E 5 HOH   21 1321 6    HOH   HOH A . 
E 5 HOH   22 1322 55   HOH   HOH A . 
E 5 HOH   23 1323 38   HOH   HOH A . 
E 5 HOH   24 1324 3    HOH   HOH A . 
E 5 HOH   25 1325 24   HOH   HOH A . 
E 5 HOH   26 1326 23   HOH   HOH A . 
E 5 HOH   27 1327 12   HOH   HOH A . 
E 5 HOH   28 1328 1    HOH   HOH A . 
E 5 HOH   29 1329 52   HOH   HOH A . 
E 5 HOH   30 1330 58   HOH   HOH A . 
E 5 HOH   31 1331 22   HOH   HOH A . 
E 5 HOH   32 1332 2    HOH   HOH A . 
E 5 HOH   33 1333 16   HOH   HOH A . 
E 5 HOH   34 1334 11   HOH   HOH A . 
E 5 HOH   35 1335 25   HOH   HOH A . 
E 5 HOH   36 1336 37   HOH   HOH A . 
E 5 HOH   37 1337 7    HOH   HOH A . 
E 5 HOH   38 1338 21   HOH   HOH A . 
E 5 HOH   39 1339 50   HOH   HOH A . 
E 5 HOH   40 1340 59   HOH   HOH A . 
E 5 HOH   41 1341 4    HOH   HOH A . 
E 5 HOH   42 1342 14   HOH   HOH A . 
E 5 HOH   43 1343 61   HOH   HOH A . 
E 5 HOH   44 1344 60   HOH   HOH A . 
E 5 HOH   45 1345 29   HOH   HOH A . 
E 5 HOH   46 1346 19   HOH   HOH A . 
E 5 HOH   47 1347 41   HOH   HOH A . 
E 5 HOH   48 1348 42   HOH   HOH A . 
E 5 HOH   49 1349 69   HOH   HOH A . 
E 5 HOH   50 1350 15   HOH   HOH A . 
E 5 HOH   51 1351 5    HOH   HOH A . 
E 5 HOH   52 1352 32   HOH   HOH A . 
E 5 HOH   53 1353 45   HOH   HOH A . 
E 5 HOH   54 1354 53   HOH   HOH A . 
E 5 HOH   55 1355 31   HOH   HOH A . 
E 5 HOH   56 1356 57   HOH   HOH A . 
E 5 HOH   57 1357 8    HOH   HOH A . 
E 5 HOH   58 1358 28   HOH   HOH A . 
E 5 HOH   59 1359 10   HOH   HOH A . 
E 5 HOH   60 1360 66   HOH   HOH A . 
E 5 HOH   61 1361 68   HOH   HOH A . 
E 5 HOH   62 1362 64   HOH   HOH A . 
E 5 HOH   63 1363 63   HOH   HOH A . 
E 5 HOH   64 1364 54   HOH   HOH A . 
E 5 HOH   65 1365 43   HOH   HOH A . 
E 5 HOH   66 1366 47   HOH   HOH A . 
E 5 HOH   67 1367 56   HOH   HOH A . 
E 5 HOH   68 1368 51   HOH   HOH A . 
E 5 HOH   69 1369 40   HOH   HOH A . 
E 5 HOH   70 1370 62   HOH   HOH A . 
# 
loop_
_pdbx_unobs_or_zero_occ_atoms.id 
_pdbx_unobs_or_zero_occ_atoms.PDB_model_num 
_pdbx_unobs_or_zero_occ_atoms.polymer_flag 
_pdbx_unobs_or_zero_occ_atoms.occupancy_flag 
_pdbx_unobs_or_zero_occ_atoms.auth_asym_id 
_pdbx_unobs_or_zero_occ_atoms.auth_comp_id 
_pdbx_unobs_or_zero_occ_atoms.auth_seq_id 
_pdbx_unobs_or_zero_occ_atoms.PDB_ins_code 
_pdbx_unobs_or_zero_occ_atoms.auth_atom_id 
_pdbx_unobs_or_zero_occ_atoms.label_alt_id 
_pdbx_unobs_or_zero_occ_atoms.label_asym_id 
_pdbx_unobs_or_zero_occ_atoms.label_comp_id 
_pdbx_unobs_or_zero_occ_atoms.label_seq_id 
_pdbx_unobs_or_zero_occ_atoms.label_atom_id 
1 1 Y 1 A ARG 1091 ? CZ  ? A ARG 27 CZ  
2 1 Y 1 A ARG 1091 ? NH1 ? A ARG 27 NH1 
3 1 Y 1 A ARG 1091 ? NH2 ? A ARG 27 NH2 
# 
loop_
_software.citation_id 
_software.classification 
_software.compiler_name 
_software.compiler_version 
_software.contact_author 
_software.contact_author_email 
_software.date 
_software.description 
_software.dependencies 
_software.hardware 
_software.language 
_software.location 
_software.mods 
_software.name 
_software.os 
_software.os_version 
_software.type 
_software.version 
_software.pdbx_ordinal 
? refinement       ? ? ? ? ? ? ? ? ? ? ? REFMAC  ? ? ? 5.8.0258 1 
? 'data scaling'   ? ? ? ? ? ? ? ? ? ? ? Aimless ? ? ? .        2 
? 'data reduction' ? ? ? ? ? ? ? ? ? ? ? iMOSFLM ? ? ? .        3 
? phasing          ? ? ? ? ? ? ? ? ? ? ? MOLREP  ? ? ? .        4 
# 
_cell.angle_alpha                  90.00 
_cell.angle_alpha_esd              ? 
_cell.angle_beta                   90.00 
_cell.angle_beta_esd               ? 
_cell.angle_gamma                  90.00 
_cell.angle_gamma_esd              ? 
_cell.entry_id                     9JUU 
_cell.details                      ? 
_cell.formula_units_Z              ? 
_cell.length_a                     48.530 
_cell.length_a_esd                 ? 
_cell.length_b                     55.870 
_cell.length_b_esd                 ? 
_cell.length_c                     113.400 
_cell.length_c_esd                 ? 
_cell.volume                       ? 
_cell.volume_esd                   ? 
_cell.Z_PDB                        8 
_cell.reciprocal_angle_alpha       ? 
_cell.reciprocal_angle_beta        ? 
_cell.reciprocal_angle_gamma       ? 
_cell.reciprocal_angle_alpha_esd   ? 
_cell.reciprocal_angle_beta_esd    ? 
_cell.reciprocal_angle_gamma_esd   ? 
_cell.reciprocal_length_a          ? 
_cell.reciprocal_length_b          ? 
_cell.reciprocal_length_c          ? 
_cell.reciprocal_length_a_esd      ? 
_cell.reciprocal_length_b_esd      ? 
_cell.reciprocal_length_c_esd      ? 
_cell.pdbx_unique_axis             ? 
_cell.pdbx_esd_method              ? 
# 
_symmetry.entry_id                         9JUU 
_symmetry.cell_setting                     ? 
_symmetry.Int_Tables_number                23 
_symmetry.space_group_name_Hall            ? 
_symmetry.space_group_name_H-M             'I 2 2 2' 
_symmetry.pdbx_full_space_group_name_H-M   ? 
# 
_exptl.absorpt_coefficient_mu     ? 
_exptl.absorpt_correction_T_max   ? 
_exptl.absorpt_correction_T_min   ? 
_exptl.absorpt_correction_type    ? 
_exptl.absorpt_process_details    ? 
_exptl.entry_id                   9JUU 
_exptl.crystals_number            1 
_exptl.details                    ? 
_exptl.method                     'X-RAY DIFFRACTION' 
_exptl.method_details             ? 
# 
_exptl_crystal.colour                       ? 
_exptl_crystal.density_diffrn               ? 
_exptl_crystal.density_Matthews             2.42 
_exptl_crystal.density_method               ? 
_exptl_crystal.density_percent_sol          49.14 
_exptl_crystal.description                  ? 
_exptl_crystal.F_000                        ? 
_exptl_crystal.id                           1 
_exptl_crystal.preparation                  ? 
_exptl_crystal.size_max                     ? 
_exptl_crystal.size_mid                     ? 
_exptl_crystal.size_min                     ? 
_exptl_crystal.size_rad                     ? 
_exptl_crystal.colour_lustre                ? 
_exptl_crystal.colour_modifier              ? 
_exptl_crystal.colour_primary               ? 
_exptl_crystal.density_meas                 ? 
_exptl_crystal.density_meas_esd             ? 
_exptl_crystal.density_meas_gt              ? 
_exptl_crystal.density_meas_lt              ? 
_exptl_crystal.density_meas_temp            ? 
_exptl_crystal.density_meas_temp_esd        ? 
_exptl_crystal.density_meas_temp_gt         ? 
_exptl_crystal.density_meas_temp_lt         ? 
_exptl_crystal.pdbx_crystal_image_url       ? 
_exptl_crystal.pdbx_crystal_image_format    ? 
_exptl_crystal.pdbx_mosaicity               ? 
_exptl_crystal.pdbx_mosaicity_esd           ? 
_exptl_crystal.pdbx_mosaic_method           ? 
_exptl_crystal.pdbx_mosaic_block_size       ? 
_exptl_crystal.pdbx_mosaic_block_size_esd   ? 
# 
_exptl_crystal_grow.apparatus       ? 
_exptl_crystal_grow.atmosphere      ? 
_exptl_crystal_grow.crystal_id      1 
_exptl_crystal_grow.details         ? 
_exptl_crystal_grow.method          'VAPOR DIFFUSION, SITTING DROP' 
_exptl_crystal_grow.method_ref      ? 
_exptl_crystal_grow.pH              6.5 
_exptl_crystal_grow.pressure        ? 
_exptl_crystal_grow.pressure_esd    ? 
_exptl_crystal_grow.seeding         ? 
_exptl_crystal_grow.seeding_ref     ? 
_exptl_crystal_grow.temp_details    ? 
_exptl_crystal_grow.temp_esd        ? 
_exptl_crystal_grow.time            ? 
_exptl_crystal_grow.pdbx_details    
'0.2 M Sodium citrate tribasic dihydrate, 0.1 M Sodium cacodylate trihydrate pH 6.5, 30% v/v 2-Propanol' 
_exptl_crystal_grow.pdbx_pH_range   ? 
_exptl_crystal_grow.temp            277 
# 
_diffrn.ambient_environment              ? 
_diffrn.ambient_temp                     80 
_diffrn.ambient_temp_details             ? 
_diffrn.ambient_temp_esd                 ? 
_diffrn.crystal_id                       1 
_diffrn.crystal_support                  ? 
_diffrn.crystal_treatment                ? 
_diffrn.details                          ? 
_diffrn.id                               1 
_diffrn.ambient_pressure                 ? 
_diffrn.ambient_pressure_esd             ? 
_diffrn.ambient_pressure_gt              ? 
_diffrn.ambient_pressure_lt              ? 
_diffrn.ambient_temp_gt                  ? 
_diffrn.ambient_temp_lt                  ? 
_diffrn.pdbx_serial_crystal_experiment   N 
# 
_diffrn_detector.details                      ? 
_diffrn_detector.detector                     PIXEL 
_diffrn_detector.diffrn_id                    1 
_diffrn_detector.type                         'DECTRIS PILATUS3 6M' 
_diffrn_detector.area_resol_mean              ? 
_diffrn_detector.dtime                        ? 
_diffrn_detector.pdbx_frames_total            ? 
_diffrn_detector.pdbx_collection_time_total   ? 
_diffrn_detector.pdbx_collection_date         2020-04-23 
_diffrn_detector.pdbx_frequency               ? 
_diffrn_detector.id                           ? 
_diffrn_detector.number_of_axes               ? 
# 
_diffrn_radiation.collimation                      ? 
_diffrn_radiation.diffrn_id                        1 
_diffrn_radiation.filter_edge                      ? 
_diffrn_radiation.inhomogeneity                    ? 
_diffrn_radiation.monochromator                    ? 
_diffrn_radiation.polarisn_norm                    ? 
_diffrn_radiation.polarisn_ratio                   ? 
_diffrn_radiation.probe                            ? 
_diffrn_radiation.type                             ? 
_diffrn_radiation.xray_symbol                      ? 
_diffrn_radiation.wavelength_id                    1 
_diffrn_radiation.pdbx_monochromatic_or_laue_m_l   M 
_diffrn_radiation.pdbx_wavelength_list             ? 
_diffrn_radiation.pdbx_wavelength                  ? 
_diffrn_radiation.pdbx_diffrn_protocol             'SINGLE WAVELENGTH' 
_diffrn_radiation.pdbx_analyzer                    ? 
_diffrn_radiation.pdbx_scattering_type             x-ray 
# 
_diffrn_radiation_wavelength.id           1 
_diffrn_radiation_wavelength.wavelength   0.97852 
_diffrn_radiation_wavelength.wt           1.0 
# 
_diffrn_source.current                     ? 
_diffrn_source.details                     ? 
_diffrn_source.diffrn_id                   1 
_diffrn_source.power                       ? 
_diffrn_source.size                        ? 
_diffrn_source.source                      SYNCHROTRON 
_diffrn_source.target                      ? 
_diffrn_source.type                        'SSRF BEAMLINE BL19U1' 
_diffrn_source.voltage                     ? 
_diffrn_source.take-off_angle              ? 
_diffrn_source.pdbx_wavelength_list        0.97852 
_diffrn_source.pdbx_wavelength             ? 
_diffrn_source.pdbx_synchrotron_beamline   BL19U1 
_diffrn_source.pdbx_synchrotron_site       SSRF 
# 
_reflns.B_iso_Wilson_estimate                          ? 
_reflns.entry_id                                       9JUU 
_reflns.data_reduction_details                         ? 
_reflns.data_reduction_method                          ? 
_reflns.d_resolution_high                              1.48 
_reflns.d_resolution_low                               56.70 
_reflns.details                                        ? 
_reflns.limit_h_max                                    ? 
_reflns.limit_h_min                                    ? 
_reflns.limit_k_max                                    ? 
_reflns.limit_k_min                                    ? 
_reflns.limit_l_max                                    ? 
_reflns.limit_l_min                                    ? 
_reflns.number_all                                     ? 
_reflns.number_obs                                     26100 
_reflns.observed_criterion                             ? 
_reflns.observed_criterion_F_max                       ? 
_reflns.observed_criterion_F_min                       ? 
_reflns.observed_criterion_I_max                       ? 
_reflns.observed_criterion_I_min                       ? 
_reflns.observed_criterion_sigma_F                     ? 
_reflns.observed_criterion_sigma_I                     ? 
_reflns.percent_possible_obs                           99.9 
_reflns.R_free_details                                 ? 
_reflns.Rmerge_F_all                                   ? 
_reflns.Rmerge_F_obs                                   ? 
_reflns.Friedel_coverage                               ? 
_reflns.number_gt                                      ? 
_reflns.threshold_expression                           ? 
_reflns.pdbx_redundancy                                11.7 
_reflns.pdbx_netI_over_av_sigmaI                       ? 
_reflns.pdbx_netI_over_sigmaI                          9.8 
_reflns.pdbx_res_netI_over_av_sigmaI_2                 ? 
_reflns.pdbx_res_netI_over_sigmaI_2                    ? 
_reflns.pdbx_chi_squared                               0.96 
_reflns.pdbx_scaling_rejects                           ? 
_reflns.pdbx_d_res_high_opt                            ? 
_reflns.pdbx_d_res_low_opt                             ? 
_reflns.pdbx_d_res_opt_method                          ? 
_reflns.phase_calculation_details                      ? 
_reflns.pdbx_Rrim_I_all                                0.135 
_reflns.pdbx_Rpim_I_all                                0.039 
_reflns.pdbx_d_opt                                     ? 
_reflns.pdbx_number_measured_all                       305244 
_reflns.pdbx_diffrn_id                                 1 
_reflns.pdbx_ordinal                                   1 
_reflns.pdbx_CC_half                                   0.995 
_reflns.pdbx_CC_star                                   ? 
_reflns.pdbx_R_split                                   ? 
_reflns.pdbx_Rmerge_I_obs                              0.129 
_reflns.pdbx_Rmerge_I_all                              ? 
_reflns.pdbx_Rsym_value                                ? 
_reflns.pdbx_CC_split_method                           ? 
_reflns.pdbx_aniso_diffraction_limit_axis_1_ortho[1]   ? 
_reflns.pdbx_aniso_diffraction_limit_axis_1_ortho[2]   ? 
_reflns.pdbx_aniso_diffraction_limit_axis_1_ortho[3]   ? 
_reflns.pdbx_aniso_diffraction_limit_axis_2_ortho[1]   ? 
_reflns.pdbx_aniso_diffraction_limit_axis_2_ortho[2]   ? 
_reflns.pdbx_aniso_diffraction_limit_axis_2_ortho[3]   ? 
_reflns.pdbx_aniso_diffraction_limit_axis_3_ortho[1]   ? 
_reflns.pdbx_aniso_diffraction_limit_axis_3_ortho[2]   ? 
_reflns.pdbx_aniso_diffraction_limit_axis_3_ortho[3]   ? 
_reflns.pdbx_aniso_diffraction_limit_1                 ? 
_reflns.pdbx_aniso_diffraction_limit_2                 ? 
_reflns.pdbx_aniso_diffraction_limit_3                 ? 
_reflns.pdbx_aniso_B_tensor_eigenvector_1_ortho[1]     ? 
_reflns.pdbx_aniso_B_tensor_eigenvector_1_ortho[2]     ? 
_reflns.pdbx_aniso_B_tensor_eigenvector_1_ortho[3]     ? 
_reflns.pdbx_aniso_B_tensor_eigenvector_2_ortho[1]     ? 
_reflns.pdbx_aniso_B_tensor_eigenvector_2_ortho[2]     ? 
_reflns.pdbx_aniso_B_tensor_eigenvector_2_ortho[3]     ? 
_reflns.pdbx_aniso_B_tensor_eigenvector_3_ortho[1]     ? 
_reflns.pdbx_aniso_B_tensor_eigenvector_3_ortho[2]     ? 
_reflns.pdbx_aniso_B_tensor_eigenvector_3_ortho[3]     ? 
_reflns.pdbx_aniso_B_tensor_eigenvalue_1               ? 
_reflns.pdbx_aniso_B_tensor_eigenvalue_2               ? 
_reflns.pdbx_aniso_B_tensor_eigenvalue_3               ? 
_reflns.pdbx_orthogonalization_convention              ? 
_reflns.pdbx_percent_possible_ellipsoidal              ? 
_reflns.pdbx_percent_possible_spherical                ? 
_reflns.pdbx_percent_possible_ellipsoidal_anomalous    ? 
_reflns.pdbx_percent_possible_spherical_anomalous      ? 
_reflns.pdbx_redundancy_anomalous                      ? 
_reflns.pdbx_CC_half_anomalous                         ? 
_reflns.pdbx_absDiff_over_sigma_anomalous              ? 
_reflns.pdbx_percent_possible_anomalous                ? 
_reflns.pdbx_observed_signal_threshold                 ? 
_reflns.pdbx_signal_type                               ? 
_reflns.pdbx_signal_details                            ? 
_reflns.pdbx_signal_software_id                        ? 
# 
_reflns_shell.d_res_high                                    1.48 
_reflns_shell.d_res_low                                     1.51 
_reflns_shell.meanI_over_sigI_all                           ? 
_reflns_shell.meanI_over_sigI_obs                           ? 
_reflns_shell.number_measured_all                           15336 
_reflns_shell.number_measured_obs                           ? 
_reflns_shell.number_possible                               ? 
_reflns_shell.number_unique_all                             ? 
_reflns_shell.number_unique_obs                             1307 
_reflns_shell.percent_possible_obs                          100.0 
_reflns_shell.Rmerge_F_all                                  ? 
_reflns_shell.Rmerge_F_obs                                  ? 
_reflns_shell.meanI_over_sigI_gt                            ? 
_reflns_shell.meanI_over_uI_all                             ? 
_reflns_shell.meanI_over_uI_gt                              ? 
_reflns_shell.number_measured_gt                            ? 
_reflns_shell.number_unique_gt                              ? 
_reflns_shell.percent_possible_gt                           ? 
_reflns_shell.Rmerge_F_gt                                   ? 
_reflns_shell.Rmerge_I_gt                                   ? 
_reflns_shell.pdbx_redundancy                               11.7 
_reflns_shell.pdbx_chi_squared                              0.89 
_reflns_shell.pdbx_netI_over_sigmaI_all                     ? 
_reflns_shell.pdbx_netI_over_sigmaI_obs                     2.0 
_reflns_shell.pdbx_Rrim_I_all                               1.135 
_reflns_shell.pdbx_Rpim_I_all                               0.327 
_reflns_shell.pdbx_rejects                                  ? 
_reflns_shell.pdbx_ordinal                                  1 
_reflns_shell.pdbx_diffrn_id                                1 
_reflns_shell.pdbx_CC_half                                  0.872 
_reflns_shell.pdbx_CC_star                                  ? 
_reflns_shell.pdbx_R_split                                  ? 
_reflns_shell.percent_possible_all                          ? 
_reflns_shell.Rmerge_I_all                                  ? 
_reflns_shell.Rmerge_I_obs                                  1.086 
_reflns_shell.pdbx_Rsym_value                               ? 
_reflns_shell.pdbx_percent_possible_ellipsoidal             ? 
_reflns_shell.pdbx_percent_possible_spherical               ? 
_reflns_shell.pdbx_percent_possible_ellipsoidal_anomalous   ? 
_reflns_shell.pdbx_percent_possible_spherical_anomalous     ? 
_reflns_shell.pdbx_redundancy_anomalous                     ? 
_reflns_shell.pdbx_CC_half_anomalous                        ? 
_reflns_shell.pdbx_absDiff_over_sigma_anomalous             ? 
_reflns_shell.pdbx_percent_possible_anomalous               ? 
# 
_refine.aniso_B[1][1]                            -2.17 
_refine.aniso_B[1][2]                            -0.00 
_refine.aniso_B[1][3]                            -0.00 
_refine.aniso_B[2][2]                            3.02 
_refine.aniso_B[2][3]                            -0.00 
_refine.aniso_B[3][3]                            -0.85 
_refine.B_iso_max                                ? 
_refine.B_iso_mean                               27.914 
_refine.B_iso_min                                ? 
_refine.correlation_coeff_Fo_to_Fc               0.967 
_refine.correlation_coeff_Fo_to_Fc_free          0.956 
_refine.details                                  'HYDROGENS HAVE BEEN ADDED IN THE RIDING POSITIONS' 
_refine.diff_density_max                         ? 
_refine.diff_density_max_esd                     ? 
_refine.diff_density_min                         ? 
_refine.diff_density_min_esd                     ? 
_refine.diff_density_rms                         ? 
_refine.diff_density_rms_esd                     ? 
_refine.entry_id                                 9JUU 
_refine.pdbx_refine_id                           'X-RAY DIFFRACTION' 
_refine.ls_abs_structure_details                 ? 
_refine.ls_abs_structure_Flack                   ? 
_refine.ls_abs_structure_Flack_esd               ? 
_refine.ls_abs_structure_Rogers                  ? 
_refine.ls_abs_structure_Rogers_esd              ? 
_refine.ls_d_res_high                            1.48 
_refine.ls_d_res_low                             50.17 
_refine.ls_extinction_coef                       ? 
_refine.ls_extinction_coef_esd                   ? 
_refine.ls_extinction_expression                 ? 
_refine.ls_extinction_method                     ? 
_refine.ls_goodness_of_fit_all                   ? 
_refine.ls_goodness_of_fit_all_esd               ? 
_refine.ls_goodness_of_fit_obs                   ? 
_refine.ls_goodness_of_fit_obs_esd               ? 
_refine.ls_hydrogen_treatment                    ? 
_refine.ls_matrix_type                           ? 
_refine.ls_number_constraints                    ? 
_refine.ls_number_parameters                     ? 
_refine.ls_number_reflns_all                     ? 
_refine.ls_number_reflns_obs                     24812 
_refine.ls_number_reflns_R_free                  1275 
_refine.ls_number_reflns_R_work                  ? 
_refine.ls_number_restraints                     ? 
_refine.ls_percent_reflns_obs                    99.74 
_refine.ls_percent_reflns_R_free                 4.9 
_refine.ls_R_factor_all                          ? 
_refine.ls_R_factor_obs                          0.19281 
_refine.ls_R_factor_R_free                       0.21882 
_refine.ls_R_factor_R_free_error                 ? 
_refine.ls_R_factor_R_free_error_details         ? 
_refine.ls_R_factor_R_work                       0.19154 
_refine.ls_R_Fsqd_factor_obs                     ? 
_refine.ls_R_I_factor_obs                        ? 
_refine.ls_redundancy_reflns_all                 ? 
_refine.ls_redundancy_reflns_obs                 ? 
_refine.ls_restrained_S_all                      ? 
_refine.ls_restrained_S_obs                      ? 
_refine.ls_shift_over_esd_max                    ? 
_refine.ls_shift_over_esd_mean                   ? 
_refine.ls_structure_factor_coef                 ? 
_refine.ls_weighting_details                     ? 
_refine.ls_weighting_scheme                      ? 
_refine.ls_wR_factor_all                         ? 
_refine.ls_wR_factor_obs                         ? 
_refine.ls_wR_factor_R_free                      ? 
_refine.ls_wR_factor_R_work                      ? 
_refine.occupancy_max                            ? 
_refine.occupancy_min                            ? 
_refine.solvent_model_details                    MASK 
_refine.solvent_model_param_bsol                 ? 
_refine.solvent_model_param_ksol                 ? 
_refine.pdbx_R_complete                          ? 
_refine.ls_R_factor_gt                           ? 
_refine.ls_goodness_of_fit_gt                    ? 
_refine.ls_goodness_of_fit_ref                   ? 
_refine.ls_shift_over_su_max                     ? 
_refine.ls_shift_over_su_max_lt                  ? 
_refine.ls_shift_over_su_mean                    ? 
_refine.ls_shift_over_su_mean_lt                 ? 
_refine.pdbx_ls_sigma_I                          ? 
_refine.pdbx_ls_sigma_F                          ? 
_refine.pdbx_ls_sigma_Fsqd                       ? 
_refine.pdbx_data_cutoff_high_absF               ? 
_refine.pdbx_data_cutoff_high_rms_absF           ? 
_refine.pdbx_data_cutoff_low_absF                ? 
_refine.pdbx_isotropic_thermal_model             ? 
_refine.pdbx_ls_cross_valid_method               THROUGHOUT 
_refine.pdbx_method_to_determine_struct          'MOLECULAR REPLACEMENT' 
_refine.pdbx_starting_model                      5XXH 
_refine.pdbx_stereochemistry_target_values       'MAXIMUM LIKELIHOOD' 
_refine.pdbx_R_Free_selection_details            RANDOM 
_refine.pdbx_stereochem_target_val_spec_case     ? 
_refine.pdbx_overall_ESU_R                       0.066 
_refine.pdbx_overall_ESU_R_Free                  0.069 
_refine.pdbx_solvent_vdw_probe_radii             1.20 
_refine.pdbx_solvent_ion_probe_radii             0.80 
_refine.pdbx_solvent_shrinkage_radii             0.80 
_refine.pdbx_real_space_R                        ? 
_refine.pdbx_density_correlation                 ? 
_refine.pdbx_pd_number_of_powder_patterns        ? 
_refine.pdbx_pd_number_of_points                 ? 
_refine.pdbx_pd_meas_number_of_points            ? 
_refine.pdbx_pd_proc_ls_prof_R_factor            ? 
_refine.pdbx_pd_proc_ls_prof_wR_factor           ? 
_refine.pdbx_pd_Marquardt_correlation_coeff      ? 
_refine.pdbx_pd_Fsqrd_R_factor                   ? 
_refine.pdbx_pd_ls_matrix_band_width             ? 
_refine.pdbx_overall_phase_error                 ? 
_refine.pdbx_overall_SU_R_free_Cruickshank_DPI   ? 
_refine.pdbx_overall_SU_R_free_Blow_DPI          ? 
_refine.pdbx_overall_SU_R_Blow_DPI               ? 
_refine.pdbx_TLS_residual_ADP_flag               ? 
_refine.pdbx_diffrn_id                           1 
_refine.overall_SU_B                             1.587 
_refine.overall_SU_ML                            0.056 
_refine.overall_SU_R_Cruickshank_DPI             ? 
_refine.overall_SU_R_free                        ? 
_refine.overall_FOM_free_R_set                   ? 
_refine.overall_FOM_work_R_set                   ? 
_refine.pdbx_average_fsc_overall                 ? 
_refine.pdbx_average_fsc_work                    ? 
_refine.pdbx_average_fsc_free                    ? 
# 
_refine_hist.pdbx_refine_id                   'X-RAY DIFFRACTION' 
_refine_hist.cycle_id                         1 
_refine_hist.details                          ? 
_refine_hist.d_res_high                       1.48 
_refine_hist.d_res_low                        50.17 
_refine_hist.number_atoms_solvent             70 
_refine_hist.number_atoms_total               1075 
_refine_hist.number_reflns_all                ? 
_refine_hist.number_reflns_obs                ? 
_refine_hist.number_reflns_R_free             ? 
_refine_hist.number_reflns_R_work             ? 
_refine_hist.R_factor_all                     ? 
_refine_hist.R_factor_obs                     ? 
_refine_hist.R_factor_R_free                  ? 
_refine_hist.R_factor_R_work                  ? 
_refine_hist.pdbx_number_residues_total       ? 
_refine_hist.pdbx_B_iso_mean_ligand           ? 
_refine_hist.pdbx_B_iso_mean_solvent          ? 
_refine_hist.pdbx_number_atoms_protein        956 
_refine_hist.pdbx_number_atoms_nucleic_acid   0 
_refine_hist.pdbx_number_atoms_ligand         49 
_refine_hist.pdbx_number_atoms_lipid          ? 
_refine_hist.pdbx_number_atoms_carb           ? 
_refine_hist.pdbx_pseudo_atom_details         ? 
# 
loop_
_refine_ls_restr.pdbx_refine_id 
_refine_ls_restr.criterion 
_refine_ls_restr.dev_ideal 
_refine_ls_restr.dev_ideal_target 
_refine_ls_restr.number 
_refine_ls_restr.rejects 
_refine_ls_restr.type 
_refine_ls_restr.weight 
_refine_ls_restr.pdbx_restraint_function 
'X-RAY DIFFRACTION' ? 0.012  0.013  1035 ? r_bond_refined_d             ? ? 
'X-RAY DIFFRACTION' ? 0.004  0.018  956  ? r_bond_other_d               ? ? 
'X-RAY DIFFRACTION' ? 1.447  1.730  1404 ? r_angle_refined_deg          ? ? 
'X-RAY DIFFRACTION' ? 1.546  1.643  2230 ? r_angle_other_deg            ? ? 
'X-RAY DIFFRACTION' ? 5.340  5.000  112  ? r_dihedral_angle_1_deg       ? ? 
'X-RAY DIFFRACTION' ? 40.924 23.036 56   ? r_dihedral_angle_2_deg       ? ? 
'X-RAY DIFFRACTION' ? 15.302 15.000 176  ? r_dihedral_angle_3_deg       ? ? 
'X-RAY DIFFRACTION' ? 20.585 15.000 6    ? r_dihedral_angle_4_deg       ? ? 
'X-RAY DIFFRACTION' ? 0.066  0.200  122  ? r_chiral_restr               ? ? 
'X-RAY DIFFRACTION' ? 0.006  0.020  1100 ? r_gen_planes_refined         ? ? 
'X-RAY DIFFRACTION' ? 0.001  0.020  211  ? r_gen_planes_other           ? ? 
'X-RAY DIFFRACTION' ? ?      ?      ?    ? r_nbd_refined                ? ? 
'X-RAY DIFFRACTION' ? ?      ?      ?    ? r_nbd_other                  ? ? 
'X-RAY DIFFRACTION' ? ?      ?      ?    ? r_nbtor_refined              ? ? 
'X-RAY DIFFRACTION' ? ?      ?      ?    ? r_nbtor_other                ? ? 
'X-RAY DIFFRACTION' ? ?      ?      ?    ? r_xyhbond_nbd_refined        ? ? 
'X-RAY DIFFRACTION' ? ?      ?      ?    ? r_xyhbond_nbd_other          ? ? 
'X-RAY DIFFRACTION' ? ?      ?      ?    ? r_metal_ion_refined          ? ? 
'X-RAY DIFFRACTION' ? ?      ?      ?    ? r_metal_ion_other            ? ? 
'X-RAY DIFFRACTION' ? ?      ?      ?    ? r_symmetry_vdw_refined       ? ? 
'X-RAY DIFFRACTION' ? ?      ?      ?    ? r_symmetry_vdw_other         ? ? 
'X-RAY DIFFRACTION' ? ?      ?      ?    ? r_symmetry_hbond_refined     ? ? 
'X-RAY DIFFRACTION' ? ?      ?      ?    ? r_symmetry_hbond_other       ? ? 
'X-RAY DIFFRACTION' ? ?      ?      ?    ? r_symmetry_metal_ion_refined ? ? 
'X-RAY DIFFRACTION' ? ?      ?      ?    ? r_symmetry_metal_ion_other   ? ? 
'X-RAY DIFFRACTION' ? 1.585  2.648  451  ? r_mcbond_it                  ? ? 
'X-RAY DIFFRACTION' ? 1.578  2.639  450  ? r_mcbond_other               ? ? 
'X-RAY DIFFRACTION' ? 2.453  3.956  562  ? r_mcangle_it                 ? ? 
'X-RAY DIFFRACTION' ? 2.452  3.967  563  ? r_mcangle_other              ? ? 
'X-RAY DIFFRACTION' ? 2.639  3.068  584  ? r_scbond_it                  ? ? 
'X-RAY DIFFRACTION' ? 2.637  3.071  585  ? r_scbond_other               ? ? 
'X-RAY DIFFRACTION' ? ?      ?      ?    ? r_scangle_it                 ? ? 
'X-RAY DIFFRACTION' ? 4.195  4.452  842  ? r_scangle_other              ? ? 
'X-RAY DIFFRACTION' ? 5.674  31.006 1211 ? r_long_range_B_refined       ? ? 
'X-RAY DIFFRACTION' ? 5.602  30.795 1198 ? r_long_range_B_other         ? ? 
'X-RAY DIFFRACTION' ? ?      ?      ?    ? r_rigid_bond_restr           ? ? 
'X-RAY DIFFRACTION' ? ?      ?      ?    ? r_sphericity_free            ? ? 
'X-RAY DIFFRACTION' ? ?      ?      ?    ? r_sphericity_bonded          ? ? 
# 
_refine_ls_shell.pdbx_refine_id                   'X-RAY DIFFRACTION' 
_refine_ls_shell.d_res_high                       1.480 
_refine_ls_shell.d_res_low                        1.518 
_refine_ls_shell.number_reflns_all                ? 
_refine_ls_shell.number_reflns_obs                ? 
_refine_ls_shell.number_reflns_R_free             90 
_refine_ls_shell.number_reflns_R_work             1804 
_refine_ls_shell.percent_reflns_obs               99.79 
_refine_ls_shell.percent_reflns_R_free            ? 
_refine_ls_shell.R_factor_all                     ? 
_refine_ls_shell.R_factor_obs                     ? 
_refine_ls_shell.R_factor_R_free_error            ? 
_refine_ls_shell.R_factor_R_work                  0.283 
_refine_ls_shell.redundancy_reflns_all            ? 
_refine_ls_shell.redundancy_reflns_obs            ? 
_refine_ls_shell.wR_factor_all                    ? 
_refine_ls_shell.wR_factor_obs                    ? 
_refine_ls_shell.wR_factor_R_free                 ? 
_refine_ls_shell.wR_factor_R_work                 ? 
_refine_ls_shell.pdbx_R_complete                  ? 
_refine_ls_shell.pdbx_total_number_of_bins_used   20 
_refine_ls_shell.pdbx_phase_error                 ? 
_refine_ls_shell.pdbx_fsc_work                    ? 
_refine_ls_shell.pdbx_fsc_free                    ? 
_refine_ls_shell.R_factor_R_free                  0.310 
# 
_struct.entry_id                     9JUU 
_struct.title                        'X-ray crystal structure of Y16515 in CBP' 
_struct.pdbx_model_details           ? 
_struct.pdbx_formula_weight          ? 
_struct.pdbx_formula_weight_method   ? 
_struct.pdbx_model_type_details      ? 
_struct.pdbx_CASP_flag               N 
# 
_struct_keywords.entry_id        9JUU 
_struct_keywords.text            'CBP, Bromodomain, PROTEIN BINDING' 
_struct_keywords.pdbx_keywords   'PROTEIN BINDING' 
# 
loop_
_struct_asym.id 
_struct_asym.pdbx_blank_PDB_chainid_flag 
_struct_asym.pdbx_modified 
_struct_asym.entity_id 
_struct_asym.details 
A N N 1 ? 
B N N 2 ? 
C N N 3 ? 
D N N 4 ? 
E N N 5 ? 
# 
_struct_ref.id                         1 
_struct_ref.db_name                    UNP 
_struct_ref.db_code                    CBP_HUMAN 
_struct_ref.pdbx_db_accession          Q92793 
_struct_ref.pdbx_db_isoform            ? 
_struct_ref.entity_id                  1 
_struct_ref.pdbx_seq_one_letter_code   
;RKKIFKPEELRQALMPTLEALYRQDPESLPFRQPVDPQLLGIPDYFDIVKNPMDLSTIKRKLDTGQYQEPWQYVDDVWLM
FNNAWLYNRKTSRVYKFCSKLAEVFEQEIDPVMQSLG
;
_struct_ref.pdbx_align_begin           1081 
# 
_struct_ref_seq.align_id                      1 
_struct_ref_seq.ref_id                        1 
_struct_ref_seq.pdbx_PDB_id_code              9JUU 
_struct_ref_seq.pdbx_strand_id                A 
_struct_ref_seq.seq_align_beg                 17 
_struct_ref_seq.pdbx_seq_align_beg_ins_code   ? 
_struct_ref_seq.seq_align_end                 133 
_struct_ref_seq.pdbx_seq_align_end_ins_code   ? 
_struct_ref_seq.pdbx_db_accession             Q92793 
_struct_ref_seq.db_align_beg                  1081 
_struct_ref_seq.pdbx_db_align_beg_ins_code    ? 
_struct_ref_seq.db_align_end                  1197 
_struct_ref_seq.pdbx_db_align_end_ins_code    ? 
_struct_ref_seq.pdbx_auth_seq_align_beg       1081 
_struct_ref_seq.pdbx_auth_seq_align_end       1197 
# 
loop_
_struct_ref_seq_dif.align_id 
_struct_ref_seq_dif.pdbx_pdb_id_code 
_struct_ref_seq_dif.mon_id 
_struct_ref_seq_dif.pdbx_pdb_strand_id 
_struct_ref_seq_dif.seq_num 
_struct_ref_seq_dif.pdbx_pdb_ins_code 
_struct_ref_seq_dif.pdbx_seq_db_name 
_struct_ref_seq_dif.pdbx_seq_db_accession_code 
_struct_ref_seq_dif.db_mon_id 
_struct_ref_seq_dif.pdbx_seq_db_seq_num 
_struct_ref_seq_dif.details 
_struct_ref_seq_dif.pdbx_auth_seq_num 
_struct_ref_seq_dif.pdbx_ordinal 
1 9JUU MET A 1  ? UNP Q92793 ? ? 'initiating methionine' 1065 1  
1 9JUU LYS A 2  ? UNP Q92793 ? ? 'expression tag'        1066 2  
1 9JUU LYS A 3  ? UNP Q92793 ? ? 'expression tag'        1067 3  
1 9JUU GLY A 4  ? UNP Q92793 ? ? 'expression tag'        1068 4  
1 9JUU HIS A 5  ? UNP Q92793 ? ? 'expression tag'        1069 5  
1 9JUU HIS A 6  ? UNP Q92793 ? ? 'expression tag'        1070 6  
1 9JUU HIS A 7  ? UNP Q92793 ? ? 'expression tag'        1071 7  
1 9JUU HIS A 8  ? UNP Q92793 ? ? 'expression tag'        1072 8  
1 9JUU HIS A 9  ? UNP Q92793 ? ? 'expression tag'        1073 9  
1 9JUU HIS A 10 ? UNP Q92793 ? ? 'expression tag'        1074 10 
1 9JUU LEU A 11 ? UNP Q92793 ? ? 'expression tag'        1075 11 
1 9JUU VAL A 12 ? UNP Q92793 ? ? 'expression tag'        1076 12 
1 9JUU PRO A 13 ? UNP Q92793 ? ? 'expression tag'        1077 13 
1 9JUU ARG A 14 ? UNP Q92793 ? ? 'expression tag'        1078 14 
1 9JUU GLY A 15 ? UNP Q92793 ? ? 'expression tag'        1079 15 
1 9JUU SER A 16 ? UNP Q92793 ? ? 'expression tag'        1080 16 
# 
_pdbx_struct_assembly.id                   1 
_pdbx_struct_assembly.details              author_defined_assembly 
_pdbx_struct_assembly.method_details       ? 
_pdbx_struct_assembly.oligomeric_details   monomeric 
_pdbx_struct_assembly.oligomeric_count     1 
# 
_pdbx_struct_assembly_gen.assembly_id       1 
_pdbx_struct_assembly_gen.oper_expression   1 
_pdbx_struct_assembly_gen.asym_id_list      A,B,C,D,E 
# 
_pdbx_struct_assembly_auth_evidence.id                     1 
_pdbx_struct_assembly_auth_evidence.assembly_id            1 
_pdbx_struct_assembly_auth_evidence.experimental_support   none 
_pdbx_struct_assembly_auth_evidence.details                ? 
# 
_pdbx_struct_oper_list.id                   1 
_pdbx_struct_oper_list.type                 'identity operation' 
_pdbx_struct_oper_list.name                 1_555 
_pdbx_struct_oper_list.symmetry_operation   x,y,z 
_pdbx_struct_oper_list.matrix[1][1]         1.0000000000 
_pdbx_struct_oper_list.matrix[1][2]         0.0000000000 
_pdbx_struct_oper_list.matrix[1][3]         0.0000000000 
_pdbx_struct_oper_list.vector[1]            0.0000000000 
_pdbx_struct_oper_list.matrix[2][1]         0.0000000000 
_pdbx_struct_oper_list.matrix[2][2]         1.0000000000 
_pdbx_struct_oper_list.matrix[2][3]         0.0000000000 
_pdbx_struct_oper_list.vector[2]            0.0000000000 
_pdbx_struct_oper_list.matrix[3][1]         0.0000000000 
_pdbx_struct_oper_list.matrix[3][2]         0.0000000000 
_pdbx_struct_oper_list.matrix[3][3]         1.0000000000 
_pdbx_struct_oper_list.vector[3]            0.0000000000 
# 
loop_
_struct_conf.conf_type_id 
_struct_conf.id 
_struct_conf.pdbx_PDB_helix_id 
_struct_conf.beg_label_comp_id 
_struct_conf.beg_label_asym_id 
_struct_conf.beg_label_seq_id 
_struct_conf.pdbx_beg_PDB_ins_code 
_struct_conf.end_label_comp_id 
_struct_conf.end_label_asym_id 
_struct_conf.end_label_seq_id 
_struct_conf.pdbx_end_PDB_ins_code 
_struct_conf.beg_auth_comp_id 
_struct_conf.beg_auth_asym_id 
_struct_conf.beg_auth_seq_id 
_struct_conf.end_auth_comp_id 
_struct_conf.end_auth_asym_id 
_struct_conf.end_auth_seq_id 
_struct_conf.pdbx_PDB_helix_class 
_struct_conf.details 
_struct_conf.pdbx_PDB_helix_length 
HELX_P HELX_P1 AA1 LYS A 22  ? ARG A 39  ? LYS A 1086 ARG A 1103 1 ? 18 
HELX_P HELX_P2 AA2 SER A 44  ? ARG A 48  ? SER A 1108 ARG A 1112 5 ? 5  
HELX_P HELX_P3 AA3 ASP A 52  ? GLY A 57  ? ASP A 1116 GLY A 1121 1 ? 6  
HELX_P HELX_P4 AA4 ASP A 60  ? VAL A 65  ? ASP A 1124 VAL A 1129 1 ? 6  
HELX_P HELX_P5 AA5 ASP A 70  ? THR A 80  ? ASP A 1134 THR A 1144 1 ? 11 
HELX_P HELX_P6 AA6 GLU A 85  ? ASN A 104 ? GLU A 1149 ASN A 1168 1 ? 20 
HELX_P HELX_P7 AA7 SER A 108 ? MET A 129 ? SER A 1172 MET A 1193 1 ? 22 
# 
_struct_conf_type.id          HELX_P 
_struct_conf_type.criteria    ? 
_struct_conf_type.reference   ? 
# 
_struct_mon_prot_cis.pdbx_id                1 
_struct_mon_prot_cis.label_comp_id          ASP 
_struct_mon_prot_cis.label_seq_id           41 
_struct_mon_prot_cis.label_asym_id          A 
_struct_mon_prot_cis.label_alt_id           . 
_struct_mon_prot_cis.pdbx_PDB_ins_code      ? 
_struct_mon_prot_cis.auth_comp_id           ASP 
_struct_mon_prot_cis.auth_seq_id            1105 
_struct_mon_prot_cis.auth_asym_id           A 
_struct_mon_prot_cis.pdbx_label_comp_id_2   PRO 
_struct_mon_prot_cis.pdbx_label_seq_id_2    42 
_struct_mon_prot_cis.pdbx_label_asym_id_2   A 
_struct_mon_prot_cis.pdbx_PDB_ins_code_2    ? 
_struct_mon_prot_cis.pdbx_auth_comp_id_2    PRO 
_struct_mon_prot_cis.pdbx_auth_seq_id_2     1106 
_struct_mon_prot_cis.pdbx_auth_asym_id_2    A 
_struct_mon_prot_cis.pdbx_PDB_model_num     1 
_struct_mon_prot_cis.pdbx_omega_angle       7.54 
# 
_pdbx_entry_details.entry_id                   9JUU 
_pdbx_entry_details.nonpolymer_details         ? 
_pdbx_entry_details.sequence_details           ? 
_pdbx_entry_details.compound_details           ? 
_pdbx_entry_details.source_details             ? 
_pdbx_entry_details.has_ligand_of_interest     Y 
_pdbx_entry_details.has_protein_modification   N 
# 
loop_
_pdbx_unobs_or_zero_occ_residues.id 
_pdbx_unobs_or_zero_occ_residues.PDB_model_num 
_pdbx_unobs_or_zero_occ_residues.polymer_flag 
_pdbx_unobs_or_zero_occ_residues.occupancy_flag 
_pdbx_unobs_or_zero_occ_residues.auth_asym_id 
_pdbx_unobs_or_zero_occ_residues.auth_comp_id 
_pdbx_unobs_or_zero_occ_residues.auth_seq_id 
_pdbx_unobs_or_zero_occ_residues.PDB_ins_code 
_pdbx_unobs_or_zero_occ_residues.label_asym_id 
_pdbx_unobs_or_zero_occ_residues.label_comp_id 
_pdbx_unobs_or_zero_occ_residues.label_seq_id 
1  1 Y 1 A MET 1065 ? A MET 1   
2  1 Y 1 A LYS 1066 ? A LYS 2   
3  1 Y 1 A LYS 1067 ? A LYS 3   
4  1 Y 1 A GLY 1068 ? A GLY 4   
5  1 Y 1 A HIS 1069 ? A HIS 5   
6  1 Y 1 A HIS 1070 ? A HIS 6   
7  1 Y 1 A HIS 1071 ? A HIS 7   
8  1 Y 1 A HIS 1072 ? A HIS 8   
9  1 Y 1 A HIS 1073 ? A HIS 9   
10 1 Y 1 A HIS 1074 ? A HIS 10  
11 1 Y 1 A LEU 1075 ? A LEU 11  
12 1 Y 1 A VAL 1076 ? A VAL 12  
13 1 Y 1 A PRO 1077 ? A PRO 13  
14 1 Y 1 A ARG 1078 ? A ARG 14  
15 1 Y 1 A GLY 1079 ? A GLY 15  
16 1 Y 1 A SER 1080 ? A SER 16  
17 1 Y 1 A GLN 1194 ? A GLN 130 
18 1 Y 1 A SER 1195 ? A SER 131 
19 1 Y 1 A LEU 1196 ? A LEU 132 
20 1 Y 1 A GLY 1197 ? A GLY 133 
# 
loop_
_chem_comp_atom.comp_id 
_chem_comp_atom.atom_id 
_chem_comp_atom.type_symbol 
_chem_comp_atom.pdbx_aromatic_flag 
_chem_comp_atom.pdbx_stereo_config 
_chem_comp_atom.pdbx_ordinal 
A1EDN CAS  C  N N 1   
A1EDN CAT  C  N N 2   
A1EDN OAU  O  N N 3   
A1EDN CAV  C  N N 4   
A1EDN CAW  C  N N 5   
A1EDN NAR  N  N N 6   
A1EDN CAQ  C  N R 7   
A1EDN CAX  C  N N 8   
A1EDN CAP  C  N N 9   
A1EDN NAM  N  Y N 10  
A1EDN CAL  C  Y N 11  
A1EDN CAK  C  Y N 12  
A1EDN CAF  C  Y N 13  
A1EDN CAA  C  Y N 14  
A1EDN CAB  C  Y N 15  
A1EDN CAI  C  Y N 16  
A1EDN CAJ  C  N N 17  
A1EDN NAH  N  Y N 18  
A1EDN OAG  O  Y N 19  
A1EDN CAC  C  Y N 20  
A1EDN CAD  C  Y N 21  
A1EDN CAE  C  Y N 22  
A1EDN NAO  N  Y N 23  
A1EDN CAN  C  Y N 24  
A1EDN CAY  C  N S 25  
A1EDN CAZ  C  N N 26  
A1EDN CBA  C  N N 27  
A1EDN CBB  C  N N 28  
A1EDN OBD  O  N N 29  
A1EDN NBC  N  N N 30  
A1EDN CBE  C  Y N 31  
A1EDN CBJ  C  Y N 32  
A1EDN CBI  C  Y N 33  
A1EDN CLBM CL N N 34  
A1EDN CBH  C  Y N 35  
A1EDN OBK  O  N N 36  
A1EDN CBL  C  N N 37  
A1EDN CBG  C  Y N 38  
A1EDN CBF  C  Y N 39  
A1EDN H1   H  N N 40  
A1EDN H2   H  N N 41  
A1EDN H3   H  N N 42  
A1EDN H4   H  N N 43  
A1EDN H5   H  N N 44  
A1EDN H6   H  N N 45  
A1EDN H7   H  N N 46  
A1EDN H8   H  N N 47  
A1EDN H10  H  N N 48  
A1EDN H11  H  N N 49  
A1EDN H12  H  N N 50  
A1EDN H13  H  N N 51  
A1EDN H14  H  N N 52  
A1EDN H15  H  N N 53  
A1EDN H16  H  N N 54  
A1EDN H17  H  N N 55  
A1EDN H18  H  N N 56  
A1EDN H19  H  N N 57  
A1EDN H20  H  N N 58  
A1EDN H21  H  N N 59  
A1EDN H22  H  N N 60  
A1EDN H23  H  N N 61  
A1EDN H24  H  N N 62  
A1EDN H25  H  N N 63  
A1EDN H26  H  N N 64  
A1EDN H27  H  N N 65  
A1EDN H28  H  N N 66  
A1EDN H29  H  N N 67  
A1EDN H30  H  N N 68  
A1EDN H31  H  N N 69  
A1EDN H9   H  N N 70  
A1EDN H32  H  N N 71  
ALA   N    N  N N 72  
ALA   CA   C  N S 73  
ALA   C    C  N N 74  
ALA   O    O  N N 75  
ALA   CB   C  N N 76  
ALA   OXT  O  N N 77  
ALA   H    H  N N 78  
ALA   H2   H  N N 79  
ALA   HA   H  N N 80  
ALA   HB1  H  N N 81  
ALA   HB2  H  N N 82  
ALA   HB3  H  N N 83  
ALA   HXT  H  N N 84  
ARG   N    N  N N 85  
ARG   CA   C  N S 86  
ARG   C    C  N N 87  
ARG   O    O  N N 88  
ARG   CB   C  N N 89  
ARG   CG   C  N N 90  
ARG   CD   C  N N 91  
ARG   NE   N  N N 92  
ARG   CZ   C  N N 93  
ARG   NH1  N  N N 94  
ARG   NH2  N  N N 95  
ARG   OXT  O  N N 96  
ARG   H    H  N N 97  
ARG   H2   H  N N 98  
ARG   HA   H  N N 99  
ARG   HB2  H  N N 100 
ARG   HB3  H  N N 101 
ARG   HG2  H  N N 102 
ARG   HG3  H  N N 103 
ARG   HD2  H  N N 104 
ARG   HD3  H  N N 105 
ARG   HE   H  N N 106 
ARG   HH11 H  N N 107 
ARG   HH12 H  N N 108 
ARG   HH21 H  N N 109 
ARG   HH22 H  N N 110 
ARG   HXT  H  N N 111 
ASN   N    N  N N 112 
ASN   CA   C  N S 113 
ASN   C    C  N N 114 
ASN   O    O  N N 115 
ASN   CB   C  N N 116 
ASN   CG   C  N N 117 
ASN   OD1  O  N N 118 
ASN   ND2  N  N N 119 
ASN   OXT  O  N N 120 
ASN   H    H  N N 121 
ASN   H2   H  N N 122 
ASN   HA   H  N N 123 
ASN   HB2  H  N N 124 
ASN   HB3  H  N N 125 
ASN   HD21 H  N N 126 
ASN   HD22 H  N N 127 
ASN   HXT  H  N N 128 
ASP   N    N  N N 129 
ASP   CA   C  N S 130 
ASP   C    C  N N 131 
ASP   O    O  N N 132 
ASP   CB   C  N N 133 
ASP   CG   C  N N 134 
ASP   OD1  O  N N 135 
ASP   OD2  O  N N 136 
ASP   OXT  O  N N 137 
ASP   H    H  N N 138 
ASP   H2   H  N N 139 
ASP   HA   H  N N 140 
ASP   HB2  H  N N 141 
ASP   HB3  H  N N 142 
ASP   HD2  H  N N 143 
ASP   HXT  H  N N 144 
CYS   N    N  N N 145 
CYS   CA   C  N R 146 
CYS   C    C  N N 147 
CYS   O    O  N N 148 
CYS   CB   C  N N 149 
CYS   SG   S  N N 150 
CYS   OXT  O  N N 151 
CYS   H    H  N N 152 
CYS   H2   H  N N 153 
CYS   HA   H  N N 154 
CYS   HB2  H  N N 155 
CYS   HB3  H  N N 156 
CYS   HG   H  N N 157 
CYS   HXT  H  N N 158 
EDO   C1   C  N N 159 
EDO   O1   O  N N 160 
EDO   C2   C  N N 161 
EDO   O2   O  N N 162 
EDO   H11  H  N N 163 
EDO   H12  H  N N 164 
EDO   HO1  H  N N 165 
EDO   H21  H  N N 166 
EDO   H22  H  N N 167 
EDO   HO2  H  N N 168 
GLN   N    N  N N 169 
GLN   CA   C  N S 170 
GLN   C    C  N N 171 
GLN   O    O  N N 172 
GLN   CB   C  N N 173 
GLN   CG   C  N N 174 
GLN   CD   C  N N 175 
GLN   OE1  O  N N 176 
GLN   NE2  N  N N 177 
GLN   OXT  O  N N 178 
GLN   H    H  N N 179 
GLN   H2   H  N N 180 
GLN   HA   H  N N 181 
GLN   HB2  H  N N 182 
GLN   HB3  H  N N 183 
GLN   HG2  H  N N 184 
GLN   HG3  H  N N 185 
GLN   HE21 H  N N 186 
GLN   HE22 H  N N 187 
GLN   HXT  H  N N 188 
GLU   N    N  N N 189 
GLU   CA   C  N S 190 
GLU   C    C  N N 191 
GLU   O    O  N N 192 
GLU   CB   C  N N 193 
GLU   CG   C  N N 194 
GLU   CD   C  N N 195 
GLU   OE1  O  N N 196 
GLU   OE2  O  N N 197 
GLU   OXT  O  N N 198 
GLU   H    H  N N 199 
GLU   H2   H  N N 200 
GLU   HA   H  N N 201 
GLU   HB2  H  N N 202 
GLU   HB3  H  N N 203 
GLU   HG2  H  N N 204 
GLU   HG3  H  N N 205 
GLU   HE2  H  N N 206 
GLU   HXT  H  N N 207 
GLY   N    N  N N 208 
GLY   CA   C  N N 209 
GLY   C    C  N N 210 
GLY   O    O  N N 211 
GLY   OXT  O  N N 212 
GLY   H    H  N N 213 
GLY   H2   H  N N 214 
GLY   HA2  H  N N 215 
GLY   HA3  H  N N 216 
GLY   HXT  H  N N 217 
GOL   C1   C  N N 218 
GOL   O1   O  N N 219 
GOL   C2   C  N N 220 
GOL   O2   O  N N 221 
GOL   C3   C  N N 222 
GOL   O3   O  N N 223 
GOL   H11  H  N N 224 
GOL   H12  H  N N 225 
GOL   HO1  H  N N 226 
GOL   H2   H  N N 227 
GOL   HO2  H  N N 228 
GOL   H31  H  N N 229 
GOL   H32  H  N N 230 
GOL   HO3  H  N N 231 
HIS   N    N  N N 232 
HIS   CA   C  N S 233 
HIS   C    C  N N 234 
HIS   O    O  N N 235 
HIS   CB   C  N N 236 
HIS   CG   C  Y N 237 
HIS   ND1  N  Y N 238 
HIS   CD2  C  Y N 239 
HIS   CE1  C  Y N 240 
HIS   NE2  N  Y N 241 
HIS   OXT  O  N N 242 
HIS   H    H  N N 243 
HIS   H2   H  N N 244 
HIS   HA   H  N N 245 
HIS   HB2  H  N N 246 
HIS   HB3  H  N N 247 
HIS   HD1  H  N N 248 
HIS   HD2  H  N N 249 
HIS   HE1  H  N N 250 
HIS   HE2  H  N N 251 
HIS   HXT  H  N N 252 
HOH   O    O  N N 253 
HOH   H1   H  N N 254 
HOH   H2   H  N N 255 
ILE   N    N  N N 256 
ILE   CA   C  N S 257 
ILE   C    C  N N 258 
ILE   O    O  N N 259 
ILE   CB   C  N S 260 
ILE   CG1  C  N N 261 
ILE   CG2  C  N N 262 
ILE   CD1  C  N N 263 
ILE   OXT  O  N N 264 
ILE   H    H  N N 265 
ILE   H2   H  N N 266 
ILE   HA   H  N N 267 
ILE   HB   H  N N 268 
ILE   HG12 H  N N 269 
ILE   HG13 H  N N 270 
ILE   HG21 H  N N 271 
ILE   HG22 H  N N 272 
ILE   HG23 H  N N 273 
ILE   HD11 H  N N 274 
ILE   HD12 H  N N 275 
ILE   HD13 H  N N 276 
ILE   HXT  H  N N 277 
LEU   N    N  N N 278 
LEU   CA   C  N S 279 
LEU   C    C  N N 280 
LEU   O    O  N N 281 
LEU   CB   C  N N 282 
LEU   CG   C  N N 283 
LEU   CD1  C  N N 284 
LEU   CD2  C  N N 285 
LEU   OXT  O  N N 286 
LEU   H    H  N N 287 
LEU   H2   H  N N 288 
LEU   HA   H  N N 289 
LEU   HB2  H  N N 290 
LEU   HB3  H  N N 291 
LEU   HG   H  N N 292 
LEU   HD11 H  N N 293 
LEU   HD12 H  N N 294 
LEU   HD13 H  N N 295 
LEU   HD21 H  N N 296 
LEU   HD22 H  N N 297 
LEU   HD23 H  N N 298 
LEU   HXT  H  N N 299 
LYS   N    N  N N 300 
LYS   CA   C  N S 301 
LYS   C    C  N N 302 
LYS   O    O  N N 303 
LYS   CB   C  N N 304 
LYS   CG   C  N N 305 
LYS   CD   C  N N 306 
LYS   CE   C  N N 307 
LYS   NZ   N  N N 308 
LYS   OXT  O  N N 309 
LYS   H    H  N N 310 
LYS   H2   H  N N 311 
LYS   HA   H  N N 312 
LYS   HB2  H  N N 313 
LYS   HB3  H  N N 314 
LYS   HG2  H  N N 315 
LYS   HG3  H  N N 316 
LYS   HD2  H  N N 317 
LYS   HD3  H  N N 318 
LYS   HE2  H  N N 319 
LYS   HE3  H  N N 320 
LYS   HZ1  H  N N 321 
LYS   HZ2  H  N N 322 
LYS   HZ3  H  N N 323 
LYS   HXT  H  N N 324 
MET   N    N  N N 325 
MET   CA   C  N S 326 
MET   C    C  N N 327 
MET   O    O  N N 328 
MET   CB   C  N N 329 
MET   CG   C  N N 330 
MET   SD   S  N N 331 
MET   CE   C  N N 332 
MET   OXT  O  N N 333 
MET   H    H  N N 334 
MET   H2   H  N N 335 
MET   HA   H  N N 336 
MET   HB2  H  N N 337 
MET   HB3  H  N N 338 
MET   HG2  H  N N 339 
MET   HG3  H  N N 340 
MET   HE1  H  N N 341 
MET   HE2  H  N N 342 
MET   HE3  H  N N 343 
MET   HXT  H  N N 344 
PHE   N    N  N N 345 
PHE   CA   C  N S 346 
PHE   C    C  N N 347 
PHE   O    O  N N 348 
PHE   CB   C  N N 349 
PHE   CG   C  Y N 350 
PHE   CD1  C  Y N 351 
PHE   CD2  C  Y N 352 
PHE   CE1  C  Y N 353 
PHE   CE2  C  Y N 354 
PHE   CZ   C  Y N 355 
PHE   OXT  O  N N 356 
PHE   H    H  N N 357 
PHE   H2   H  N N 358 
PHE   HA   H  N N 359 
PHE   HB2  H  N N 360 
PHE   HB3  H  N N 361 
PHE   HD1  H  N N 362 
PHE   HD2  H  N N 363 
PHE   HE1  H  N N 364 
PHE   HE2  H  N N 365 
PHE   HZ   H  N N 366 
PHE   HXT  H  N N 367 
PRO   N    N  N N 368 
PRO   CA   C  N S 369 
PRO   C    C  N N 370 
PRO   O    O  N N 371 
PRO   CB   C  N N 372 
PRO   CG   C  N N 373 
PRO   CD   C  N N 374 
PRO   OXT  O  N N 375 
PRO   H    H  N N 376 
PRO   HA   H  N N 377 
PRO   HB2  H  N N 378 
PRO   HB3  H  N N 379 
PRO   HG2  H  N N 380 
PRO   HG3  H  N N 381 
PRO   HD2  H  N N 382 
PRO   HD3  H  N N 383 
PRO   HXT  H  N N 384 
SER   N    N  N N 385 
SER   CA   C  N S 386 
SER   C    C  N N 387 
SER   O    O  N N 388 
SER   CB   C  N N 389 
SER   OG   O  N N 390 
SER   OXT  O  N N 391 
SER   H    H  N N 392 
SER   H2   H  N N 393 
SER   HA   H  N N 394 
SER   HB2  H  N N 395 
SER   HB3  H  N N 396 
SER   HG   H  N N 397 
SER   HXT  H  N N 398 
THR   N    N  N N 399 
THR   CA   C  N S 400 
THR   C    C  N N 401 
THR   O    O  N N 402 
THR   CB   C  N R 403 
THR   OG1  O  N N 404 
THR   CG2  C  N N 405 
THR   OXT  O  N N 406 
THR   H    H  N N 407 
THR   H2   H  N N 408 
THR   HA   H  N N 409 
THR   HB   H  N N 410 
THR   HG1  H  N N 411 
THR   HG21 H  N N 412 
THR   HG22 H  N N 413 
THR   HG23 H  N N 414 
THR   HXT  H  N N 415 
TRP   N    N  N N 416 
TRP   CA   C  N S 417 
TRP   C    C  N N 418 
TRP   O    O  N N 419 
TRP   CB   C  N N 420 
TRP   CG   C  Y N 421 
TRP   CD1  C  Y N 422 
TRP   CD2  C  Y N 423 
TRP   NE1  N  Y N 424 
TRP   CE2  C  Y N 425 
TRP   CE3  C  Y N 426 
TRP   CZ2  C  Y N 427 
TRP   CZ3  C  Y N 428 
TRP   CH2  C  Y N 429 
TRP   OXT  O  N N 430 
TRP   H    H  N N 431 
TRP   H2   H  N N 432 
TRP   HA   H  N N 433 
TRP   HB2  H  N N 434 
TRP   HB3  H  N N 435 
TRP   HD1  H  N N 436 
TRP   HE1  H  N N 437 
TRP   HE3  H  N N 438 
TRP   HZ2  H  N N 439 
TRP   HZ3  H  N N 440 
TRP   HH2  H  N N 441 
TRP   HXT  H  N N 442 
TYR   N    N  N N 443 
TYR   CA   C  N S 444 
TYR   C    C  N N 445 
TYR   O    O  N N 446 
TYR   CB   C  N N 447 
TYR   CG   C  Y N 448 
TYR   CD1  C  Y N 449 
TYR   CD2  C  Y N 450 
TYR   CE1  C  Y N 451 
TYR   CE2  C  Y N 452 
TYR   CZ   C  Y N 453 
TYR   OH   O  N N 454 
TYR   OXT  O  N N 455 
TYR   H    H  N N 456 
TYR   H2   H  N N 457 
TYR   HA   H  N N 458 
TYR   HB2  H  N N 459 
TYR   HB3  H  N N 460 
TYR   HD1  H  N N 461 
TYR   HD2  H  N N 462 
TYR   HE1  H  N N 463 
TYR   HE2  H  N N 464 
TYR   HH   H  N N 465 
TYR   HXT  H  N N 466 
VAL   N    N  N N 467 
VAL   CA   C  N S 468 
VAL   C    C  N N 469 
VAL   O    O  N N 470 
VAL   CB   C  N N 471 
VAL   CG1  C  N N 472 
VAL   CG2  C  N N 473 
VAL   OXT  O  N N 474 
VAL   H    H  N N 475 
VAL   H2   H  N N 476 
VAL   HA   H  N N 477 
VAL   HB   H  N N 478 
VAL   HG11 H  N N 479 
VAL   HG12 H  N N 480 
VAL   HG13 H  N N 481 
VAL   HG21 H  N N 482 
VAL   HG22 H  N N 483 
VAL   HG23 H  N N 484 
VAL   HXT  H  N N 485 
# 
loop_
_chem_comp_bond.comp_id 
_chem_comp_bond.atom_id_1 
_chem_comp_bond.atom_id_2 
_chem_comp_bond.value_order 
_chem_comp_bond.pdbx_aromatic_flag 
_chem_comp_bond.pdbx_stereo_config 
_chem_comp_bond.pdbx_ordinal 
A1EDN CBF CBG  doub Y N 1   
A1EDN CBF CBE  sing Y N 2   
A1EDN CBG CBH  sing Y N 3   
A1EDN OBD CBB  doub N N 4   
A1EDN CBL OBK  sing N N 5   
A1EDN CBB CBA  sing N N 6   
A1EDN CBB NBC  sing N N 7   
A1EDN CAT CAS  sing N N 8   
A1EDN CAT OAU  sing N N 9   
A1EDN CBA CAZ  sing N N 10  
A1EDN CAS NAR  sing N N 11  
A1EDN NBC CBE  sing N N 12  
A1EDN NBC CAY  sing N N 13  
A1EDN CBE CBJ  doub Y N 14  
A1EDN CBH OBK  sing N N 15  
A1EDN CBH CBI  doub Y N 16  
A1EDN CAZ CAY  sing N N 17  
A1EDN OAU CAV  sing N N 18  
A1EDN CAY CAN  sing N N 19  
A1EDN CAX CAQ  sing N N 20  
A1EDN CBJ CBI  sing Y N 21  
A1EDN CBI CLBM sing N N 22  
A1EDN NAR CAQ  sing N N 23  
A1EDN NAR CAW  sing N N 24  
A1EDN CAV CAW  sing N N 25  
A1EDN CAP CAQ  sing N N 26  
A1EDN CAP NAM  sing N N 27  
A1EDN CAN NAM  sing Y N 28  
A1EDN CAN NAO  doub Y N 29  
A1EDN NAM CAL  sing Y N 30  
A1EDN NAO CAK  sing Y N 31  
A1EDN CAL CAK  doub Y N 32  
A1EDN CAK CAF  sing N N 33  
A1EDN CAF CAE  doub Y N 34  
A1EDN CAF CAA  sing Y N 35  
A1EDN CAE CAD  sing Y N 36  
A1EDN CAA CAB  doub Y N 37  
A1EDN CAD CAC  doub Y N 38  
A1EDN CAB CAC  sing Y N 39  
A1EDN CAB CAI  sing Y N 40  
A1EDN CAC OAG  sing Y N 41  
A1EDN CAI CAJ  sing N N 42  
A1EDN CAI NAH  doub Y N 43  
A1EDN OAG NAH  sing Y N 44  
A1EDN CAS H1   sing N N 45  
A1EDN CAS H2   sing N N 46  
A1EDN CAT H3   sing N N 47  
A1EDN CAT H4   sing N N 48  
A1EDN CAV H5   sing N N 49  
A1EDN CAV H6   sing N N 50  
A1EDN CAW H7   sing N N 51  
A1EDN CAW H8   sing N N 52  
A1EDN CAQ H10  sing N N 53  
A1EDN CAX H11  sing N N 54  
A1EDN CAX H12  sing N N 55  
A1EDN CAX H13  sing N N 56  
A1EDN CAP H14  sing N N 57  
A1EDN CAP H15  sing N N 58  
A1EDN CAL H16  sing N N 59  
A1EDN CAA H17  sing N N 60  
A1EDN CAJ H18  sing N N 61  
A1EDN CAJ H19  sing N N 62  
A1EDN CAJ H20  sing N N 63  
A1EDN CAD H21  sing N N 64  
A1EDN CAE H22  sing N N 65  
A1EDN CAY H23  sing N N 66  
A1EDN CAZ H24  sing N N 67  
A1EDN CBA H25  sing N N 68  
A1EDN CBJ H26  sing N N 69  
A1EDN CBL H27  sing N N 70  
A1EDN CBL H28  sing N N 71  
A1EDN CBL H29  sing N N 72  
A1EDN CBG H30  sing N N 73  
A1EDN CBF H31  sing N N 74  
A1EDN CAZ H9   sing N N 75  
A1EDN CBA H32  sing N N 76  
ALA   N   CA   sing N N 77  
ALA   N   H    sing N N 78  
ALA   N   H2   sing N N 79  
ALA   CA  C    sing N N 80  
ALA   CA  CB   sing N N 81  
ALA   CA  HA   sing N N 82  
ALA   C   O    doub N N 83  
ALA   C   OXT  sing N N 84  
ALA   CB  HB1  sing N N 85  
ALA   CB  HB2  sing N N 86  
ALA   CB  HB3  sing N N 87  
ALA   OXT HXT  sing N N 88  
ARG   N   CA   sing N N 89  
ARG   N   H    sing N N 90  
ARG   N   H2   sing N N 91  
ARG   CA  C    sing N N 92  
ARG   CA  CB   sing N N 93  
ARG   CA  HA   sing N N 94  
ARG   C   O    doub N N 95  
ARG   C   OXT  sing N N 96  
ARG   CB  CG   sing N N 97  
ARG   CB  HB2  sing N N 98  
ARG   CB  HB3  sing N N 99  
ARG   CG  CD   sing N N 100 
ARG   CG  HG2  sing N N 101 
ARG   CG  HG3  sing N N 102 
ARG   CD  NE   sing N N 103 
ARG   CD  HD2  sing N N 104 
ARG   CD  HD3  sing N N 105 
ARG   NE  CZ   sing N N 106 
ARG   NE  HE   sing N N 107 
ARG   CZ  NH1  sing N N 108 
ARG   CZ  NH2  doub N N 109 
ARG   NH1 HH11 sing N N 110 
ARG   NH1 HH12 sing N N 111 
ARG   NH2 HH21 sing N N 112 
ARG   NH2 HH22 sing N N 113 
ARG   OXT HXT  sing N N 114 
ASN   N   CA   sing N N 115 
ASN   N   H    sing N N 116 
ASN   N   H2   sing N N 117 
ASN   CA  C    sing N N 118 
ASN   CA  CB   sing N N 119 
ASN   CA  HA   sing N N 120 
ASN   C   O    doub N N 121 
ASN   C   OXT  sing N N 122 
ASN   CB  CG   sing N N 123 
ASN   CB  HB2  sing N N 124 
ASN   CB  HB3  sing N N 125 
ASN   CG  OD1  doub N N 126 
ASN   CG  ND2  sing N N 127 
ASN   ND2 HD21 sing N N 128 
ASN   ND2 HD22 sing N N 129 
ASN   OXT HXT  sing N N 130 
ASP   N   CA   sing N N 131 
ASP   N   H    sing N N 132 
ASP   N   H2   sing N N 133 
ASP   CA  C    sing N N 134 
ASP   CA  CB   sing N N 135 
ASP   CA  HA   sing N N 136 
ASP   C   O    doub N N 137 
ASP   C   OXT  sing N N 138 
ASP   CB  CG   sing N N 139 
ASP   CB  HB2  sing N N 140 
ASP   CB  HB3  sing N N 141 
ASP   CG  OD1  doub N N 142 
ASP   CG  OD2  sing N N 143 
ASP   OD2 HD2  sing N N 144 
ASP   OXT HXT  sing N N 145 
CYS   N   CA   sing N N 146 
CYS   N   H    sing N N 147 
CYS   N   H2   sing N N 148 
CYS   CA  C    sing N N 149 
CYS   CA  CB   sing N N 150 
CYS   CA  HA   sing N N 151 
CYS   C   O    doub N N 152 
CYS   C   OXT  sing N N 153 
CYS   CB  SG   sing N N 154 
CYS   CB  HB2  sing N N 155 
CYS   CB  HB3  sing N N 156 
CYS   SG  HG   sing N N 157 
CYS   OXT HXT  sing N N 158 
EDO   C1  O1   sing N N 159 
EDO   C1  C2   sing N N 160 
EDO   C1  H11  sing N N 161 
EDO   C1  H12  sing N N 162 
EDO   O1  HO1  sing N N 163 
EDO   C2  O2   sing N N 164 
EDO   C2  H21  sing N N 165 
EDO   C2  H22  sing N N 166 
EDO   O2  HO2  sing N N 167 
GLN   N   CA   sing N N 168 
GLN   N   H    sing N N 169 
GLN   N   H2   sing N N 170 
GLN   CA  C    sing N N 171 
GLN   CA  CB   sing N N 172 
GLN   CA  HA   sing N N 173 
GLN   C   O    doub N N 174 
GLN   C   OXT  sing N N 175 
GLN   CB  CG   sing N N 176 
GLN   CB  HB2  sing N N 177 
GLN   CB  HB3  sing N N 178 
GLN   CG  CD   sing N N 179 
GLN   CG  HG2  sing N N 180 
GLN   CG  HG3  sing N N 181 
GLN   CD  OE1  doub N N 182 
GLN   CD  NE2  sing N N 183 
GLN   NE2 HE21 sing N N 184 
GLN   NE2 HE22 sing N N 185 
GLN   OXT HXT  sing N N 186 
GLU   N   CA   sing N N 187 
GLU   N   H    sing N N 188 
GLU   N   H2   sing N N 189 
GLU   CA  C    sing N N 190 
GLU   CA  CB   sing N N 191 
GLU   CA  HA   sing N N 192 
GLU   C   O    doub N N 193 
GLU   C   OXT  sing N N 194 
GLU   CB  CG   sing N N 195 
GLU   CB  HB2  sing N N 196 
GLU   CB  HB3  sing N N 197 
GLU   CG  CD   sing N N 198 
GLU   CG  HG2  sing N N 199 
GLU   CG  HG3  sing N N 200 
GLU   CD  OE1  doub N N 201 
GLU   CD  OE2  sing N N 202 
GLU   OE2 HE2  sing N N 203 
GLU   OXT HXT  sing N N 204 
GLY   N   CA   sing N N 205 
GLY   N   H    sing N N 206 
GLY   N   H2   sing N N 207 
GLY   CA  C    sing N N 208 
GLY   CA  HA2  sing N N 209 
GLY   CA  HA3  sing N N 210 
GLY   C   O    doub N N 211 
GLY   C   OXT  sing N N 212 
GLY   OXT HXT  sing N N 213 
GOL   C1  O1   sing N N 214 
GOL   C1  C2   sing N N 215 
GOL   C1  H11  sing N N 216 
GOL   C1  H12  sing N N 217 
GOL   O1  HO1  sing N N 218 
GOL   C2  O2   sing N N 219 
GOL   C2  C3   sing N N 220 
GOL   C2  H2   sing N N 221 
GOL   O2  HO2  sing N N 222 
GOL   C3  O3   sing N N 223 
GOL   C3  H31  sing N N 224 
GOL   C3  H32  sing N N 225 
GOL   O3  HO3  sing N N 226 
HIS   N   CA   sing N N 227 
HIS   N   H    sing N N 228 
HIS   N   H2   sing N N 229 
HIS   CA  C    sing N N 230 
HIS   CA  CB   sing N N 231 
HIS   CA  HA   sing N N 232 
HIS   C   O    doub N N 233 
HIS   C   OXT  sing N N 234 
HIS   CB  CG   sing N N 235 
HIS   CB  HB2  sing N N 236 
HIS   CB  HB3  sing N N 237 
HIS   CG  ND1  sing Y N 238 
HIS   CG  CD2  doub Y N 239 
HIS   ND1 CE1  doub Y N 240 
HIS   ND1 HD1  sing N N 241 
HIS   CD2 NE2  sing Y N 242 
HIS   CD2 HD2  sing N N 243 
HIS   CE1 NE2  sing Y N 244 
HIS   CE1 HE1  sing N N 245 
HIS   NE2 HE2  sing N N 246 
HIS   OXT HXT  sing N N 247 
HOH   O   H1   sing N N 248 
HOH   O   H2   sing N N 249 
ILE   N   CA   sing N N 250 
ILE   N   H    sing N N 251 
ILE   N   H2   sing N N 252 
ILE   CA  C    sing N N 253 
ILE   CA  CB   sing N N 254 
ILE   CA  HA   sing N N 255 
ILE   C   O    doub N N 256 
ILE   C   OXT  sing N N 257 
ILE   CB  CG1  sing N N 258 
ILE   CB  CG2  sing N N 259 
ILE   CB  HB   sing N N 260 
ILE   CG1 CD1  sing N N 261 
ILE   CG1 HG12 sing N N 262 
ILE   CG1 HG13 sing N N 263 
ILE   CG2 HG21 sing N N 264 
ILE   CG2 HG22 sing N N 265 
ILE   CG2 HG23 sing N N 266 
ILE   CD1 HD11 sing N N 267 
ILE   CD1 HD12 sing N N 268 
ILE   CD1 HD13 sing N N 269 
ILE   OXT HXT  sing N N 270 
LEU   N   CA   sing N N 271 
LEU   N   H    sing N N 272 
LEU   N   H2   sing N N 273 
LEU   CA  C    sing N N 274 
LEU   CA  CB   sing N N 275 
LEU   CA  HA   sing N N 276 
LEU   C   O    doub N N 277 
LEU   C   OXT  sing N N 278 
LEU   CB  CG   sing N N 279 
LEU   CB  HB2  sing N N 280 
LEU   CB  HB3  sing N N 281 
LEU   CG  CD1  sing N N 282 
LEU   CG  CD2  sing N N 283 
LEU   CG  HG   sing N N 284 
LEU   CD1 HD11 sing N N 285 
LEU   CD1 HD12 sing N N 286 
LEU   CD1 HD13 sing N N 287 
LEU   CD2 HD21 sing N N 288 
LEU   CD2 HD22 sing N N 289 
LEU   CD2 HD23 sing N N 290 
LEU   OXT HXT  sing N N 291 
LYS   N   CA   sing N N 292 
LYS   N   H    sing N N 293 
LYS   N   H2   sing N N 294 
LYS   CA  C    sing N N 295 
LYS   CA  CB   sing N N 296 
LYS   CA  HA   sing N N 297 
LYS   C   O    doub N N 298 
LYS   C   OXT  sing N N 299 
LYS   CB  CG   sing N N 300 
LYS   CB  HB2  sing N N 301 
LYS   CB  HB3  sing N N 302 
LYS   CG  CD   sing N N 303 
LYS   CG  HG2  sing N N 304 
LYS   CG  HG3  sing N N 305 
LYS   CD  CE   sing N N 306 
LYS   CD  HD2  sing N N 307 
LYS   CD  HD3  sing N N 308 
LYS   CE  NZ   sing N N 309 
LYS   CE  HE2  sing N N 310 
LYS   CE  HE3  sing N N 311 
LYS   NZ  HZ1  sing N N 312 
LYS   NZ  HZ2  sing N N 313 
LYS   NZ  HZ3  sing N N 314 
LYS   OXT HXT  sing N N 315 
MET   N   CA   sing N N 316 
MET   N   H    sing N N 317 
MET   N   H2   sing N N 318 
MET   CA  C    sing N N 319 
MET   CA  CB   sing N N 320 
MET   CA  HA   sing N N 321 
MET   C   O    doub N N 322 
MET   C   OXT  sing N N 323 
MET   CB  CG   sing N N 324 
MET   CB  HB2  sing N N 325 
MET   CB  HB3  sing N N 326 
MET   CG  SD   sing N N 327 
MET   CG  HG2  sing N N 328 
MET   CG  HG3  sing N N 329 
MET   SD  CE   sing N N 330 
MET   CE  HE1  sing N N 331 
MET   CE  HE2  sing N N 332 
MET   CE  HE3  sing N N 333 
MET   OXT HXT  sing N N 334 
PHE   N   CA   sing N N 335 
PHE   N   H    sing N N 336 
PHE   N   H2   sing N N 337 
PHE   CA  C    sing N N 338 
PHE   CA  CB   sing N N 339 
PHE   CA  HA   sing N N 340 
PHE   C   O    doub N N 341 
PHE   C   OXT  sing N N 342 
PHE   CB  CG   sing N N 343 
PHE   CB  HB2  sing N N 344 
PHE   CB  HB3  sing N N 345 
PHE   CG  CD1  doub Y N 346 
PHE   CG  CD2  sing Y N 347 
PHE   CD1 CE1  sing Y N 348 
PHE   CD1 HD1  sing N N 349 
PHE   CD2 CE2  doub Y N 350 
PHE   CD2 HD2  sing N N 351 
PHE   CE1 CZ   doub Y N 352 
PHE   CE1 HE1  sing N N 353 
PHE   CE2 CZ   sing Y N 354 
PHE   CE2 HE2  sing N N 355 
PHE   CZ  HZ   sing N N 356 
PHE   OXT HXT  sing N N 357 
PRO   N   CA   sing N N 358 
PRO   N   CD   sing N N 359 
PRO   N   H    sing N N 360 
PRO   CA  C    sing N N 361 
PRO   CA  CB   sing N N 362 
PRO   CA  HA   sing N N 363 
PRO   C   O    doub N N 364 
PRO   C   OXT  sing N N 365 
PRO   CB  CG   sing N N 366 
PRO   CB  HB2  sing N N 367 
PRO   CB  HB3  sing N N 368 
PRO   CG  CD   sing N N 369 
PRO   CG  HG2  sing N N 370 
PRO   CG  HG3  sing N N 371 
PRO   CD  HD2  sing N N 372 
PRO   CD  HD3  sing N N 373 
PRO   OXT HXT  sing N N 374 
SER   N   CA   sing N N 375 
SER   N   H    sing N N 376 
SER   N   H2   sing N N 377 
SER   CA  C    sing N N 378 
SER   CA  CB   sing N N 379 
SER   CA  HA   sing N N 380 
SER   C   O    doub N N 381 
SER   C   OXT  sing N N 382 
SER   CB  OG   sing N N 383 
SER   CB  HB2  sing N N 384 
SER   CB  HB3  sing N N 385 
SER   OG  HG   sing N N 386 
SER   OXT HXT  sing N N 387 
THR   N   CA   sing N N 388 
THR   N   H    sing N N 389 
THR   N   H2   sing N N 390 
THR   CA  C    sing N N 391 
THR   CA  CB   sing N N 392 
THR   CA  HA   sing N N 393 
THR   C   O    doub N N 394 
THR   C   OXT  sing N N 395 
THR   CB  OG1  sing N N 396 
THR   CB  CG2  sing N N 397 
THR   CB  HB   sing N N 398 
THR   OG1 HG1  sing N N 399 
THR   CG2 HG21 sing N N 400 
THR   CG2 HG22 sing N N 401 
THR   CG2 HG23 sing N N 402 
THR   OXT HXT  sing N N 403 
TRP   N   CA   sing N N 404 
TRP   N   H    sing N N 405 
TRP   N   H2   sing N N 406 
TRP   CA  C    sing N N 407 
TRP   CA  CB   sing N N 408 
TRP   CA  HA   sing N N 409 
TRP   C   O    doub N N 410 
TRP   C   OXT  sing N N 411 
TRP   CB  CG   sing N N 412 
TRP   CB  HB2  sing N N 413 
TRP   CB  HB3  sing N N 414 
TRP   CG  CD1  doub Y N 415 
TRP   CG  CD2  sing Y N 416 
TRP   CD1 NE1  sing Y N 417 
TRP   CD1 HD1  sing N N 418 
TRP   CD2 CE2  doub Y N 419 
TRP   CD2 CE3  sing Y N 420 
TRP   NE1 CE2  sing Y N 421 
TRP   NE1 HE1  sing N N 422 
TRP   CE2 CZ2  sing Y N 423 
TRP   CE3 CZ3  doub Y N 424 
TRP   CE3 HE3  sing N N 425 
TRP   CZ2 CH2  doub Y N 426 
TRP   CZ2 HZ2  sing N N 427 
TRP   CZ3 CH2  sing Y N 428 
TRP   CZ3 HZ3  sing N N 429 
TRP   CH2 HH2  sing N N 430 
TRP   OXT HXT  sing N N 431 
TYR   N   CA   sing N N 432 
TYR   N   H    sing N N 433 
TYR   N   H2   sing N N 434 
TYR   CA  C    sing N N 435 
TYR   CA  CB   sing N N 436 
TYR   CA  HA   sing N N 437 
TYR   C   O    doub N N 438 
TYR   C   OXT  sing N N 439 
TYR   CB  CG   sing N N 440 
TYR   CB  HB2  sing N N 441 
TYR   CB  HB3  sing N N 442 
TYR   CG  CD1  doub Y N 443 
TYR   CG  CD2  sing Y N 444 
TYR   CD1 CE1  sing Y N 445 
TYR   CD1 HD1  sing N N 446 
TYR   CD2 CE2  doub Y N 447 
TYR   CD2 HD2  sing N N 448 
TYR   CE1 CZ   doub Y N 449 
TYR   CE1 HE1  sing N N 450 
TYR   CE2 CZ   sing Y N 451 
TYR   CE2 HE2  sing N N 452 
TYR   CZ  OH   sing N N 453 
TYR   OH  HH   sing N N 454 
TYR   OXT HXT  sing N N 455 
VAL   N   CA   sing N N 456 
VAL   N   H    sing N N 457 
VAL   N   H2   sing N N 458 
VAL   CA  C    sing N N 459 
VAL   CA  CB   sing N N 460 
VAL   CA  HA   sing N N 461 
VAL   C   O    doub N N 462 
VAL   C   OXT  sing N N 463 
VAL   CB  CG1  sing N N 464 
VAL   CB  CG2  sing N N 465 
VAL   CB  HB   sing N N 466 
VAL   CG1 HG11 sing N N 467 
VAL   CG1 HG12 sing N N 468 
VAL   CG1 HG13 sing N N 469 
VAL   CG2 HG21 sing N N 470 
VAL   CG2 HG22 sing N N 471 
VAL   CG2 HG23 sing N N 472 
VAL   OXT HXT  sing N N 473 
# 
_pdbx_audit_support.funding_organization   'Ministry of Science and Technology (MoST, China)' 
_pdbx_audit_support.country                China 
_pdbx_audit_support.grant_number           2022YFE0210600 
_pdbx_audit_support.ordinal                1 
# 
_pdbx_initial_refinement_model.id               1 
_pdbx_initial_refinement_model.entity_id_list   ? 
_pdbx_initial_refinement_model.type             'experimental model' 
_pdbx_initial_refinement_model.source_name      PDB 
_pdbx_initial_refinement_model.accession_code   5XXH 
_pdbx_initial_refinement_model.details          ? 
# 
_atom_sites.entry_id                    9JUU 
_atom_sites.Cartn_transf_matrix[1][1]   ? 
_atom_sites.Cartn_transf_matrix[1][2]   ? 
_atom_sites.Cartn_transf_matrix[1][3]   ? 
_atom_sites.Cartn_transf_matrix[2][1]   ? 
_atom_sites.Cartn_transf_matrix[2][2]   ? 
_atom_sites.Cartn_transf_matrix[2][3]   ? 
_atom_sites.Cartn_transf_matrix[3][1]   ? 
_atom_sites.Cartn_transf_matrix[3][2]   ? 
_atom_sites.Cartn_transf_matrix[3][3]   ? 
_atom_sites.Cartn_transf_vector[1]      ? 
_atom_sites.Cartn_transf_vector[2]      ? 
_atom_sites.Cartn_transf_vector[3]      ? 
_atom_sites.Cartn_transform_axes        ? 
_atom_sites.fract_transf_matrix[1][1]   -0.01911808 
_atom_sites.fract_transf_matrix[1][2]   0.00491026 
_atom_sites.fract_transf_matrix[1][3]   0.00591570 
_atom_sites.fract_transf_matrix[2][1]   -0.00562369 
_atom_sites.fract_transf_matrix[2][2]   -0.01635940 
_atom_sites.fract_transf_matrix[2][3]   -0.00459545 
_atom_sites.fract_transf_matrix[3][1]   0.00177429 
_atom_sites.fract_transf_matrix[3][2]   -0.00289587 
_atom_sites.fract_transf_matrix[3][3]   0.00813775 
_atom_sites.fract_transf_vector[1]      0.132215 
_atom_sites.fract_transf_vector[2]      0.184767 
_atom_sites.fract_transf_vector[3]      0.139604 
_atom_sites.solution_primary            ? 
_atom_sites.solution_secondary          ? 
_atom_sites.solution_hydrogens          ? 
_atom_sites.special_details             ? 
# 
loop_
_atom_type.symbol 
C  
CL 
N  
O  
S  
# 
loop_
_atom_site.group_PDB 
_atom_site.id 
_atom_site.type_symbol 
_atom_site.label_atom_id 
_atom_site.label_alt_id 
_atom_site.label_comp_id 
_atom_site.label_asym_id 
_atom_site.label_entity_id 
_atom_site.label_seq_id 
_atom_site.pdbx_PDB_ins_code 
_atom_site.Cartn_x 
_atom_site.Cartn_y 
_atom_site.Cartn_z 
_atom_site.occupancy 
_atom_site.B_iso_or_equiv 
_atom_site.pdbx_formal_charge 
_atom_site.auth_seq_id 
_atom_site.auth_comp_id 
_atom_site.auth_asym_id 
_atom_site.auth_atom_id 
_atom_site.pdbx_PDB_model_num 
ATOM   1    N  N    . ARG   A 1 17  ? 8.744   -17.979 17.635  1.00 49.72 ? 1081 ARG   A N    1 
ATOM   2    C  CA   . ARG   A 1 17  ? 8.198   -17.396 16.385  1.00 44.86 ? 1081 ARG   A CA   1 
ATOM   3    C  C    . ARG   A 1 17  ? 9.106   -16.266 15.877  1.00 37.28 ? 1081 ARG   A C    1 
ATOM   4    O  O    . ARG   A 1 17  ? 8.754   -15.671 14.852  1.00 35.99 ? 1081 ARG   A O    1 
ATOM   5    C  CB   . ARG   A 1 17  ? 6.766   -16.893 16.596  1.00 47.40 ? 1081 ARG   A CB   1 
ATOM   6    C  CG   . ARG   A 1 17  ? 5.783   -17.974 17.032  1.00 52.70 ? 1081 ARG   A CG   1 
ATOM   7    C  CD   . ARG   A 1 17  ? 4.334   -17.519 16.982  1.00 56.42 ? 1081 ARG   A CD   1 
ATOM   8    N  NE   . ARG   A 1 17  ? 4.088   -16.639 15.847  1.00 58.67 ? 1081 ARG   A NE   1 
ATOM   9    C  CZ   . ARG   A 1 17  ? 4.000   -17.032 14.575  1.00 62.88 ? 1081 ARG   A CZ   1 
ATOM   10   N  NH1  . ARG   A 1 17  ? 4.126   -18.310 14.250  1.00 62.18 ? 1081 ARG   A NH1  1 
ATOM   11   N  NH2  . ARG   A 1 17  ? 3.785   -16.136 13.625  1.00 64.20 ? 1081 ARG   A NH2  1 
ATOM   12   N  N    . LYS   A 1 18  ? 10.236  -15.988 16.539  1.00 32.95 ? 1082 LYS   A N    1 
ATOM   13   C  CA   . LYS   A 1 18  ? 11.315  -15.153 15.948  1.00 31.24 ? 1082 LYS   A CA   1 
ATOM   14   C  C    . LYS   A 1 18  ? 11.862  -15.873 14.712  1.00 28.97 ? 1082 LYS   A C    1 
ATOM   15   O  O    . LYS   A 1 18  ? 11.976  -17.111 14.716  1.00 26.45 ? 1082 LYS   A O    1 
ATOM   16   C  CB   . LYS   A 1 18  ? 12.421  -14.838 16.956  1.00 31.48 ? 1082 LYS   A CB   1 
ATOM   17   C  CG   . LYS   A 1 18  ? 12.058  -13.751 17.956  1.00 34.98 ? 1082 LYS   A CG   1 
ATOM   18   C  CD   . LYS   A 1 18  ? 13.162  -13.403 18.923  1.00 36.76 ? 1082 LYS   A CD   1 
ATOM   19   C  CE   . LYS   A 1 18  ? 12.806  -12.217 19.791  1.00 40.54 ? 1082 LYS   A CE   1 
ATOM   20   N  NZ   . LYS   A 1 18  ? 13.653  -12.169 21.005  1.00 45.28 ? 1082 LYS   A NZ   1 
ATOM   21   N  N    . LYS   A 1 19  ? 12.151  -15.116 13.663  1.00 25.95 ? 1083 LYS   A N    1 
ATOM   22   C  CA   . LYS   A 1 19  ? 12.797  -15.648 12.444  1.00 26.81 ? 1083 LYS   A CA   1 
ATOM   23   C  C    . LYS   A 1 19  ? 13.537  -14.507 11.755  1.00 27.73 ? 1083 LYS   A C    1 
ATOM   24   O  O    . LYS   A 1 19  ? 12.967  -13.406 11.645  1.00 26.78 ? 1083 LYS   A O    1 
ATOM   25   C  CB   . LYS   A 1 19  ? 11.799  -16.276 11.471  1.00 26.68 ? 1083 LYS   A CB   1 
ATOM   26   C  CG   . LYS   A 1 19  ? 12.444  -16.795 10.195  1.00 29.66 ? 1083 LYS   A CG   1 
ATOM   27   C  CD   . LYS   A 1 19  ? 11.581  -17.677 9.337   1.00 33.89 ? 1083 LYS   A CD   1 
ATOM   28   C  CE   . LYS   A 1 19  ? 12.362  -18.249 8.175   1.00 37.74 ? 1083 LYS   A CE   1 
ATOM   29   N  NZ   . LYS   A 1 19  ? 11.470  -18.840 7.153   1.00 41.97 ? 1083 LYS   A NZ   1 
ATOM   30   N  N    . ILE   A 1 20  ? 14.761  -14.775 11.318  1.00 26.31 ? 1084 ILE   A N    1 
ATOM   31   C  CA   . ILE   A 1 20  ? 15.544  -13.849 10.456  1.00 27.38 ? 1084 ILE   A CA   1 
ATOM   32   C  C    . ILE   A 1 20  ? 15.274  -14.253 9.008   1.00 28.60 ? 1084 ILE   A C    1 
ATOM   33   O  O    . ILE   A 1 20  ? 15.519  -15.414 8.655   1.00 28.13 ? 1084 ILE   A O    1 
ATOM   34   C  CB   . ILE   A 1 20  ? 17.033  -13.884 10.839  1.00 28.83 ? 1084 ILE   A CB   1 
ATOM   35   C  CG1  . ILE   A 1 20  ? 17.232  -13.432 12.287  1.00 28.95 ? 1084 ILE   A CG1  1 
ATOM   36   C  CG2  . ILE   A 1 20  ? 17.865  -13.052 9.872   1.00 28.68 ? 1084 ILE   A CG2  1 
ATOM   37   C  CD1  . ILE   A 1 20  ? 18.559  -13.857 12.890  1.00 30.16 ? 1084 ILE   A CD1  1 
ATOM   38   N  N    . PHE   A 1 21  ? 14.755  -13.318 8.205   1.00 28.25 ? 1085 PHE   A N    1 
ATOM   39   C  CA   . PHE   A 1 21  ? 14.490  -13.513 6.760   1.00 31.03 ? 1085 PHE   A CA   1 
ATOM   40   C  C    . PHE   A 1 21  ? 15.656  -12.938 5.954   1.00 32.28 ? 1085 PHE   A C    1 
ATOM   41   O  O    . PHE   A 1 21  ? 16.239  -11.940 6.391   1.00 34.42 ? 1085 PHE   A O    1 
ATOM   42   C  CB   . PHE   A 1 21  ? 13.179  -12.837 6.358   1.00 30.58 ? 1085 PHE   A CB   1 
ATOM   43   C  CG   . PHE   A 1 21  ? 11.935  -13.522 6.859   1.00 30.86 ? 1085 PHE   A CG   1 
ATOM   44   C  CD1  . PHE   A 1 21  ? 11.390  -13.202 8.091   1.00 30.14 ? 1085 PHE   A CD1  1 
ATOM   45   C  CD2  . PHE   A 1 21  ? 11.320  -14.502 6.098   1.00 32.62 ? 1085 PHE   A CD2  1 
ATOM   46   C  CE1  . PHE   A 1 21  ? 10.248  -13.848 8.547   1.00 32.08 ? 1085 PHE   A CE1  1 
ATOM   47   C  CE2  . PHE   A 1 21  ? 10.173  -15.133 6.551   1.00 31.90 ? 1085 PHE   A CE2  1 
ATOM   48   C  CZ   . PHE   A 1 21  ? 9.641   -14.805 7.771   1.00 31.21 ? 1085 PHE   A CZ   1 
ATOM   49   N  N    . LYS   A 1 22  ? 15.975  -13.561 4.823   1.00 36.66 ? 1086 LYS   A N    1 
ATOM   50   C  CA   . LYS   A 1 22  ? 16.892  -12.989 3.807   1.00 39.34 ? 1086 LYS   A CA   1 
ATOM   51   C  C    . LYS   A 1 22  ? 16.080  -11.983 2.995   1.00 38.53 ? 1086 LYS   A C    1 
ATOM   52   O  O    . LYS   A 1 22  ? 14.975  -12.304 2.564   1.00 37.60 ? 1086 LYS   A O    1 
ATOM   53   C  CB   . LYS   A 1 22  ? 17.499  -14.119 2.971   1.00 43.79 ? 1086 LYS   A CB   1 
ATOM   54   C  CG   . LYS   A 1 22  ? 18.930  -13.873 2.512   1.00 49.91 ? 1086 LYS   A CG   1 
ATOM   55   C  CD   . LYS   A 1 22  ? 19.902  -14.943 2.957   1.00 51.03 ? 1086 LYS   A CD   1 
ATOM   56   C  CE   . LYS   A 1 22  ? 19.998  -16.100 1.985   1.00 52.70 ? 1086 LYS   A CE   1 
ATOM   57   N  NZ   . LYS   A 1 22  ? 21.130  -15.916 1.044   1.00 52.96 ? 1086 LYS   A NZ   1 
ATOM   58   N  N    . PRO   A 1 23  ? 16.542  -10.722 2.807   1.00 36.40 ? 1087 PRO   A N    1 
ATOM   59   C  CA   . PRO   A 1 23  ? 15.758  -9.732  2.071   1.00 36.18 ? 1087 PRO   A CA   1 
ATOM   60   C  C    . PRO   A 1 23  ? 15.288  -10.254 0.705   1.00 34.31 ? 1087 PRO   A C    1 
ATOM   61   O  O    . PRO   A 1 23  ? 14.168  -9.973  0.330   1.00 31.94 ? 1087 PRO   A O    1 
ATOM   62   C  CB   . PRO   A 1 23  ? 16.681  -8.506  1.929   1.00 37.48 ? 1087 PRO   A CB   1 
ATOM   63   C  CG   . PRO   A 1 23  ? 18.040  -8.954  2.444   1.00 38.13 ? 1087 PRO   A CG   1 
ATOM   64   C  CD   . PRO   A 1 23  ? 17.797  -10.160 3.326   1.00 37.91 ? 1087 PRO   A CD   1 
ATOM   65   N  N    . GLU   A 1 24  ? 16.120  -11.021 -0.005  1.00 35.56 ? 1088 GLU   A N    1 
ATOM   66   C  CA   . GLU   A 1 24  ? 15.730  -11.524 -1.348  1.00 37.84 ? 1088 GLU   A CA   1 
ATOM   67   C  C    . GLU   A 1 24  ? 14.627  -12.580 -1.191  1.00 37.12 ? 1088 GLU   A C    1 
ATOM   68   O  O    . GLU   A 1 24  ? 13.769  -12.649 -2.086  1.00 37.95 ? 1088 GLU   A O    1 
ATOM   69   C  CB   . GLU   A 1 24  ? 16.935  -12.021 -2.152  1.00 42.08 ? 1088 GLU   A CB   1 
ATOM   70   C  CG   . GLU   A 1 24  ? 16.688  -12.011 -3.657  1.00 47.43 ? 1088 GLU   A CG   1 
ATOM   71   C  CD   . GLU   A 1 24  ? 16.059  -10.742 -4.228  1.00 50.65 ? 1088 GLU   A CD   1 
ATOM   72   O  OE1  . GLU   A 1 24  ? 16.496  -9.630  -3.846  1.00 56.08 ? 1088 GLU   A OE1  1 
ATOM   73   O  OE2  . GLU   A 1 24  ? 15.123  -10.863 -5.044  1.00 54.20 ? 1088 GLU   A OE2  1 
ATOM   74   N  N    . GLU   A 1 25  ? 14.604  -13.330 -0.083  1.00 37.97 ? 1089 GLU   A N    1 
ATOM   75   C  CA   . GLU   A 1 25  ? 13.533  -14.331 0.199   1.00 38.71 ? 1089 GLU   A CA   1 
ATOM   76   C  C    . GLU   A 1 25  ? 12.223  -13.577 0.473   1.00 34.79 ? 1089 GLU   A C    1 
ATOM   77   O  O    . GLU   A 1 25  ? 11.192  -13.949 -0.133  1.00 35.39 ? 1089 GLU   A O    1 
ATOM   78   C  CB   . GLU   A 1 25  ? 13.947  -15.312 1.312   1.00 42.99 ? 1089 GLU   A CB   1 
ATOM   79   C  CG   . GLU   A 1 25  ? 13.166  -15.198 2.619   1.00 45.57 ? 1089 GLU   A CG   1 
ATOM   80   C  CD   . GLU   A 1 25  ? 13.568  -16.190 3.708   1.00 49.35 ? 1089 GLU   A CD   1 
ATOM   81   O  OE1  . GLU   A 1 25  ? 14.685  -16.051 4.270   1.00 45.67 ? 1089 GLU   A OE1  1 
ATOM   82   O  OE2  . GLU   A 1 25  ? 12.759  -17.103 4.002   1.00 54.32 ? 1089 GLU   A OE2  1 
ATOM   83   N  N    . LEU   A 1 26  ? 12.254  -12.547 1.326   1.00 33.30 ? 1090 LEU   A N    1 
ATOM   84   C  CA   . LEU   A 1 26  ? 11.088  -11.665 1.597   1.00 35.28 ? 1090 LEU   A CA   1 
ATOM   85   C  C    . LEU   A 1 26  ? 10.592  -11.090 0.276   1.00 32.92 ? 1090 LEU   A C    1 
ATOM   86   O  O    . LEU   A 1 26  ? 9.387   -11.185 -0.007  1.00 32.69 ? 1090 LEU   A O    1 
ATOM   87   C  CB   . LEU   A 1 26  ? 11.471  -10.518 2.538   1.00 37.46 ? 1090 LEU   A CB   1 
ATOM   88   C  CG   . LEU   A 1 26  ? 11.229  -10.765 4.019   1.00 37.77 ? 1090 LEU   A CG   1 
ATOM   89   C  CD1  . LEU   A 1 26  ? 11.535  -9.514  4.815   1.00 36.43 ? 1090 LEU   A CD1  1 
ATOM   90   C  CD2  . LEU   A 1 26  ? 9.809   -11.248 4.278   1.00 36.94 ? 1090 LEU   A CD2  1 
ATOM   91   N  N    . ARG   A 1 27  ? 11.501  -10.492 -0.491  1.00 32.75 ? 1091 ARG   A N    1 
ATOM   92   C  CA   . ARG   A 1 27  ? 11.155  -9.808  -1.758  1.00 33.09 ? 1091 ARG   A CA   1 
ATOM   93   C  C    . ARG   A 1 27  ? 10.431  -10.796 -2.681  1.00 33.33 ? 1091 ARG   A C    1 
ATOM   94   O  O    . ARG   A 1 27  ? 9.344   -10.459 -3.178  1.00 33.59 ? 1091 ARG   A O    1 
ATOM   95   C  CB   . ARG   A 1 27  ? 12.409  -9.201  -2.390  1.00 34.93 ? 1091 ARG   A CB   1 
ATOM   96   C  CG   . ARG   A 1 27  ? 12.113  -8.301  -3.577  1.00 36.91 ? 1091 ARG   A CG   1 
ATOM   97   C  CD   . ARG   A 1 27  ? 13.335  -7.512  -4.002  1.00 38.86 ? 1091 ARG   A CD   1 
ATOM   98   N  NE   . ARG   A 1 27  ? 13.133  -6.923  -5.317  1.00 41.45 ? 1091 ARG   A NE   1 
ATOM   99   N  N    . GLN   A 1 28  ? 10.985  -11.994 -2.894  1.00 33.60 ? 1092 GLN   A N    1 
ATOM   100  C  CA   . GLN   A 1 28  ? 10.374  -12.986 -3.820  1.00 35.38 ? 1092 GLN   A CA   1 
ATOM   101  C  C    . GLN   A 1 28  ? 8.996   -13.415 -3.300  1.00 33.66 ? 1092 GLN   A C    1 
ATOM   102  O  O    . GLN   A 1 28  ? 8.095   -13.586 -4.134  1.00 35.39 ? 1092 GLN   A O    1 
ATOM   103  C  CB   . GLN   A 1 28  ? 11.308  -14.179 -4.040  1.00 39.48 ? 1092 GLN   A CB   1 
ATOM   104  C  CG   . GLN   A 1 28  ? 12.541  -13.836 -4.871  1.00 45.20 ? 1092 GLN   A CG   1 
ATOM   105  C  CD   . GLN   A 1 28  ? 12.230  -13.141 -6.177  1.00 49.42 ? 1092 GLN   A CD   1 
ATOM   106  O  OE1  . GLN   A 1 28  ? 12.819  -12.113 -6.510  1.00 53.18 ? 1092 GLN   A OE1  1 
ATOM   107  N  NE2  . GLN   A 1 28  ? 11.293  -13.695 -6.929  1.00 51.00 ? 1092 GLN   A NE2  1 
ATOM   108  N  N    . ALA   A 1 29  ? 8.818   -13.543 -1.982  1.00 31.40 ? 1093 ALA   A N    1 
ATOM   109  C  CA   . ALA   A 1 29  ? 7.556   -13.998 -1.352  1.00 31.66 ? 1093 ALA   A CA   1 
ATOM   110  C  C    . ALA   A 1 29  ? 6.493   -12.892 -1.415  1.00 32.23 ? 1093 ALA   A C    1 
ATOM   111  O  O    . ALA   A 1 29  ? 5.318   -13.213 -1.662  1.00 33.48 ? 1093 ALA   A O    1 
ATOM   112  C  CB   . ALA   A 1 29  ? 7.800   -14.431 0.067   1.00 32.50 ? 1093 ALA   A CB   1 
ATOM   113  N  N    . LEU   A 1 30  ? 6.888   -11.635 -1.203  1.00 29.59 ? 1094 LEU   A N    1 
ATOM   114  C  CA   . LEU   A 1 30  ? 5.922   -10.511 -1.040  1.00 28.64 ? 1094 LEU   A CA   1 
ATOM   115  C  C    . LEU   A 1 30  ? 5.679   -9.789  -2.372  1.00 28.86 ? 1094 LEU   A C    1 
ATOM   116  O  O    . LEU   A 1 30  ? 4.575   -9.253  -2.546  1.00 26.95 ? 1094 LEU   A O    1 
ATOM   117  C  CB   . LEU   A 1 30  ? 6.454   -9.550  0.024   1.00 28.10 ? 1094 LEU   A CB   1 
ATOM   118  C  CG   . LEU   A 1 30  ? 6.589   -10.129 1.433   1.00 28.50 ? 1094 LEU   A CG   1 
ATOM   119  C  CD1  . LEU   A 1 30  ? 7.259   -9.134  2.359   1.00 29.54 ? 1094 LEU   A CD1  1 
ATOM   120  C  CD2  . LEU   A 1 30  ? 5.242   -10.548 1.986   1.00 28.88 ? 1094 LEU   A CD2  1 
ATOM   121  N  N    . MET   A 1 31  ? 6.642   -9.772  -3.292  1.00 31.18 ? 1095 MET   A N    1 
ATOM   122  C  CA   . MET   A 1 31  ? 6.550   -8.944  -4.531  1.00 33.41 ? 1095 MET   A CA   1 
ATOM   123  C  C    . MET   A 1 31  ? 5.268   -9.269  -5.296  1.00 32.39 ? 1095 MET   A C    1 
ATOM   124  O  O    . MET   A 1 31  ? 4.594   -8.353  -5.764  1.00 29.99 ? 1095 MET   A O    1 
ATOM   125  C  CB   . MET   A 1 31  ? 7.766   -9.133  -5.445  1.00 37.64 ? 1095 MET   A CB   1 
ATOM   126  C  CG   . MET   A 1 31  ? 7.849   -8.086  -6.543  1.00 43.18 ? 1095 MET   A CG   1 
ATOM   127  S  SD   . MET   A 1 31  ? 9.154   -8.429  -7.760  1.00 55.50 ? 1095 MET   A SD   1 
ATOM   128  C  CE   . MET   A 1 31  ? 10.595  -8.535  -6.700  1.00 51.99 ? 1095 MET   A CE   1 
ATOM   129  N  N    . PRO   A 1 32  ? 4.882   -10.553 -5.483  1.00 32.11 ? 1096 PRO   A N    1 
ATOM   130  C  CA   . PRO   A 1 32  ? 3.650   -10.874 -6.209  1.00 31.56 ? 1096 PRO   A CA   1 
ATOM   131  C  C    . PRO   A 1 32  ? 2.366   -10.250 -5.639  1.00 29.82 ? 1096 PRO   A C    1 
ATOM   132  O  O    . PRO   A 1 32  ? 1.488   -9.933  -6.421  1.00 30.70 ? 1096 PRO   A O    1 
ATOM   133  C  CB   . PRO   A 1 32  ? 3.574   -12.406 -6.102  1.00 34.85 ? 1096 PRO   A CB   1 
ATOM   134  C  CG   . PRO   A 1 32  ? 5.022   -12.819 -6.011  1.00 34.64 ? 1096 PRO   A CG   1 
ATOM   135  C  CD   . PRO   A 1 32  ? 5.644   -11.764 -5.122  1.00 34.57 ? 1096 PRO   A CD   1 
ATOM   136  N  N    . THR   A 1 33  ? 2.277   -10.094 -4.315  1.00 28.95 ? 1097 THR   A N    1 
ATOM   137  C  CA   . THR   A 1 33  ? 1.119   -9.442  -3.636  1.00 29.01 ? 1097 THR   A CA   1 
ATOM   138  C  C    . THR   A 1 33  ? 1.091   -7.957  -4.026  1.00 28.02 ? 1097 THR   A C    1 
ATOM   139  O  O    . THR   A 1 33  ? -0.011  -7.424  -4.231  1.00 28.05 ? 1097 THR   A O    1 
ATOM   140  C  CB   . THR   A 1 33  ? 1.138   -9.653  -2.116  1.00 28.99 ? 1097 THR   A CB   1 
ATOM   141  O  OG1  . THR   A 1 33  ? 2.189   -8.889  -1.519  1.00 28.11 ? 1097 THR   A OG1  1 
ATOM   142  C  CG2  . THR   A 1 33  ? 1.283   -11.113 -1.731  1.00 29.99 ? 1097 THR   A CG2  1 
ATOM   143  N  N    . LEU   A 1 34  ? 2.258   -7.318  -4.140  1.00 26.83 ? 1098 LEU   A N    1 
ATOM   144  C  CA   . LEU   A 1 34  ? 2.373   -5.895  -4.567  1.00 26.89 ? 1098 LEU   A CA   1 
ATOM   145  C  C    . LEU   A 1 34  ? 2.042   -5.781  -6.061  1.00 27.77 ? 1098 LEU   A C    1 
ATOM   146  O  O    . LEU   A 1 34  ? 1.315   -4.844  -6.451  1.00 26.56 ? 1098 LEU   A O    1 
ATOM   147  C  CB   . LEU   A 1 34  ? 3.793   -5.406  -4.276  1.00 28.26 ? 1098 LEU   A CB   1 
ATOM   148  C  CG   . LEU   A 1 34  ? 4.024   -3.909  -4.452  1.00 29.49 ? 1098 LEU   A CG   1 
ATOM   149  C  CD1  . LEU   A 1 34  ? 3.101   -3.119  -3.544  1.00 29.95 ? 1098 LEU   A CD1  1 
ATOM   150  C  CD2  . LEU   A 1 34  ? 5.479   -3.555  -4.193  1.00 31.11 ? 1098 LEU   A CD2  1 
ATOM   151  N  N    . GLU   A 1 35  ? 2.575   -6.685  -6.882  1.00 29.15 ? 1099 GLU   A N    1 
ATOM   152  C  CA   . GLU   A 1 35  ? 2.296   -6.702  -8.343  1.00 31.43 ? 1099 GLU   A CA   1 
ATOM   153  C  C    . GLU   A 1 35  ? 0.787   -6.856  -8.578  1.00 29.22 ? 1099 GLU   A C    1 
ATOM   154  O  O    . GLU   A 1 35  ? 0.284   -6.207  -9.514  1.00 28.76 ? 1099 GLU   A O    1 
ATOM   155  C  CB   . GLU   A 1 35  ? 3.118   -7.788  -9.044  1.00 36.53 ? 1099 GLU   A CB   1 
ATOM   156  C  CG   . GLU   A 1 35  ? 4.534   -7.343  -9.376  1.00 42.43 ? 1099 GLU   A CG   1 
ATOM   157  C  CD   . GLU   A 1 35  ? 4.648   -6.261  -10.443 1.00 49.75 ? 1099 GLU   A CD   1 
ATOM   158  O  OE1  . GLU   A 1 35  ? 4.530   -5.064  -10.098 1.00 56.66 ? 1099 GLU   A OE1  1 
ATOM   159  O  OE2  . GLU   A 1 35  ? 4.854   -6.613  -11.625 1.00 58.21 ? 1099 GLU   A OE2  1 
ATOM   160  N  N    . ALA   A 1 36  ? 0.092   -7.644  -7.751  1.00 27.43 ? 1100 ALA   A N    1 
ATOM   161  C  CA   . ALA   A 1 36  ? -1.375  -7.854  -7.823  1.00 28.42 ? 1100 ALA   A CA   1 
ATOM   162  C  C    . ALA   A 1 36  ? -2.106  -6.519  -7.660  1.00 28.54 ? 1100 ALA   A C    1 
ATOM   163  O  O    . ALA   A 1 36  ? -3.123  -6.313  -8.348  1.00 29.62 ? 1100 ALA   A O    1 
ATOM   164  C  CB   . ALA   A 1 36  ? -1.833  -8.841  -6.786  1.00 28.08 ? 1100 ALA   A CB   1 
ATOM   165  N  N    . LEU   A 1 37  ? -1.625  -5.644  -6.774  1.00 26.74 ? 1101 LEU   A N    1 
ATOM   166  C  CA   . LEU   A 1 37  ? -2.242  -4.302  -6.577  1.00 26.28 ? 1101 LEU   A CA   1 
ATOM   167  C  C    . LEU   A 1 37  ? -1.986  -3.429  -7.814  1.00 26.75 ? 1101 LEU   A C    1 
ATOM   168  O  O    . LEU   A 1 37  ? -2.948  -2.820  -8.325  1.00 26.50 ? 1101 LEU   A O    1 
ATOM   169  C  CB   . LEU   A 1 37  ? -1.684  -3.685  -5.291  1.00 26.87 ? 1101 LEU   A CB   1 
ATOM   170  C  CG   . LEU   A 1 37  ? -1.975  -4.460  -4.004  1.00 27.02 ? 1101 LEU   A CG   1 
ATOM   171  C  CD1  . LEU   A 1 37  ? -1.533  -3.668  -2.779  1.00 28.14 ? 1101 LEU   A CD1  1 
ATOM   172  C  CD2  . LEU   A 1 37  ? -3.445  -4.843  -3.889  1.00 28.55 ? 1101 LEU   A CD2  1 
ATOM   173  N  N    . TYR   A 1 38  ? -0.752  -3.381  -8.309  1.00 25.99 ? 1102 TYR   A N    1 
ATOM   174  C  CA   . TYR   A 1 38  ? -0.359  -2.542  -9.471  1.00 26.71 ? 1102 TYR   A CA   1 
ATOM   175  C  C    . TYR   A 1 38  ? -1.191  -2.933  -10.698 1.00 28.81 ? 1102 TYR   A C    1 
ATOM   176  O  O    . TYR   A 1 38  ? -1.536  -2.038  -11.499 1.00 31.38 ? 1102 TYR   A O    1 
ATOM   177  C  CB   . TYR   A 1 38  ? 1.127   -2.708  -9.779  1.00 26.75 ? 1102 TYR   A CB   1 
ATOM   178  C  CG   . TYR   A 1 38  ? 2.044   -1.724  -9.106  1.00 26.13 ? 1102 TYR   A CG   1 
ATOM   179  C  CD1  . TYR   A 1 38  ? 2.208   -0.437  -9.599  1.00 26.27 ? 1102 TYR   A CD1  1 
ATOM   180  C  CD2  . TYR   A 1 38  ? 2.788   -2.090  -7.992  1.00 25.93 ? 1102 TYR   A CD2  1 
ATOM   181  C  CE1  . TYR   A 1 38  ? 3.069   0.466   -8.992  1.00 25.65 ? 1102 TYR   A CE1  1 
ATOM   182  C  CE2  . TYR   A 1 38  ? 3.655   -1.201  -7.381  1.00 25.51 ? 1102 TYR   A CE2  1 
ATOM   183  C  CZ   . TYR   A 1 38  ? 3.796   0.081   -7.876  1.00 25.19 ? 1102 TYR   A CZ   1 
ATOM   184  O  OH   . TYR   A 1 38  ? 4.659   0.951   -7.285  1.00 26.68 ? 1102 TYR   A OH   1 
ATOM   185  N  N    . ARG   A 1 39  ? -1.512  -4.225  -10.824 1.00 30.79 ? 1103 ARG   A N    1 
ATOM   186  C  CA   . ARG   A 1 39  ? -2.243  -4.792  -11.991 1.00 33.35 ? 1103 ARG   A CA   1 
ATOM   187  C  C    . ARG   A 1 39  ? -3.700  -4.321  -11.998 1.00 32.11 ? 1103 ARG   A C    1 
ATOM   188  O  O    . ARG   A 1 39  ? -4.332  -4.423  -13.061 1.00 31.95 ? 1103 ARG   A O    1 
ATOM   189  C  CB   . ARG   A 1 39  ? -2.191  -6.325  -11.988 1.00 37.54 ? 1103 ARG   A CB   1 
ATOM   190  C  CG   . ARG   A 1 39  ? -1.102  -6.904  -12.877 1.00 42.79 ? 1103 ARG   A CG   1 
ATOM   191  C  CD   . ARG   A 1 39  ? -1.185  -8.414  -12.997 1.00 46.16 ? 1103 ARG   A CD   1 
ATOM   192  N  NE   . ARG   A 1 39  ? -0.253  -9.068  -12.089 1.00 50.11 ? 1103 ARG   A NE   1 
ATOM   193  C  CZ   . ARG   A 1 39  ? -0.580  -9.845  -11.058 1.00 50.29 ? 1103 ARG   A CZ   1 
ATOM   194  N  NH1  . ARG   A 1 39  ? 0.380   -10.367 -10.315 1.00 54.72 ? 1103 ARG   A NH1  1 
ATOM   195  N  NH2  . ARG   A 1 39  ? -1.845  -10.102 -10.767 1.00 51.10 ? 1103 ARG   A NH2  1 
ATOM   196  N  N    . GLN   A 1 40  ? -4.237  -3.858  -10.865 1.00 31.34 ? 1104 GLN   A N    1 
ATOM   197  C  CA   . GLN   A 1 40  ? -5.635  -3.360  -10.808 1.00 31.70 ? 1104 GLN   A CA   1 
ATOM   198  C  C    . GLN   A 1 40  ? -5.693  -2.038  -11.575 1.00 33.38 ? 1104 GLN   A C    1 
ATOM   199  O  O    . GLN   A 1 40  ? -5.074  -1.058  -11.122 1.00 30.64 ? 1104 GLN   A O    1 
ATOM   200  C  CB   . GLN   A 1 40  ? -6.121  -3.214  -9.368  1.00 31.68 ? 1104 GLN   A CB   1 
ATOM   201  C  CG   . GLN   A 1 40  ? -6.006  -4.487  -8.547  1.00 32.42 ? 1104 GLN   A CG   1 
ATOM   202  C  CD   . GLN   A 1 40  ? -6.587  -5.695  -9.240  1.00 36.14 ? 1104 GLN   A CD   1 
ATOM   203  O  OE1  . GLN   A 1 40  ? -7.696  -5.651  -9.769  1.00 35.06 ? 1104 GLN   A OE1  1 
ATOM   204  N  NE2  . GLN   A 1 40  ? -5.840  -6.788  -9.232  1.00 35.68 ? 1104 GLN   A NE2  1 
ATOM   205  N  N    . ASP   A 1 41  ? -6.379  -2.030  -12.722 1.00 34.25 ? 1105 ASP   A N    1 
ATOM   206  C  CA   . ASP   A 1 41  ? -6.526  -0.832  -13.585 1.00 37.18 ? 1105 ASP   A CA   1 
ATOM   207  C  C    . ASP   A 1 41  ? -8.020  -0.602  -13.770 1.00 37.37 ? 1105 ASP   A C    1 
ATOM   208  O  O    . ASP   A 1 41  ? -8.716  -1.504  -14.226 1.00 37.48 ? 1105 ASP   A O    1 
ATOM   209  C  CB   . ASP   A 1 41  ? -5.789  -1.005  -14.914 1.00 40.18 ? 1105 ASP   A CB   1 
ATOM   210  C  CG   . ASP   A 1 41  ? -5.538  0.304   -15.649 1.00 45.28 ? 1105 ASP   A CG   1 
ATOM   211  O  OD1  . ASP   A 1 41  ? -6.504  1.057   -15.856 1.00 44.78 ? 1105 ASP   A OD1  1 
ATOM   212  O  OD2  . ASP   A 1 41  ? -4.369  0.563   -15.999 1.00 53.45 ? 1105 ASP   A OD2  1 
ATOM   213  N  N    . PRO   A 1 42  ? -8.568  0.587   -13.424 1.00 34.49 ? 1106 PRO   A N    1 
ATOM   214  C  CA   . PRO   A 1 42  ? -7.781  1.752   -13.019 1.00 32.12 ? 1106 PRO   A CA   1 
ATOM   215  C  C    . PRO   A 1 42  ? -7.546  1.954   -11.513 1.00 29.83 ? 1106 PRO   A C    1 
ATOM   216  O  O    . PRO   A 1 42  ? -7.043  3.006   -11.163 1.00 28.06 ? 1106 PRO   A O    1 
ATOM   217  C  CB   . PRO   A 1 42  ? -8.699  2.881   -13.516 1.00 33.11 ? 1106 PRO   A CB   1 
ATOM   218  C  CG   . PRO   A 1 42  ? -10.084 2.368   -13.198 1.00 33.87 ? 1106 PRO   A CG   1 
ATOM   219  C  CD   . PRO   A 1 42  ? -10.012 0.874   -13.437 1.00 34.81 ? 1106 PRO   A CD   1 
ATOM   220  N  N    . GLU   A 1 43  ? -7.934  0.986   -10.679 1.00 27.64 ? 1107 GLU   A N    1 
ATOM   221  C  CA   . GLU   A 1 43  ? -8.105  1.175   -9.215  1.00 28.23 ? 1107 GLU   A CA   1 
ATOM   222  C  C    . GLU   A 1 43  ? -6.763  1.517   -8.556  1.00 26.10 ? 1107 GLU   A C    1 
ATOM   223  O  O    . GLU   A 1 43  ? -6.783  2.227   -7.554  1.00 24.74 ? 1107 GLU   A O    1 
ATOM   224  C  CB   . GLU   A 1 43  ? -8.708  -0.057  -8.552  1.00 28.16 ? 1107 GLU   A CB   1 
ATOM   225  C  CG   . GLU   A 1 43  ? -10.149 -0.299  -8.950  1.00 31.02 ? 1107 GLU   A CG   1 
ATOM   226  C  CD   . GLU   A 1 43  ? -10.363 -1.240  -10.125 1.00 33.49 ? 1107 GLU   A CD   1 
ATOM   227  O  OE1  . GLU   A 1 43  ? -9.390  -1.529  -10.868 1.00 31.67 ? 1107 GLU   A OE1  1 
ATOM   228  O  OE2  . GLU   A 1 43  ? -11.518 -1.673  -10.296 1.00 36.31 ? 1107 GLU   A OE2  1 
ATOM   229  N  N    . SER   A 1 44  ? -5.635  1.043   -9.086  1.00 25.85 ? 1108 SER   A N    1 
ATOM   230  C  CA   . SER   A 1 44  ? -4.301  1.319   -8.489  1.00 24.39 ? 1108 SER   A CA   1 
ATOM   231  C  C    . SER   A 1 44  ? -3.796  2.722   -8.858  1.00 24.09 ? 1108 SER   A C    1 
ATOM   232  O  O    . SER   A 1 44  ? -2.840  3.182   -8.223  1.00 22.00 ? 1108 SER   A O    1 
ATOM   233  C  CB   . SER   A 1 44  ? -3.307  0.252   -8.874  1.00 26.20 ? 1108 SER   A CB   1 
ATOM   234  O  OG   . SER   A 1 44  ? -2.857  0.440   -10.198 1.00 27.78 ? 1108 SER   A OG   1 
ATOM   235  N  N    . LEU   A 1 45  ? -4.392  3.416   -9.832  1.00 23.18 ? 1109 LEU   A N    1 
ATOM   236  C  CA   . LEU   A 1 45  ? -3.773  4.648   -10.382 1.00 24.28 ? 1109 LEU   A CA   1 
ATOM   237  C  C    . LEU   A 1 45  ? -3.570  5.711   -9.296  1.00 22.87 ? 1109 LEU   A C    1 
ATOM   238  O  O    . LEU   A 1 45  ? -2.507  6.323   -9.260  1.00 24.29 ? 1109 LEU   A O    1 
ATOM   239  C  CB   . LEU   A 1 45  ? -4.599  5.187   -11.555 1.00 28.24 ? 1109 LEU   A CB   1 
ATOM   240  C  CG   . LEU   A 1 45  ? -4.520  4.351   -12.837 1.00 31.46 ? 1109 LEU   A CG   1 
ATOM   241  C  CD1  . LEU   A 1 45  ? -5.327  4.998   -13.947 1.00 32.52 ? 1109 LEU   A CD1  1 
ATOM   242  C  CD2  . LEU   A 1 45  ? -3.084  4.151   -13.288 1.00 32.95 ? 1109 LEU   A CD2  1 
ATOM   243  N  N    . PRO   A 1 46  ? -4.544  6.007   -8.407  1.00 23.44 ? 1110 PRO   A N    1 
ATOM   244  C  CA   . PRO   A 1 46  ? -4.322  7.039   -7.397  1.00 22.86 ? 1110 PRO   A CA   1 
ATOM   245  C  C    . PRO   A 1 46  ? -3.281  6.635   -6.343  1.00 22.00 ? 1110 PRO   A C    1 
ATOM   246  O  O    . PRO   A 1 46  ? -2.845  7.511   -5.625  1.00 22.23 ? 1110 PRO   A O    1 
ATOM   247  C  CB   . PRO   A 1 46  ? -5.693  7.262   -6.733  1.00 24.66 ? 1110 PRO   A CB   1 
ATOM   248  C  CG   . PRO   A 1 46  ? -6.508  6.030   -7.085  1.00 26.91 ? 1110 PRO   A CG   1 
ATOM   249  C  CD   . PRO   A 1 46  ? -5.913  5.469   -8.362  1.00 23.63 ? 1110 PRO   A CD   1 
ATOM   250  N  N    . PHE   A 1 47  ? -2.919  5.351   -6.270  1.00 20.04 ? 1111 PHE   A N    1 
ATOM   251  C  CA   . PHE   A 1 47  ? -2.025  4.791   -5.223  1.00 20.97 ? 1111 PHE   A CA   1 
ATOM   252  C  C    . PHE   A 1 47  ? -0.599  4.593   -5.735  1.00 20.81 ? 1111 PHE   A C    1 
ATOM   253  O  O    . PHE   A 1 47  ? 0.254   4.142   -4.965  1.00 21.19 ? 1111 PHE   A O    1 
ATOM   254  C  CB   . PHE   A 1 47  ? -2.564  3.454   -4.715  1.00 20.55 ? 1111 PHE   A CB   1 
ATOM   255  C  CG   . PHE   A 1 47  ? -3.904  3.587   -4.052  1.00 22.35 ? 1111 PHE   A CG   1 
ATOM   256  C  CD1  . PHE   A 1 47  ? -5.072  3.523   -4.791  1.00 23.76 ? 1111 PHE   A CD1  1 
ATOM   257  C  CD2  . PHE   A 1 47  ? -3.984  3.820   -2.689  1.00 23.43 ? 1111 PHE   A CD2  1 
ATOM   258  C  CE1  . PHE   A 1 47  ? -6.306  3.678   -4.172  1.00 23.71 ? 1111 PHE   A CE1  1 
ATOM   259  C  CE2  . PHE   A 1 47  ? -5.216  3.966   -2.072  1.00 25.85 ? 1111 PHE   A CE2  1 
ATOM   260  C  CZ   . PHE   A 1 47  ? -6.371  3.907   -2.818  1.00 24.40 ? 1111 PHE   A CZ   1 
ATOM   261  N  N    . ARG   A 1 48  ? -0.308  4.929   -6.986  1.00 20.32 ? 1112 ARG   A N    1 
ATOM   262  C  CA   . ARG   A 1 48  ? 1.010   4.571   -7.574  1.00 21.61 ? 1112 ARG   A CA   1 
ATOM   263  C  C    . ARG   A 1 48  ? 2.118   5.528   -7.142  1.00 21.80 ? 1112 ARG   A C    1 
ATOM   264  O  O    . ARG   A 1 48  ? 3.294   5.123   -7.229  1.00 25.29 ? 1112 ARG   A O    1 
ATOM   265  C  CB   . ARG   A 1 48  ? 0.900   4.533   -9.097  1.00 23.30 ? 1112 ARG   A CB   1 
ATOM   266  C  CG   . ARG   A 1 48  ? 0.215   3.268   -9.571  1.00 24.62 ? 1112 ARG   A CG   1 
ATOM   267  C  CD   . ARG   A 1 48  ? 0.033   3.201   -11.068 1.00 28.48 ? 1112 ARG   A CD   1 
ATOM   268  N  NE   . ARG   A 1 48  ? -0.559  1.916   -11.384 1.00 30.50 ? 1112 ARG   A NE   1 
ATOM   269  C  CZ   . ARG   A 1 48  ? -0.660  1.402   -12.605 1.00 36.20 ? 1112 ARG   A CZ   1 
ATOM   270  N  NH1  . ARG   A 1 48  ? -0.225  2.081   -13.653 1.00 38.58 ? 1112 ARG   A NH1  1 
ATOM   271  N  NH2  . ARG   A 1 48  ? -1.215  0.215   -12.771 1.00 37.40 ? 1112 ARG   A NH2  1 
ATOM   272  N  N    . GLN   A 1 49  ? 1.796   6.765   -6.779  1.00 20.08 ? 1113 GLN   A N    1 
ATOM   273  C  CA   . GLN   A 1 49  ? 2.791   7.788   -6.391  1.00 21.93 ? 1113 GLN   A CA   1 
ATOM   274  C  C    . GLN   A 1 49  ? 2.342   8.434   -5.097  1.00 19.81 ? 1113 GLN   A C    1 
ATOM   275  O  O    . GLN   A 1 49  ? 1.150   8.403   -4.768  1.00 19.86 ? 1113 GLN   A O    1 
ATOM   276  C  CB   . GLN   A 1 49  ? 2.945   8.864   -7.464  1.00 25.09 ? 1113 GLN   A CB   1 
ATOM   277  C  CG   . GLN   A 1 49  ? 3.542   8.346   -8.760  1.00 28.55 ? 1113 GLN   A CG   1 
ATOM   278  C  CD   . GLN   A 1 49  ? 4.976   7.890   -8.635  1.00 31.09 ? 1113 GLN   A CD   1 
ATOM   279  O  OE1  . GLN   A 1 49  ? 5.359   6.845   -9.154  1.00 38.29 ? 1113 GLN   A OE1  1 
ATOM   280  N  NE2  . GLN   A 1 49  ? 5.786   8.673   -7.945  1.00 34.51 ? 1113 GLN   A NE2  1 
ATOM   281  N  N    . PRO   A 1 50  ? 3.281   9.039   -4.341  1.00 20.65 ? 1114 PRO   A N    1 
ATOM   282  C  CA   . PRO   A 1 50  ? 2.928   9.767   -3.128  1.00 21.47 ? 1114 PRO   A CA   1 
ATOM   283  C  C    . PRO   A 1 50  ? 1.972   10.926  -3.439  1.00 22.50 ? 1114 PRO   A C    1 
ATOM   284  O  O    . PRO   A 1 50  ? 2.095   11.582  -4.485  1.00 23.37 ? 1114 PRO   A O    1 
ATOM   285  C  CB   . PRO   A 1 50  ? 4.269   10.279  -2.594  1.00 22.28 ? 1114 PRO   A CB   1 
ATOM   286  C  CG   . PRO   A 1 50  ? 5.296   9.382   -3.224  1.00 21.51 ? 1114 PRO   A CG   1 
ATOM   287  C  CD   . PRO   A 1 50  ? 4.732   9.040   -4.588  1.00 20.39 ? 1114 PRO   A CD   1 
ATOM   288  N  N    . VAL   A 1 51  ? 1.012   11.131  -2.550  1.00 23.03 ? 1115 VAL   A N    1 
ATOM   289  C  CA   . VAL   A 1 51  ? 0.084   12.289  -2.626  1.00 23.18 ? 1115 VAL   A CA   1 
ATOM   290  C  C    . VAL   A 1 51  ? 0.904   13.573  -2.504  1.00 23.42 ? 1115 VAL   A C    1 
ATOM   291  O  O    . VAL   A 1 51  ? 1.642   13.739  -1.508  1.00 24.85 ? 1115 VAL   A O    1 
ATOM   292  C  CB   . VAL   A 1 51  ? -1.009  12.187  -1.548  1.00 24.10 ? 1115 VAL   A CB   1 
ATOM   293  C  CG1  . VAL   A 1 51  ? -1.812  13.472  -1.444  1.00 24.07 ? 1115 VAL   A CG1  1 
ATOM   294  C  CG2  . VAL   A 1 51  ? -1.915  10.995  -1.799  1.00 25.00 ? 1115 VAL   A CG2  1 
ATOM   295  N  N    . ASP   A 1 52  ? 0.781   14.459  -3.502  1.00 23.79 ? 1116 ASP   A N    1 
ATOM   296  C  CA   . ASP   A 1 52  ? 1.310   15.843  -3.444  1.00 25.10 ? 1116 ASP   A CA   1 
ATOM   297  C  C    . ASP   A 1 52  ? 0.097   16.748  -3.270  1.00 24.38 ? 1116 ASP   A C    1 
ATOM   298  O  O    . ASP   A 1 52  ? -0.624  16.982  -4.231  1.00 24.49 ? 1116 ASP   A O    1 
ATOM   299  C  CB   . ASP   A 1 52  ? 2.093   16.208  -4.705  1.00 27.70 ? 1116 ASP   A CB   1 
ATOM   300  C  CG   . ASP   A 1 52  ? 2.705   17.599  -4.655  1.00 32.63 ? 1116 ASP   A CG   1 
ATOM   301  O  OD1  . ASP   A 1 52  ? 2.043   18.533  -4.142  1.00 34.19 ? 1116 ASP   A OD1  1 
ATOM   302  O  OD2  . ASP   A 1 52  ? 3.851   17.739  -5.133  1.00 40.60 ? 1116 ASP   A OD2  1 
ATOM   303  N  N    . PRO   A 1 53  ? -0.224  17.190  -2.043  1.00 22.27 ? 1117 PRO   A N    1 
ATOM   304  C  CA   . PRO   A 1 53  ? -1.488  17.884  -1.799  1.00 22.68 ? 1117 PRO   A CA   1 
ATOM   305  C  C    . PRO   A 1 53  ? -1.695  19.115  -2.692  1.00 25.29 ? 1117 PRO   A C    1 
ATOM   306  O  O    . PRO   A 1 53  ? -2.795  19.283  -3.182  1.00 24.47 ? 1117 PRO   A O    1 
ATOM   307  C  CB   . PRO   A 1 53  ? -1.388  18.285  -0.326  1.00 23.21 ? 1117 PRO   A CB   1 
ATOM   308  C  CG   . PRO   A 1 53  ? -0.531  17.194  0.266   1.00 23.26 ? 1117 PRO   A CG   1 
ATOM   309  C  CD   . PRO   A 1 53  ? 0.517   16.933  -0.793  1.00 22.97 ? 1117 PRO   A CD   1 
ATOM   310  N  N    . GLN   A 1 54  ? -0.659  19.925  -2.899  1.00 28.14 ? 1118 GLN   A N    1 
ATOM   311  C  CA   . GLN   A 1 54  ? -0.819  21.147  -3.739  1.00 30.26 ? 1118 GLN   A CA   1 
ATOM   312  C  C    . GLN   A 1 54  ? -1.131  20.718  -5.179  1.00 29.88 ? 1118 GLN   A C    1 
ATOM   313  O  O    . GLN   A 1 54  ? -2.055  21.293  -5.786  1.00 31.64 ? 1118 GLN   A O    1 
ATOM   314  C  CB   . GLN   A 1 54  ? 0.413   22.043  -3.767  1.00 33.71 ? 1118 GLN   A CB   1 
ATOM   315  C  CG   . GLN   A 1 54  ? 0.264   23.134  -4.828  1.00 38.00 ? 1118 GLN   A CG   1 
ATOM   316  C  CD   . GLN   A 1 54  ? 1.463   24.030  -4.986  1.00 40.61 ? 1118 GLN   A CD   1 
ATOM   317  O  OE1  . GLN   A 1 54  ? 1.324   25.230  -5.209  1.00 45.49 ? 1118 GLN   A OE1  1 
ATOM   318  N  NE2  . GLN   A 1 54  ? 2.647   23.446  -4.900  1.00 44.20 ? 1118 GLN   A NE2  1 
ATOM   319  N  N    . LEU   A 1 55  ? -0.385  19.762  -5.727  1.00 28.76 ? 1119 LEU   A N    1 
ATOM   320  C  CA   . LEU   A 1 55  ? -0.521  19.369  -7.155  1.00 29.45 ? 1119 LEU   A CA   1 
ATOM   321  C  C    . LEU   A 1 55  ? -1.820  18.592  -7.402  1.00 28.70 ? 1119 LEU   A C    1 
ATOM   322  O  O    . LEU   A 1 55  ? -2.264  18.569  -8.554  1.00 27.50 ? 1119 LEU   A O    1 
ATOM   323  C  CB   . LEU   A 1 55  ? 0.716   18.585  -7.602  1.00 31.88 ? 1119 LEU   A CB   1 
ATOM   324  C  CG   . LEU   A 1 55  ? 2.033   19.362  -7.538  1.00 35.73 ? 1119 LEU   A CG   1 
ATOM   325  C  CD1  . LEU   A 1 55  ? 3.141   18.566  -8.204  1.00 35.48 ? 1119 LEU   A CD1  1 
ATOM   326  C  CD2  . LEU   A 1 55  ? 1.896   20.747  -8.166  1.00 37.13 ? 1119 LEU   A CD2  1 
ATOM   327  N  N    . LEU   A 1 56  ? -2.429  17.986  -6.375  1.00 24.99 ? 1120 LEU   A N    1 
ATOM   328  C  CA   . LEU   A 1 56  ? -3.739  17.298  -6.515  1.00 25.96 ? 1120 LEU   A CA   1 
ATOM   329  C  C    . LEU   A 1 56  ? -4.899  18.208  -6.108  1.00 24.94 ? 1120 LEU   A C    1 
ATOM   330  O  O    . LEU   A 1 56  ? -6.042  17.749  -6.224  1.00 29.06 ? 1120 LEU   A O    1 
ATOM   331  C  CB   . LEU   A 1 56  ? -3.737  16.036  -5.649  1.00 26.34 ? 1120 LEU   A CB   1 
ATOM   332  C  CG   . LEU   A 1 56  ? -2.879  14.891  -6.171  1.00 27.72 ? 1120 LEU   A CG   1 
ATOM   333  C  CD1  . LEU   A 1 56  ? -2.858  13.744  -5.163  1.00 26.83 ? 1120 LEU   A CD1  1 
ATOM   334  C  CD2  . LEU   A 1 56  ? -3.386  14.410  -7.519  1.00 31.58 ? 1120 LEU   A CD2  1 
ATOM   335  N  N    . GLY   A 1 57  ? -4.636  19.412  -5.594  1.00 25.36 ? 1121 GLY   A N    1 
ATOM   336  C  CA   . GLY   A 1 57  ? -5.698  20.351  -5.182  1.00 26.39 ? 1121 GLY   A CA   1 
ATOM   337  C  C    . GLY   A 1 57  ? -6.387  19.907  -3.898  1.00 27.43 ? 1121 GLY   A C    1 
ATOM   338  O  O    . GLY   A 1 57  ? -7.584  20.219  -3.720  1.00 28.56 ? 1121 GLY   A O    1 
ATOM   339  N  N    . ILE   A 1 58  ? -5.671  19.219  -3.001  1.00 25.44 ? 1122 ILE   A N    1 
ATOM   340  C  CA   . ILE   A 1 58  ? -6.242  18.728  -1.706  1.00 24.66 ? 1122 ILE   A CA   1 
ATOM   341  C  C    . ILE   A 1 58  ? -5.359  19.220  -0.558  1.00 23.83 ? 1122 ILE   A C    1 
ATOM   342  O  O    . ILE   A 1 58  ? -4.717  18.424  0.141   1.00 20.96 ? 1122 ILE   A O    1 
ATOM   343  C  CB   . ILE   A 1 58  ? -6.463  17.197  -1.738  1.00 24.22 ? 1122 ILE   A CB   1 
ATOM   344  C  CG1  . ILE   A 1 58  ? -5.203  16.400  -2.095  1.00 23.62 ? 1122 ILE   A CG1  1 
ATOM   345  C  CG2  . ILE   A 1 58  ? -7.624  16.856  -2.674  1.00 25.77 ? 1122 ILE   A CG2  1 
ATOM   346  C  CD1  . ILE   A 1 58  ? -5.388  14.898  -2.100  1.00 23.15 ? 1122 ILE   A CD1  1 
ATOM   347  N  N    . PRO   A 1 59  ? -5.296  20.549  -0.315  1.00 23.65 ? 1123 PRO   A N    1 
ATOM   348  C  CA   . PRO   A 1 59  ? -4.341  21.119  0.641   1.00 25.38 ? 1123 PRO   A CA   1 
ATOM   349  C  C    . PRO   A 1 59  ? -4.558  20.706  2.100   1.00 24.64 ? 1123 PRO   A C    1 
ATOM   350  O  O    . PRO   A 1 59  ? -3.664  20.896  2.882   1.00 26.78 ? 1123 PRO   A O    1 
ATOM   351  C  CB   . PRO   A 1 59  ? -4.489  22.640  0.473   1.00 28.48 ? 1123 PRO   A CB   1 
ATOM   352  C  CG   . PRO   A 1 59  ? -5.853  22.817  -0.132  1.00 27.54 ? 1123 PRO   A CG   1 
ATOM   353  C  CD   . PRO   A 1 59  ? -6.083  21.596  -0.993  1.00 25.95 ? 1123 PRO   A CD   1 
ATOM   354  N  N    . ASP   A 1 60  ? -5.707  20.118  2.440   1.00 21.90 ? 1124 ASP   A N    1 
ATOM   355  C  CA   . ASP   A 1 60  ? -5.949  19.623  3.816   1.00 21.03 ? 1124 ASP   A CA   1 
ATOM   356  C  C    . ASP   A 1 60  ? -5.363  18.216  4.012   1.00 20.58 ? 1124 ASP   A C    1 
ATOM   357  O  O    . ASP   A 1 60  ? -5.441  17.708  5.135   1.00 20.68 ? 1124 ASP   A O    1 
ATOM   358  C  CB   . ASP   A 1 60  ? -7.432  19.639  4.173   1.00 20.85 ? 1124 ASP   A CB   1 
ATOM   359  C  CG   . ASP   A 1 60  ? -8.305  18.745  3.313   1.00 21.27 ? 1124 ASP   A CG   1 
ATOM   360  O  OD1  . ASP   A 1 60  ? -7.957  18.525  2.142   1.00 21.46 ? 1124 ASP   A OD1  1 
ATOM   361  O  OD2  . ASP   A 1 60  ? -9.340  18.275  3.843   1.00 22.83 ? 1124 ASP   A OD2  1 
ATOM   362  N  N    . TYR   A 1 61  ? -4.785  17.593  2.987   1.00 18.32 ? 1125 TYR   A N    1 
ATOM   363  C  CA   . TYR   A 1 61  ? -4.377  16.164  3.070   1.00 17.78 ? 1125 TYR   A CA   1 
ATOM   364  C  C    . TYR   A 1 61  ? -3.465  15.906  4.278   1.00 18.06 ? 1125 TYR   A C    1 
ATOM   365  O  O    . TYR   A 1 61  ? -3.753  14.977  5.052   1.00 19.16 ? 1125 TYR   A O    1 
ATOM   366  C  CB   . TYR   A 1 61  ? -3.707  15.691  1.784   1.00 18.20 ? 1125 TYR   A CB   1 
ATOM   367  C  CG   . TYR   A 1 61  ? -3.465  14.206  1.755   1.00 18.28 ? 1125 TYR   A CG   1 
ATOM   368  C  CD1  . TYR   A 1 61  ? -4.490  13.303  1.505   1.00 18.82 ? 1125 TYR   A CD1  1 
ATOM   369  C  CD2  . TYR   A 1 61  ? -2.206  13.686  2.001   1.00 17.83 ? 1125 TYR   A CD2  1 
ATOM   370  C  CE1  . TYR   A 1 61  ? -4.267  11.936  1.505   1.00 19.67 ? 1125 TYR   A CE1  1 
ATOM   371  C  CE2  . TYR   A 1 61  ? -1.968  12.323  2.002   1.00 18.88 ? 1125 TYR   A CE2  1 
ATOM   372  C  CZ   . TYR   A 1 61  ? -2.992  11.438  1.724   1.00 18.85 ? 1125 TYR   A CZ   1 
ATOM   373  O  OH   . TYR   A 1 61  ? -2.762  10.086  1.737   1.00 21.40 ? 1125 TYR   A OH   1 
ATOM   374  N  N    . PHE   A 1 62  ? -2.397  16.679  4.459   1.00 18.75 ? 1126 PHE   A N    1 
ATOM   375  C  CA   . PHE   A 1 62  ? -1.424  16.444  5.561   1.00 19.55 ? 1126 PHE   A CA   1 
ATOM   376  C  C    . PHE   A 1 62  ? -1.974  16.910  6.912   1.00 21.01 ? 1126 PHE   A C    1 
ATOM   377  O  O    . PHE   A 1 62  ? -1.356  16.565  7.936   1.00 22.90 ? 1126 PHE   A O    1 
ATOM   378  C  CB   . PHE   A 1 62  ? -0.082  17.109  5.269   1.00 19.65 ? 1126 PHE   A CB   1 
ATOM   379  C  CG   . PHE   A 1 62  ? 0.692   16.516  4.124   1.00 19.85 ? 1126 PHE   A CG   1 
ATOM   380  C  CD1  . PHE   A 1 62  ? 0.595   15.173  3.794   1.00 20.02 ? 1126 PHE   A CD1  1 
ATOM   381  C  CD2  . PHE   A 1 62  ? 1.568   17.307  3.405   1.00 21.36 ? 1126 PHE   A CD2  1 
ATOM   382  C  CE1  . PHE   A 1 62  ? 1.334   14.644  2.745   1.00 20.84 ? 1126 PHE   A CE1  1 
ATOM   383  C  CE2  . PHE   A 1 62  ? 2.315   16.778  2.367   1.00 22.04 ? 1126 PHE   A CE2  1 
ATOM   384  C  CZ   . PHE   A 1 62  ? 2.186   15.451  2.031   1.00 20.95 ? 1126 PHE   A CZ   1 
ATOM   385  N  N    . ASP   A 1 63  ? -3.088  17.640  6.952   1.00 21.41 ? 1127 ASP   A N    1 
ATOM   386  C  CA   . ASP   A 1 63  ? -3.780  17.913  8.239   1.00 23.57 ? 1127 ASP   A CA   1 
ATOM   387  C  C    . ASP   A 1 63  ? -4.368  16.609  8.776   1.00 23.71 ? 1127 ASP   A C    1 
ATOM   388  O  O    . ASP   A 1 63  ? -4.477  16.481  10.006  1.00 25.22 ? 1127 ASP   A O    1 
ATOM   389  C  CB   . ASP   A 1 63  ? -4.918  18.917  8.094   1.00 24.85 ? 1127 ASP   A CB   1 
ATOM   390  C  CG   . ASP   A 1 63  ? -4.490  20.320  7.718   1.00 28.70 ? 1127 ASP   A CG   1 
ATOM   391  O  OD1  . ASP   A 1 63  ? -3.291  20.615  7.824   1.00 31.48 ? 1127 ASP   A OD1  1 
ATOM   392  O  OD2  . ASP   A 1 63  ? -5.378  21.109  7.318   1.00 31.04 ? 1127 ASP   A OD2  1 
ATOM   393  N  N    . ILE   A 1 64  ? -4.769  15.703  7.874   1.00 20.91 ? 1128 ILE   A N    1 
ATOM   394  C  CA   . ILE   A 1 64  ? -5.553  14.473  8.198   1.00 20.76 ? 1128 ILE   A CA   1 
ATOM   395  C  C    . ILE   A 1 64  ? -4.632  13.248  8.194   1.00 20.13 ? 1128 ILE   A C    1 
ATOM   396  O  O    . ILE   A 1 64  ? -4.757  12.391  9.086   1.00 20.69 ? 1128 ILE   A O    1 
ATOM   397  C  CB   . ILE   A 1 64  ? -6.719  14.339  7.203   1.00 21.55 ? 1128 ILE   A CB   1 
ATOM   398  C  CG1  . ILE   A 1 64  ? -7.700  15.506  7.366   1.00 22.73 ? 1128 ILE   A CG1  1 
ATOM   399  C  CG2  . ILE   A 1 64  ? -7.401  12.988  7.355   1.00 20.96 ? 1128 ILE   A CG2  1 
ATOM   400  C  CD1  . ILE   A 1 64  ? -8.627  15.711  6.214   1.00 24.39 ? 1128 ILE   A CD1  1 
ATOM   401  N  N    . VAL   A 1 65  ? -3.753  13.156  7.198   1.00 19.32 ? 1129 VAL   A N    1 
ATOM   402  C  CA   . VAL   A 1 65  ? -2.856  11.990  6.991   1.00 19.23 ? 1129 VAL   A CA   1 
ATOM   403  C  C    . VAL   A 1 65  ? -1.441  12.382  7.431   1.00 19.53 ? 1129 VAL   A C    1 
ATOM   404  O  O    . VAL   A 1 65  ? -0.788  13.174  6.731   1.00 20.12 ? 1129 VAL   A O    1 
ATOM   405  C  CB   . VAL   A 1 65  ? -2.923  11.523  5.521   1.00 19.20 ? 1129 VAL   A CB   1 
ATOM   406  C  CG1  . VAL   A 1 65  ? -1.928  10.411  5.238   1.00 18.59 ? 1129 VAL   A CG1  1 
ATOM   407  C  CG2  . VAL   A 1 65  ? -4.339  11.105  5.143   1.00 19.42 ? 1129 VAL   A CG2  1 
ATOM   408  N  N    . LYS   A 1 66  ? -0.993  11.870  8.576   1.00 19.38 ? 1130 LYS   A N    1 
ATOM   409  C  CA   . LYS   A 1 66  ? 0.329   12.229  9.138   1.00 20.83 ? 1130 LYS   A CA   1 
ATOM   410  C  C    . LYS   A 1 66  ? 1.387   11.195  8.776   1.00 20.51 ? 1130 LYS   A C    1 
ATOM   411  O  O    . LYS   A 1 66  ? 2.563   11.505  8.979   1.00 21.48 ? 1130 LYS   A O    1 
ATOM   412  C  CB   . LYS   A 1 66  ? 0.213   12.379  10.657  1.00 22.77 ? 1130 LYS   A CB   1 
ATOM   413  C  CG   . LYS   A 1 66  ? -0.730  13.490  11.084  1.00 25.87 ? 1130 LYS   A CG   1 
ATOM   414  C  CD   . LYS   A 1 66  ? -0.267  14.839  10.624  1.00 27.01 ? 1130 LYS   A CD   1 
ATOM   415  C  CE   . LYS   A 1 66  ? -1.143  15.958  11.138  1.00 29.78 ? 1130 LYS   A CE   1 
ATOM   416  N  NZ   . LYS   A 1 66  ? -0.779  17.249  10.520  1.00 30.47 ? 1130 LYS   A NZ   1 
ATOM   417  N  N    . ASN   A 1 67  ? 0.998   10.023  8.257   1.00 19.64 ? 1131 ASN   A N    1 
ATOM   418  C  CA   . ASN   A 1 67  ? 1.959   8.965   7.857   1.00 20.40 ? 1131 ASN   A CA   1 
ATOM   419  C  C    . ASN   A 1 67  ? 1.585   8.477   6.466   1.00 19.22 ? 1131 ASN   A C    1 
ATOM   420  O  O    . ASN   A 1 67  ? 1.076   7.381   6.294   1.00 19.36 ? 1131 ASN   A O    1 
ATOM   421  C  CB   . ASN   A 1 67  ? 1.985   7.841   8.890   1.00 22.58 ? 1131 ASN   A CB   1 
ATOM   422  C  CG   . ASN   A 1 67  ? 2.518   8.335   10.216  1.00 27.43 ? 1131 ASN   A CG   1 
ATOM   423  O  OD1  . ASN   A 1 67  ? 3.702   8.648   10.329  1.00 33.07 ? 1131 ASN   A OD1  1 
ATOM   424  N  ND2  . ASN   A 1 67  ? 1.644   8.454   11.199  1.00 32.05 ? 1131 ASN   A ND2  1 
ATOM   425  N  N    . PRO   A 1 68  ? 1.817   9.306   5.427   1.00 18.84 ? 1132 PRO   A N    1 
ATOM   426  C  CA   . PRO   A 1 68  ? 1.436   8.928   4.070   1.00 18.67 ? 1132 PRO   A CA   1 
ATOM   427  C  C    . PRO   A 1 68  ? 2.174   7.662   3.639   1.00 17.52 ? 1132 PRO   A C    1 
ATOM   428  O  O    . PRO   A 1 68  ? 3.320   7.441   4.067   1.00 18.89 ? 1132 PRO   A O    1 
ATOM   429  C  CB   . PRO   A 1 68  ? 1.878   10.085  3.171   1.00 19.53 ? 1132 PRO   A CB   1 
ATOM   430  C  CG   . PRO   A 1 68  ? 2.483   11.141  4.086   1.00 22.16 ? 1132 PRO   A CG   1 
ATOM   431  C  CD   . PRO   A 1 68  ? 2.392   10.650  5.511   1.00 19.73 ? 1132 PRO   A CD   1 
ATOM   432  N  N    . MET   A 1 69  ? 1.539   6.895   2.764   1.00 16.91 ? 1133 MET   A N    1 
ATOM   433  C  CA   . MET   A 1 69  ? 2.124   5.675   2.174   1.00 17.31 ? 1133 MET   A CA   1 
ATOM   434  C  C    . MET   A 1 69  ? 1.489   5.454   0.804   1.00 17.94 ? 1133 MET   A C    1 
ATOM   435  O  O    . MET   A 1 69  ? 0.313   5.820   0.612   1.00 19.91 ? 1133 MET   A O    1 
ATOM   436  C  CB   . MET   A 1 69  ? 1.901   4.488   3.121   1.00 18.42 ? 1133 MET   A CB   1 
ATOM   437  C  CG   . MET   A 1 69  ? 2.623   3.204   2.731   1.00 19.00 ? 1133 MET   A CG   1 
ATOM   438  S  SD   . MET   A 1 69  ? 4.400   3.378   2.473   1.00 20.35 ? 1133 MET   A SD   1 
ATOM   439  C  CE   . MET   A 1 69  ? 4.930   4.074   4.036   1.00 20.75 ? 1133 MET   A CE   1 
ATOM   440  N  N    . ASP   A 1 70  ? 2.271   4.938   -0.133  1.00 17.72 ? 1134 ASP   A N    1 
ATOM   441  C  CA   . ASP   A 1 70  ? 1.784   4.633   -1.499  1.00 18.40 ? 1134 ASP   A CA   1 
ATOM   442  C  C    . ASP   A 1 70  ? 2.554   3.433   -2.047  1.00 18.81 ? 1134 ASP   A C    1 
ATOM   443  O  O    . ASP   A 1 70  ? 3.546   3.002   -1.423  1.00 19.27 ? 1134 ASP   A O    1 
ATOM   444  C  CB   . ASP   A 1 70  ? 1.958   5.834   -2.417  1.00 19.15 ? 1134 ASP   A CB   1 
ATOM   445  C  CG   . ASP   A 1 70  ? 3.409   6.047   -2.764  1.00 20.66 ? 1134 ASP   A CG   1 
ATOM   446  O  OD1  . ASP   A 1 70  ? 4.187   6.372   -1.843  1.00 21.02 ? 1134 ASP   A OD1  1 
ATOM   447  O  OD2  . ASP   A 1 70  ? 3.738   5.888   -3.952  1.00 23.57 ? 1134 ASP   A OD2  1 
ATOM   448  N  N    . LEU   A 1 71  ? 2.124   2.931   -3.195  1.00 17.94 ? 1135 LEU   A N    1 
ATOM   449  C  CA   . LEU   A 1 71  ? 2.719   1.706   -3.778  1.00 18.81 ? 1135 LEU   A CA   1 
ATOM   450  C  C    . LEU   A 1 71  ? 4.188   1.948   -4.118  1.00 19.51 ? 1135 LEU   A C    1 
ATOM   451  O  O    . LEU   A 1 71  ? 4.970   1.025   -3.917  1.00 18.68 ? 1135 LEU   A O    1 
ATOM   452  C  CB   . LEU   A 1 71  ? 1.946   1.301   -5.032  1.00 18.96 ? 1135 LEU   A CB   1 
ATOM   453  C  CG   . LEU   A 1 71  ? 0.518   0.832   -4.811  1.00 20.18 ? 1135 LEU   A CG   1 
ATOM   454  C  CD1  . LEU   A 1 71  ? -0.158  0.615   -6.159  1.00 20.63 ? 1135 LEU   A CD1  1 
ATOM   455  C  CD2  . LEU   A 1 71  ? 0.484   -0.436  -3.965  1.00 20.29 ? 1135 LEU   A CD2  1 
ATOM   456  N  N    . SER   A 1 72  ? 4.557   3.120   -4.645  1.00 18.68 ? 1136 SER   A N    1 
ATOM   457  C  CA   . SER   A 1 72  ? 5.964   3.388   -5.058  1.00 18.66 ? 1136 SER   A CA   1 
ATOM   458  C  C    . SER   A 1 72  ? 6.901   3.324   -3.845  1.00 19.09 ? 1136 SER   A C    1 
ATOM   459  O  O    . SER   A 1 72  ? 8.015   2.799   -3.972  1.00 19.85 ? 1136 SER   A O    1 
ATOM   460  C  CB   . SER   A 1 72  ? 6.109   4.705   -5.786  1.00 20.39 ? 1136 SER   A CB   1 
ATOM   461  O  OG   . SER   A 1 72  ? 6.036   5.818   -4.910  1.00 22.25 ? 1136 SER   A OG   1 
ATOM   462  N  N    . THR   A 1 73  ? 6.457   3.799   -2.690  1.00 18.44 ? 1137 THR   A N    1 
ATOM   463  C  CA   . THR   A 1 73  ? 7.275   3.779   -1.453  1.00 18.56 ? 1137 THR   A CA   1 
ATOM   464  C  C    . THR   A 1 73  ? 7.412   2.335   -0.956  1.00 18.46 ? 1137 THR   A C    1 
ATOM   465  O  O    . THR   A 1 73  ? 8.519   1.927   -0.584  1.00 18.41 ? 1137 THR   A O    1 
ATOM   466  C  CB   . THR   A 1 73  ? 6.663   4.689   -0.387  1.00 19.34 ? 1137 THR   A CB   1 
ATOM   467  O  OG1  . THR   A 1 73  ? 6.668   6.025   -0.898  1.00 21.09 ? 1137 THR   A OG1  1 
ATOM   468  C  CG2  . THR   A 1 73  ? 7.407   4.629   0.926   1.00 20.90 ? 1137 THR   A CG2  1 
ATOM   469  N  N    . ILE   A 1 74  ? 6.322   1.573   -0.971  1.00 18.74 ? 1138 ILE   A N    1 
ATOM   470  C  CA   . ILE   A 1 74  ? 6.324   0.145   -0.549  1.00 18.45 ? 1138 ILE   A CA   1 
ATOM   471  C  C    . ILE   A 1 74  ? 7.265   -0.633  -1.476  1.00 18.66 ? 1138 ILE   A C    1 
ATOM   472  O  O    . ILE   A 1 74  ? 8.098   -1.417  -0.976  1.00 20.23 ? 1138 ILE   A O    1 
ATOM   473  C  CB   . ILE   A 1 74  ? 4.895   -0.423  -0.528  1.00 18.66 ? 1138 ILE   A CB   1 
ATOM   474  C  CG1  . ILE   A 1 74  ? 4.056   0.291   0.535   1.00 19.03 ? 1138 ILE   A CG1  1 
ATOM   475  C  CG2  . ILE   A 1 74  ? 4.942   -1.927  -0.312  1.00 19.94 ? 1138 ILE   A CG2  1 
ATOM   476  C  CD1  . ILE   A 1 74  ? 2.574   0.040   0.434   1.00 18.94 ? 1138 ILE   A CD1  1 
ATOM   477  N  N    . LYS   A 1 75  ? 7.169   -0.394  -2.779  1.00 18.92 ? 1139 LYS   A N    1 
ATOM   478  C  CA   . LYS   A 1 75  ? 8.052   -1.073  -3.763  1.00 20.53 ? 1139 LYS   A CA   1 
ATOM   479  C  C    . LYS   A 1 75  ? 9.516   -0.728  -3.472  1.00 19.72 ? 1139 LYS   A C    1 
ATOM   480  O  O    . LYS   A 1 75  ? 10.358  -1.660  -3.488  1.00 20.60 ? 1139 LYS   A O    1 
ATOM   481  C  CB   . LYS   A 1 75  ? 7.669   -0.673  -5.186  1.00 22.19 ? 1139 LYS   A CB   1 
ATOM   482  C  CG   . LYS   A 1 75  ? 8.435   -1.410  -6.272  1.00 25.72 ? 1139 LYS   A CG   1 
ATOM   483  C  CD   . LYS   A 1 75  ? 8.003   -0.966  -7.652  1.00 29.43 ? 1139 LYS   A CD   1 
ATOM   484  C  CE   . LYS   A 1 75  ? 8.638   -1.766  -8.768  1.00 33.98 ? 1139 LYS   A CE   1 
ATOM   485  N  NZ   . LYS   A 1 75  ? 10.112  -1.795  -8.649  1.00 36.09 ? 1139 LYS   A NZ   1 
ATOM   486  N  N    . ARG   A 1 76  ? 9.823   0.550   -3.229  1.00 19.61 ? 1140 ARG   A N    1 
ATOM   487  C  CA   . ARG   A 1 76  ? 11.207  1.017   -2.946  1.00 19.80 ? 1140 ARG   A CA   1 
ATOM   488  C  C    . ARG   A 1 76  ? 11.715  0.294   -1.693  1.00 20.00 ? 1140 ARG   A C    1 
ATOM   489  O  O    . ARG   A 1 76  ? 12.875  -0.165  -1.673  1.00 19.18 ? 1140 ARG   A O    1 
ATOM   490  C  CB   . ARG   A 1 76  ? 11.266  2.533   -2.768  1.00 23.00 ? 1140 ARG   A CB   1 
ATOM   491  C  CG   . ARG   A 1 76  ? 12.662  3.073   -2.496  1.00 26.83 ? 1140 ARG   A CG   1 
ATOM   492  C  CD   . ARG   A 1 76  ? 12.729  4.591   -2.545  1.00 30.62 ? 1140 ARG   A CD   1 
ATOM   493  N  NE   . ARG   A 1 76  ? 11.945  5.073   -3.663  1.00 36.65 ? 1140 ARG   A NE   1 
ATOM   494  C  CZ   . ARG   A 1 76  ? 10.768  5.689   -3.585  1.00 35.17 ? 1140 ARG   A CZ   1 
ATOM   495  N  NH1  . ARG   A 1 76  ? 10.217  5.978   -2.417  1.00 38.69 ? 1140 ARG   A NH1  1 
ATOM   496  N  NH2  . ARG   A 1 76  ? 10.155  6.030   -4.701  1.00 39.66 ? 1140 ARG   A NH2  1 
ATOM   497  N  N    . LYS   A 1 77  ? 10.881  0.189   -0.666  1.00 18.89 ? 1141 LYS   A N    1 
ATOM   498  C  CA   . LYS   A 1 77  ? 11.292  -0.457  0.605   1.00 19.97 ? 1141 LYS   A CA   1 
ATOM   499  C  C    . LYS   A 1 77  ? 11.544  -1.958  0.383   1.00 21.29 ? 1141 LYS   A C    1 
ATOM   500  O  O    . LYS   A 1 77  ? 12.548  -2.487  0.940   1.00 21.72 ? 1141 LYS   A O    1 
ATOM   501  C  CB   . LYS   A 1 77  ? 10.239  -0.179  1.679   1.00 20.01 ? 1141 LYS   A CB   1 
ATOM   502  C  CG   . LYS   A 1 77  ? 10.205  1.268   2.125   1.00 20.68 ? 1141 LYS   A CG   1 
ATOM   503  C  CD   . LYS   A 1 77  ? 9.165   1.564   3.173   1.00 22.70 ? 1141 LYS   A CD   1 
ATOM   504  C  CE   . LYS   A 1 77  ? 9.534   1.024   4.531   1.00 23.47 ? 1141 LYS   A CE   1 
ATOM   505  N  NZ   . LYS   A 1 77  ? 8.570   1.490   5.560   1.00 25.13 ? 1141 LYS   A NZ   1 
ATOM   506  N  N    . LEU   A 1 78  ? 10.705  -2.641  -0.397  1.00 20.94 ? 1142 LEU   A N    1 
ATOM   507  C  CA   . LEU   A 1 78  ? 10.907  -4.070  -0.740  1.00 23.28 ? 1142 LEU   A CA   1 
ATOM   508  C  C    . LEU   A 1 78  ? 12.231  -4.189  -1.498  1.00 22.37 ? 1142 LEU   A C    1 
ATOM   509  O  O    . LEU   A 1 78  ? 13.014  -5.081  -1.177  1.00 23.33 ? 1142 LEU   A O    1 
ATOM   510  C  CB   . LEU   A 1 78  ? 9.758   -4.584  -1.614  1.00 27.57 ? 1142 LEU   A CB   1 
ATOM   511  C  CG   . LEU   A 1 78  ? 8.694   -5.438  -0.935  1.00 32.11 ? 1142 LEU   A CG   1 
ATOM   512  C  CD1  . LEU   A 1 78  ? 7.742   -5.987  -1.990  1.00 32.45 ? 1142 LEU   A CD1  1 
ATOM   513  C  CD2  . LEU   A 1 78  ? 9.309   -6.577  -0.127  1.00 31.62 ? 1142 LEU   A CD2  1 
ATOM   514  N  N    . ASP   A 1 79  ? 12.458  -3.302  -2.466  1.00 20.49 ? 1143 ASP   A N    1 
ATOM   515  C  CA   . ASP   A 1 79  ? 13.614  -3.401  -3.397  1.00 22.16 ? 1143 ASP   A CA   1 
ATOM   516  C  C    . ASP   A 1 79  ? 14.927  -3.099  -2.667  1.00 22.18 ? 1143 ASP   A C    1 
ATOM   517  O  O    . ASP   A 1 79  ? 15.992  -3.499  -3.202  1.00 24.64 ? 1143 ASP   A O    1 
ATOM   518  C  CB   . ASP   A 1 79  ? 13.422  -2.496  -4.615  1.00 22.48 ? 1143 ASP   A CB   1 
ATOM   519  C  CG   . ASP   A 1 79  ? 12.436  -3.031  -5.639  1.00 25.50 ? 1143 ASP   A CG   1 
ATOM   520  O  OD1  . ASP   A 1 79  ? 12.085  -4.215  -5.549  1.00 28.74 ? 1143 ASP   A OD1  1 
ATOM   521  O  OD2  . ASP   A 1 79  ? 12.028  -2.253  -6.526  1.00 29.56 ? 1143 ASP   A OD2  1 
ATOM   522  N  N    . THR   A 1 80  ? 14.894  -2.424  -1.517  1.00 20.54 ? 1144 THR   A N    1 
ATOM   523  C  CA   . THR   A 1 80  ? 16.111  -2.033  -0.759  1.00 21.39 ? 1144 THR   A CA   1 
ATOM   524  C  C    . THR   A 1 80  ? 16.245  -2.844  0.535   1.00 23.55 ? 1144 THR   A C    1 
ATOM   525  O  O    . THR   A 1 80  ? 17.154  -2.518  1.338   1.00 24.79 ? 1144 THR   A O    1 
ATOM   526  C  CB   . THR   A 1 80  ? 16.135  -0.537  -0.451  1.00 20.70 ? 1144 THR   A CB   1 
ATOM   527  O  OG1  . THR   A 1 80  ? 14.915  -0.165  0.196   1.00 19.25 ? 1144 THR   A OG1  1 
ATOM   528  C  CG2  . THR   A 1 80  ? 16.313  0.295   -1.695  1.00 20.22 ? 1144 THR   A CG2  1 
ATOM   529  N  N    . GLY   A 1 81  ? 15.375  -3.839  0.744   1.00 23.88 ? 1145 GLY   A N    1 
ATOM   530  C  CA   . GLY   A 1 81  ? 15.450  -4.745  1.912   1.00 24.21 ? 1145 GLY   A CA   1 
ATOM   531  C  C    . GLY   A 1 81  ? 15.120  -4.060  3.226   1.00 24.71 ? 1145 GLY   A C    1 
ATOM   532  O  O    . GLY   A 1 81  ? 15.662  -4.470  4.273   1.00 26.60 ? 1145 GLY   A O    1 
ATOM   533  N  N    . GLN   A 1 82  ? 14.252  -3.043  3.218   1.00 23.38 ? 1146 GLN   A N    1 
ATOM   534  C  CA   . GLN   A 1 82  ? 13.919  -2.256  4.432   1.00 23.14 ? 1146 GLN   A CA   1 
ATOM   535  C  C    . GLN   A 1 82  ? 12.921  -3.019  5.314   1.00 23.72 ? 1146 GLN   A C    1 
ATOM   536  O  O    . GLN   A 1 82  ? 12.765  -2.617  6.466   1.00 26.76 ? 1146 GLN   A O    1 
ATOM   537  C  CB   . GLN   A 1 82  ? 13.376  -0.883  4.043   1.00 24.00 ? 1146 GLN   A CB   1 
ATOM   538  C  CG   . GLN   A 1 82  ? 14.458  0.006   3.460   1.00 24.91 ? 1146 GLN   A CG   1 
ATOM   539  C  CD   . GLN   A 1 82  ? 13.976  1.413   3.230   1.00 26.84 ? 1146 GLN   A CD   1 
ATOM   540  O  OE1  . GLN   A 1 82  ? 13.368  2.016   4.118   1.00 27.04 ? 1146 GLN   A OE1  1 
ATOM   541  N  NE2  . GLN   A 1 82  ? 14.271  1.954   2.050   1.00 25.36 ? 1146 GLN   A NE2  1 
ATOM   542  N  N    . TYR   A 1 83  ? 12.242  -4.039  4.794   1.00 23.81 ? 1147 TYR   A N    1 
ATOM   543  C  CA   . TYR   A 1 83  ? 11.329  -4.899  5.593   1.00 25.01 ? 1147 TYR   A CA   1 
ATOM   544  C  C    . TYR   A 1 83  ? 12.165  -6.050  6.163   1.00 26.75 ? 1147 TYR   A C    1 
ATOM   545  O  O    . TYR   A 1 83  ? 12.763  -6.778  5.360   1.00 29.29 ? 1147 TYR   A O    1 
ATOM   546  C  CB   . TYR   A 1 83  ? 10.134  -5.380  4.769   1.00 24.28 ? 1147 TYR   A CB   1 
ATOM   547  C  CG   . TYR   A 1 83  ? 9.255   -4.266  4.248   1.00 24.31 ? 1147 TYR   A CG   1 
ATOM   548  C  CD1  . TYR   A 1 83  ? 8.630   -3.386  5.115   1.00 23.86 ? 1147 TYR   A CD1  1 
ATOM   549  C  CD2  . TYR   A 1 83  ? 9.070   -4.072  2.891   1.00 24.13 ? 1147 TYR   A CD2  1 
ATOM   550  C  CE1  . TYR   A 1 83  ? 7.837   -2.350  4.643   1.00 23.41 ? 1147 TYR   A CE1  1 
ATOM   551  C  CE2  . TYR   A 1 83  ? 8.286   -3.042  2.397   1.00 23.17 ? 1147 TYR   A CE2  1 
ATOM   552  C  CZ   . TYR   A 1 83  ? 7.656   -2.182  3.279   1.00 22.57 ? 1147 TYR   A CZ   1 
ATOM   553  O  OH   . TYR   A 1 83  ? 6.879   -1.165  2.796   1.00 22.01 ? 1147 TYR   A OH   1 
ATOM   554  N  N    . GLN   A 1 84  ? 12.207  -6.174  7.487   1.00 29.35 ? 1148 GLN   A N    1 
ATOM   555  C  CA   . GLN   A 1 84  ? 12.910  -7.280  8.203   1.00 31.41 ? 1148 GLN   A CA   1 
ATOM   556  C  C    . GLN   A 1 84  ? 11.962  -8.478  8.313   1.00 30.99 ? 1148 GLN   A C    1 
ATOM   557  O  O    . GLN   A 1 84  ? 12.447  -9.626  8.391   1.00 30.32 ? 1148 GLN   A O    1 
ATOM   558  C  CB   . GLN   A 1 84  ? 13.347  -6.841  9.603   1.00 35.90 ? 1148 GLN   A CB   1 
ATOM   559  C  CG   . GLN   A 1 84  ? 14.062  -5.497  9.648   1.00 41.57 ? 1148 GLN   A CG   1 
ATOM   560  C  CD   . GLN   A 1 84  ? 15.323  -5.476  8.820   1.00 45.55 ? 1148 GLN   A CD   1 
ATOM   561  O  OE1  . GLN   A 1 84  ? 16.413  -5.774  9.309   1.00 51.10 ? 1148 GLN   A OE1  1 
ATOM   562  N  NE2  . GLN   A 1 84  ? 15.189  -5.096  7.559   1.00 48.49 ? 1148 GLN   A NE2  1 
ATOM   563  N  N    . GLU   A 1 85  ? 10.653  -8.221  8.330   1.00 29.80 ? 1149 GLU   A N    1 
ATOM   564  C  CA   . GLU   A 1 85  ? 9.602   -9.225  8.626   1.00 31.37 ? 1149 GLU   A CA   1 
ATOM   565  C  C    . GLU   A 1 85  ? 8.393   -8.951  7.739   1.00 28.09 ? 1149 GLU   A C    1 
ATOM   566  O  O    . GLU   A 1 85  ? 8.102   -7.787  7.446   1.00 26.12 ? 1149 GLU   A O    1 
ATOM   567  C  CB   . GLU   A 1 85  ? 9.185   -9.123  10.094  1.00 35.74 ? 1149 GLU   A CB   1 
ATOM   568  C  CG   . GLU   A 1 85  ? 10.280  -9.504  11.070  1.00 41.68 ? 1149 GLU   A CG   1 
ATOM   569  C  CD   . GLU   A 1 85  ? 10.001  -10.798 11.807  1.00 47.04 ? 1149 GLU   A CD   1 
ATOM   570  O  OE1  . GLU   A 1 85  ? 9.299   -10.742 12.840  1.00 53.53 ? 1149 GLU   A OE1  1 
ATOM   571  O  OE2  . GLU   A 1 85  ? 10.455  -11.857 11.328  1.00 54.74 ? 1149 GLU   A OE2  1 
ATOM   572  N  N    . PRO   A 1 86  ? 7.657   -9.995  7.294   1.00 27.18 ? 1150 PRO   A N    1 
ATOM   573  C  CA   . PRO   A 1 86  ? 6.459   -9.815  6.477   1.00 27.63 ? 1150 PRO   A CA   1 
ATOM   574  C  C    . PRO   A 1 86  ? 5.436   -8.850  7.090   1.00 26.93 ? 1150 PRO   A C    1 
ATOM   575  O  O    . PRO   A 1 86  ? 4.834   -8.118  6.331   1.00 25.97 ? 1150 PRO   A O    1 
ATOM   576  C  CB   . PRO   A 1 86  ? 5.850   -11.216 6.377   1.00 29.06 ? 1150 PRO   A CB   1 
ATOM   577  C  CG   . PRO   A 1 86  ? 7.038   -12.135 6.554   1.00 28.32 ? 1150 PRO   A CG   1 
ATOM   578  C  CD   . PRO   A 1 86  ? 7.955   -11.423 7.518   1.00 27.62 ? 1150 PRO   A CD   1 
ATOM   579  N  N    . TRP   A 1 87  ? 5.246   -8.864  8.412   1.00 25.88 ? 1151 TRP   A N    1 
ATOM   580  C  CA   . TRP   A 1 87  ? 4.231   -8.003  9.086   1.00 27.72 ? 1151 TRP   A CA   1 
ATOM   581  C  C    . TRP   A 1 87  ? 4.536   -6.520  8.821   1.00 26.44 ? 1151 TRP   A C    1 
ATOM   582  O  O    . TRP   A 1 87  ? 3.573   -5.730  8.751   1.00 25.14 ? 1151 TRP   A O    1 
ATOM   583  C  CB   . TRP   A 1 87  ? 4.110   -8.327  10.595  1.00 31.43 ? 1151 TRP   A CB   1 
ATOM   584  C  CG   . TRP   A 1 87  ? 5.272   -7.939  11.462  1.00 35.31 ? 1151 TRP   A CG   1 
ATOM   585  C  CD1  . TRP   A 1 87  ? 6.282   -8.759  11.883  1.00 38.87 ? 1151 TRP   A CD1  1 
ATOM   586  C  CD2  . TRP   A 1 87  ? 5.531   -6.655  12.068  1.00 37.32 ? 1151 TRP   A CD2  1 
ATOM   587  N  NE1  . TRP   A 1 87  ? 7.160   -8.072  12.676  1.00 40.12 ? 1151 TRP   A NE1  1 
ATOM   588  C  CE2  . TRP   A 1 87  ? 6.725   -6.781  12.813  1.00 40.29 ? 1151 TRP   A CE2  1 
ATOM   589  C  CE3  . TRP   A 1 87  ? 4.882   -5.415  12.056  1.00 40.39 ? 1151 TRP   A CE3  1 
ATOM   590  C  CZ2  . TRP   A 1 87  ? 7.280   -5.718  13.524  1.00 41.37 ? 1151 TRP   A CZ2  1 
ATOM   591  C  CZ3  . TRP   A 1 87  ? 5.433   -4.362  12.759  1.00 41.27 ? 1151 TRP   A CZ3  1 
ATOM   592  C  CH2  . TRP   A 1 87  ? 6.616   -4.514  13.482  1.00 42.10 ? 1151 TRP   A CH2  1 
ATOM   593  N  N    . GLN   A 1 88  ? 5.806   -6.143  8.662   1.00 23.25 ? 1152 GLN   A N    1 
ATOM   594  C  CA   . GLN   A 1 88  ? 6.196   -4.726  8.423   1.00 24.45 ? 1152 GLN   A CA   1 
ATOM   595  C  C    . GLN   A 1 88  ? 5.669   -4.290  7.055   1.00 23.13 ? 1152 GLN   A C    1 
ATOM   596  O  O    . GLN   A 1 88  ? 5.206   -3.129  6.929   1.00 22.57 ? 1152 GLN   A O    1 
ATOM   597  C  CB   . GLN   A 1 88  ? 7.707   -4.563  8.514   1.00 25.41 ? 1152 GLN   A CB   1 
ATOM   598  C  CG   . GLN   A 1 88  ? 8.220   -4.818  9.919   1.00 26.85 ? 1152 GLN   A CG   1 
ATOM   599  C  CD   . GLN   A 1 88  ? 9.724   -4.787  9.976   1.00 30.29 ? 1152 GLN   A CD   1 
ATOM   600  O  OE1  . GLN   A 1 88  ? 10.403  -5.217  9.053   1.00 32.04 ? 1152 GLN   A OE1  1 
ATOM   601  N  NE2  . GLN   A 1 88  ? 10.248  -4.276  11.078  1.00 35.25 ? 1152 GLN   A NE2  1 
ATOM   602  N  N    . TYR   A 1 89  ? 5.759   -5.170  6.064   1.00 22.06 ? 1153 TYR   A N    1 
ATOM   603  C  CA   . TYR   A 1 89  ? 5.247   -4.913  4.695   1.00 21.69 ? 1153 TYR   A CA   1 
ATOM   604  C  C    . TYR   A 1 89  ? 3.726   -4.789  4.758   1.00 22.08 ? 1153 TYR   A C    1 
ATOM   605  O  O    . TYR   A 1 89  ? 3.140   -3.814  4.249   1.00 21.81 ? 1153 TYR   A O    1 
ATOM   606  C  CB   . TYR   A 1 89  ? 5.718   -6.016  3.751   1.00 20.52 ? 1153 TYR   A CB   1 
ATOM   607  C  CG   . TYR   A 1 89  ? 4.951   -6.117  2.465   1.00 19.95 ? 1153 TYR   A CG   1 
ATOM   608  C  CD1  . TYR   A 1 89  ? 5.198   -5.235  1.424   1.00 20.32 ? 1153 TYR   A CD1  1 
ATOM   609  C  CD2  . TYR   A 1 89  ? 3.948   -7.054  2.292   1.00 21.60 ? 1153 TYR   A CD2  1 
ATOM   610  C  CE1  . TYR   A 1 89  ? 4.491   -5.315  0.238   1.00 20.23 ? 1153 TYR   A CE1  1 
ATOM   611  C  CE2  . TYR   A 1 89  ? 3.242   -7.152  1.106   1.00 22.19 ? 1153 TYR   A CE2  1 
ATOM   612  C  CZ   . TYR   A 1 89  ? 3.514   -6.276  0.071   1.00 22.17 ? 1153 TYR   A CZ   1 
ATOM   613  O  OH   . TYR   A 1 89  ? 2.818   -6.353  -1.101  1.00 22.97 ? 1153 TYR   A OH   1 
ATOM   614  N  N    . VAL   A 1 90  ? 3.080   -5.749  5.409   1.00 22.49 ? 1154 VAL   A N    1 
ATOM   615  C  CA   . VAL   A 1 90  ? 1.599   -5.745  5.544   1.00 23.11 ? 1154 VAL   A CA   1 
ATOM   616  C  C    . VAL   A 1 90  ? 1.170   -4.451  6.252   1.00 21.43 ? 1154 VAL   A C    1 
ATOM   617  O  O    . VAL   A 1 90  ? 0.166   -3.860  5.811   1.00 21.47 ? 1154 VAL   A O    1 
ATOM   618  C  CB   . VAL   A 1 90  ? 1.097   -7.002  6.281   1.00 23.54 ? 1154 VAL   A CB   1 
ATOM   619  C  CG1  . VAL   A 1 90  ? -0.383  -6.899  6.609   1.00 25.08 ? 1154 VAL   A CG1  1 
ATOM   620  C  CG2  . VAL   A 1 90  ? 1.390   -8.269  5.487   1.00 23.69 ? 1154 VAL   A CG2  1 
ATOM   621  N  N    . ASP   A 1 91  ? 1.865   -4.027  7.307   1.00 21.71 ? 1155 ASP   A N    1 
ATOM   622  C  CA   . ASP   A 1 91  ? 1.538   -2.786  8.052   1.00 22.02 ? 1155 ASP   A CA   1 
ATOM   623  C  C    . ASP   A 1 91  ? 1.540   -1.590  7.086   1.00 21.00 ? 1155 ASP   A C    1 
ATOM   624  O  O    . ASP   A 1 91  ? 0.608   -0.785  7.165   1.00 20.71 ? 1155 ASP   A O    1 
ATOM   625  C  CB   . ASP   A 1 91  ? 2.493   -2.534  9.216   1.00 25.55 ? 1155 ASP   A CB   1 
ATOM   626  C  CG   . ASP   A 1 91  ? 2.140   -3.299  10.482  1.00 29.49 ? 1155 ASP   A CG   1 
ATOM   627  O  OD1  . ASP   A 1 91  ? 1.174   -4.097  10.454  1.00 30.57 ? 1155 ASP   A OD1  1 
ATOM   628  O  OD2  . ASP   A 1 91  ? 2.854   -3.092  11.476  1.00 35.16 ? 1155 ASP   A OD2  1 
ATOM   629  N  N    . ASP   A 1 92  ? 2.520   -1.495  6.189   1.00 19.03 ? 1156 ASP   A N    1 
ATOM   630  C  CA   . ASP   A 1 92  ? 2.596   -0.350  5.241   1.00 18.55 ? 1156 ASP   A CA   1 
ATOM   631  C  C    . ASP   A 1 92  ? 1.441   -0.420  4.235   1.00 18.88 ? 1156 ASP   A C    1 
ATOM   632  O  O    . ASP   A 1 92  ? 0.874   0.634   3.900   1.00 19.13 ? 1156 ASP   A O    1 
ATOM   633  C  CB   . ASP   A 1 92  ? 3.939   -0.318  4.524   1.00 18.17 ? 1156 ASP   A CB   1 
ATOM   634  C  CG   . ASP   A 1 92  ? 5.024   0.428   5.270   1.00 20.33 ? 1156 ASP   A CG   1 
ATOM   635  O  OD1  . ASP   A 1 92  ? 4.737   1.022   6.341   1.00 22.71 ? 1156 ASP   A OD1  1 
ATOM   636  O  OD2  . ASP   A 1 92  ? 6.165   0.443   4.765   1.00 21.23 ? 1156 ASP   A OD2  1 
ATOM   637  N  N    . VAL   A 1 93  ? 1.104   -1.602  3.728   1.00 19.69 ? 1157 VAL   A N    1 
ATOM   638  C  CA   . VAL   A 1 93  ? -0.037  -1.735  2.777   1.00 19.05 ? 1157 VAL   A CA   1 
ATOM   639  C  C    . VAL   A 1 93  ? -1.320  -1.310  3.508   1.00 19.05 ? 1157 VAL   A C    1 
ATOM   640  O  O    . VAL   A 1 93  ? -2.118  -0.528  2.959   1.00 18.78 ? 1157 VAL   A O    1 
ATOM   641  C  CB   . VAL   A 1 93  ? -0.164  -3.158  2.211   1.00 20.27 ? 1157 VAL   A CB   1 
ATOM   642  C  CG1  . VAL   A 1 93  ? -1.419  -3.294  1.377   1.00 21.11 ? 1157 VAL   A CG1  1 
ATOM   643  C  CG2  . VAL   A 1 93  ? 1.064   -3.566  1.414   1.00 20.59 ? 1157 VAL   A CG2  1 
ATOM   644  N  N    . TRP   A 1 94  ? -1.538  -1.818  4.718   1.00 19.84 ? 1158 TRP   A N    1 
ATOM   645  C  CA   . TRP   A 1 94  ? -2.728  -1.449  5.521   1.00 20.01 ? 1158 TRP   A CA   1 
ATOM   646  C  C    . TRP   A 1 94  ? -2.765  0.061   5.787   1.00 19.49 ? 1158 TRP   A C    1 
ATOM   647  O  O    . TRP   A 1 94  ? -3.871  0.646   5.778   1.00 19.24 ? 1158 TRP   A O    1 
ATOM   648  C  CB   . TRP   A 1 94  ? -2.718  -2.219  6.836   1.00 22.34 ? 1158 TRP   A CB   1 
ATOM   649  C  CG   . TRP   A 1 94  ? -3.099  -3.654  6.713   1.00 24.88 ? 1158 TRP   A CG   1 
ATOM   650  C  CD1  . TRP   A 1 94  ? -3.574  -4.331  5.628   1.00 26.68 ? 1158 TRP   A CD1  1 
ATOM   651  C  CD2  . TRP   A 1 94  ? -3.043  -4.597  7.794   1.00 27.64 ? 1158 TRP   A CD2  1 
ATOM   652  N  NE1  . TRP   A 1 94  ? -3.814  -5.641  5.972   1.00 29.33 ? 1158 TRP   A NE1  1 
ATOM   653  C  CE2  . TRP   A 1 94  ? -3.509  -5.825  7.293   1.00 28.09 ? 1158 TRP   A CE2  1 
ATOM   654  C  CE3  . TRP   A 1 94  ? -2.655  -4.499  9.135   1.00 30.49 ? 1158 TRP   A CE3  1 
ATOM   655  C  CZ2  . TRP   A 1 94  ? -3.589  -6.964  8.100   1.00 30.68 ? 1158 TRP   A CZ2  1 
ATOM   656  C  CZ3  . TRP   A 1 94  ? -2.734  -5.623  9.929   1.00 31.44 ? 1158 TRP   A CZ3  1 
ATOM   657  C  CH2  . TRP   A 1 94  ? -3.188  -6.835  9.409   1.00 31.12 ? 1158 TRP   A CH2  1 
ATOM   658  N  N    . LEU   A 1 95  ? -1.624  0.666   6.086   1.00 18.82 ? 1159 LEU   A N    1 
ATOM   659  C  CA   . LEU   A 1 95  ? -1.517  2.126   6.333   1.00 18.36 ? 1159 LEU   A CA   1 
ATOM   660  C  C    . LEU   A 1 95  ? -1.981  2.878   5.082   1.00 18.60 ? 1159 LEU   A C    1 
ATOM   661  O  O    . LEU   A 1 95  ? -2.749  3.855   5.216   1.00 17.51 ? 1159 LEU   A O    1 
ATOM   662  C  CB   . LEU   A 1 95  ? -0.067  2.465   6.661   1.00 18.52 ? 1159 LEU   A CB   1 
ATOM   663  C  CG   . LEU   A 1 95  ? 0.274   3.948   6.764   1.00 18.50 ? 1159 LEU   A CG   1 
ATOM   664  C  CD1  . LEU   A 1 95  ? -0.544  4.636   7.845   1.00 17.81 ? 1159 LEU   A CD1  1 
ATOM   665  C  CD2  . LEU   A 1 95  ? 1.758   4.127   7.011   1.00 19.39 ? 1159 LEU   A CD2  1 
ATOM   666  N  N    . MET   A 1 96  ? -1.523  2.441   3.912   1.00 18.03 ? 1160 MET   A N    1 
ATOM   667  C  CA   . MET   A 1 96  ? -1.925  3.078   2.631   1.00 17.73 ? 1160 MET   A CA   1 
ATOM   668  C  C    . MET   A 1 96  ? -3.454  3.022   2.520   1.00 19.12 ? 1160 MET   A C    1 
ATOM   669  O  O    . MET   A 1 96  ? -4.074  4.057   2.176   1.00 17.50 ? 1160 MET   A O    1 
ATOM   670  C  CB   . MET   A 1 96  ? -1.251  2.379   1.448   1.00 18.70 ? 1160 MET   A CB   1 
ATOM   671  C  CG   . MET   A 1 96  ? -1.705  2.871   0.102   1.00 18.39 ? 1160 MET   A CG   1 
ATOM   672  S  SD   . MET   A 1 96  ? -0.845  1.999   -1.222  1.00 20.61 ? 1160 MET   A SD   1 
ATOM   673  C  CE   . MET   A 1 96  ? -1.711  0.439   -1.150  1.00 23.70 ? 1160 MET   A CE   1 
ATOM   674  N  N    . PHE   A 1 97  ? -4.070  1.861   2.768   1.00 17.66 ? 1161 PHE   A N    1 
ATOM   675  C  CA   . PHE   A 1 97  ? -5.545  1.726   2.656   1.00 18.66 ? 1161 PHE   A CA   1 
ATOM   676  C  C    . PHE   A 1 97  ? -6.214  2.603   3.713   1.00 17.70 ? 1161 PHE   A C    1 
ATOM   677  O  O    . PHE   A 1 97  ? -7.146  3.364   3.380   1.00 16.43 ? 1161 PHE   A O    1 
ATOM   678  C  CB   . PHE   A 1 97  ? -5.994  0.275   2.850   1.00 19.79 ? 1161 PHE   A CB   1 
ATOM   679  C  CG   . PHE   A 1 97  ? -5.484  -0.684  1.807   1.00 19.63 ? 1161 PHE   A CG   1 
ATOM   680  C  CD1  . PHE   A 1 97  ? -5.191  -0.282  0.512   1.00 20.68 ? 1161 PHE   A CD1  1 
ATOM   681  C  CD2  . PHE   A 1 97  ? -5.301  -2.014  2.146   1.00 22.15 ? 1161 PHE   A CD2  1 
ATOM   682  C  CE1  . PHE   A 1 97  ? -4.731  -1.194  -0.429  1.00 21.53 ? 1161 PHE   A CE1  1 
ATOM   683  C  CE2  . PHE   A 1 97  ? -4.838  -2.920  1.206   1.00 22.18 ? 1161 PHE   A CE2  1 
ATOM   684  C  CZ   . PHE   A 1 97  ? -4.560  -2.514  -0.072  1.00 21.53 ? 1161 PHE   A CZ   1 
ATOM   685  N  N    . ASN   A 1 98  ? -5.756  2.499   4.959   1.00 18.31 ? 1162 ASN   A N    1 
ATOM   686  C  CA   . ASN   A 1 98  ? -6.364  3.248   6.090   1.00 18.19 ? 1162 ASN   A CA   1 
ATOM   687  C  C    . ASN   A 1 98  ? -6.344  4.751   5.781   1.00 18.30 ? 1162 ASN   A C    1 
ATOM   688  O  O    . ASN   A 1 98  ? -7.338  5.441   6.036   1.00 18.46 ? 1162 ASN   A O    1 
ATOM   689  C  CB   . ASN   A 1 98  ? -5.686  2.912   7.413   1.00 18.60 ? 1162 ASN   A CB   1 
ATOM   690  C  CG   . ASN   A 1 98  ? -6.117  1.561   7.949   1.00 20.23 ? 1162 ASN   A CG   1 
ATOM   691  O  OD1  . ASN   A 1 98  ? -7.093  0.980   7.468   1.00 21.49 ? 1162 ASN   A OD1  1 
ATOM   692  N  ND2  . ASN   A 1 98  ? -5.364  1.064   8.917   1.00 21.63 ? 1162 ASN   A ND2  1 
ATOM   693  N  N    . ASN   A 1 99  ? -5.239  5.250   5.244   1.00 16.96 ? 1163 ASN   A N    1 
ATOM   694  C  CA   . ASN   A 1 99  ? -5.108  6.684   4.906   1.00 16.78 ? 1163 ASN   A CA   1 
ATOM   695  C  C    . ASN   A 1 99  ? -6.171  7.076   3.875   1.00 16.51 ? 1163 ASN   A C    1 
ATOM   696  O  O    . ASN   A 1 99  ? -6.762  8.172   4.010   1.00 17.71 ? 1163 ASN   A O    1 
ATOM   697  C  CB   . ASN   A 1 99  ? -3.715  6.987   4.378   1.00 17.03 ? 1163 ASN   A CB   1 
ATOM   698  C  CG   . ASN   A 1 99  ? -2.648  6.956   5.442   1.00 17.76 ? 1163 ASN   A CG   1 
ATOM   699  O  OD1  . ASN   A 1 99  ? -2.924  7.022   6.643   1.00 18.39 ? 1163 ASN   A OD1  1 
ATOM   700  N  ND2  . ASN   A 1 99  ? -1.407  6.891   4.987   1.00 18.46 ? 1163 ASN   A ND2  1 
ATOM   701  N  N    . ALA   A 1 100 ? -6.369  6.264   2.837   1.00 17.12 ? 1164 ALA   A N    1 
ATOM   702  C  CA   . ALA   A 1 100 ? -7.304  6.596   1.740   1.00 16.98 ? 1164 ALA   A CA   1 
ATOM   703  C  C    . ALA   A 1 100 ? -8.741  6.565   2.279   1.00 17.51 ? 1164 ALA   A C    1 
ATOM   704  O  O    . ALA   A 1 100 ? -9.542  7.443   1.931   1.00 18.10 ? 1164 ALA   A O    1 
ATOM   705  C  CB   . ALA   A 1 100 ? -7.098  5.661   0.579   1.00 18.06 ? 1164 ALA   A CB   1 
ATOM   706  N  N    . TRP   A 1 101 ? -9.055  5.591   3.129   1.00 17.05 ? 1165 TRP   A N    1 
ATOM   707  C  CA   . TRP   A 1 101 ? -10.408 5.518   3.735   1.00 18.47 ? 1165 TRP   A CA   1 
ATOM   708  C  C    . TRP   A 1 101 ? -10.622 6.702   4.683   1.00 18.59 ? 1165 TRP   A C    1 
ATOM   709  O  O    . TRP   A 1 101 ? -11.771 7.174   4.789   1.00 19.40 ? 1165 TRP   A O    1 
ATOM   710  C  CB   . TRP   A 1 101 ? -10.606 4.187   4.456   1.00 18.82 ? 1165 TRP   A CB   1 
ATOM   711  C  CG   . TRP   A 1 101 ? -10.797 3.008   3.560   1.00 19.72 ? 1165 TRP   A CG   1 
ATOM   712  C  CD1  . TRP   A 1 101 ? -11.540 2.916   2.421   1.00 20.84 ? 1165 TRP   A CD1  1 
ATOM   713  C  CD2  . TRP   A 1 101 ? -10.297 1.694   3.827   1.00 20.14 ? 1165 TRP   A CD2  1 
ATOM   714  N  NE1  . TRP   A 1 101 ? -11.514 1.635   1.940   1.00 21.47 ? 1165 TRP   A NE1  1 
ATOM   715  C  CE2  . TRP   A 1 101 ? -10.758 0.861   2.788   1.00 20.15 ? 1165 TRP   A CE2  1 
ATOM   716  C  CE3  . TRP   A 1 101 ? -9.498  1.158   4.842   1.00 19.75 ? 1165 TRP   A CE3  1 
ATOM   717  C  CZ2  . TRP   A 1 101 ? -10.442 -0.498  2.746   1.00 21.49 ? 1165 TRP   A CZ2  1 
ATOM   718  C  CZ3  . TRP   A 1 101 ? -9.171  -0.177  4.789   1.00 19.88 ? 1165 TRP   A CZ3  1 
ATOM   719  C  CH2  . TRP   A 1 101 ? -9.639  -0.988  3.752   1.00 20.90 ? 1165 TRP   A CH2  1 
ATOM   720  N  N    . LEU   A 1 102 ? -9.580  7.154   5.372   1.00 17.87 ? 1166 LEU   A N    1 
ATOM   721  C  CA   . LEU   A 1 102 ? -9.674  8.257   6.355   1.00 17.98 ? 1166 LEU   A CA   1 
ATOM   722  C  C    . LEU   A 1 102 ? -9.902  9.566   5.605   1.00 18.22 ? 1166 LEU   A C    1 
ATOM   723  O  O    . LEU   A 1 102 ? -10.830 10.307  5.945   1.00 19.38 ? 1166 LEU   A O    1 
ATOM   724  C  CB   . LEU   A 1 102 ? -8.386  8.321   7.174   1.00 19.08 ? 1166 LEU   A CB   1 
ATOM   725  C  CG   . LEU   A 1 102 ? -8.250  9.535   8.092   1.00 21.58 ? 1166 LEU   A CG   1 
ATOM   726  C  CD1  . LEU   A 1 102 ? -9.373  9.582   9.117   1.00 24.46 ? 1166 LEU   A CD1  1 
ATOM   727  C  CD2  . LEU   A 1 102 ? -6.897  9.545   8.771   1.00 22.23 ? 1166 LEU   A CD2  1 
ATOM   728  N  N    . TYR   A 1 103 ? -9.078  9.837   4.604   1.00 17.64 ? 1167 TYR   A N    1 
ATOM   729  C  CA   . TYR   A 1 103 ? -9.090  11.151  3.924   1.00 17.63 ? 1167 TYR   A CA   1 
ATOM   730  C  C    . TYR   A 1 103 ? -10.357 11.308  3.074   1.00 18.90 ? 1167 TYR   A C    1 
ATOM   731  O  O    . TYR   A 1 103 ? -10.960 12.423  3.050   1.00 18.61 ? 1167 TYR   A O    1 
ATOM   732  C  CB   . TYR   A 1 103 ? -7.828  11.372  3.084   1.00 17.62 ? 1167 TYR   A CB   1 
ATOM   733  C  CG   . TYR   A 1 103 ? -7.921  12.709  2.397   1.00 18.08 ? 1167 TYR   A CG   1 
ATOM   734  C  CD1  . TYR   A 1 103 ? -7.723  13.872  3.112   1.00 17.36 ? 1167 TYR   A CD1  1 
ATOM   735  C  CD2  . TYR   A 1 103 ? -8.347  12.819  1.083   1.00 19.01 ? 1167 TYR   A CD2  1 
ATOM   736  C  CE1  . TYR   A 1 103 ? -7.909  15.119  2.540   1.00 18.34 ? 1167 TYR   A CE1  1 
ATOM   737  C  CE2  . TYR   A 1 103 ? -8.553  14.055  0.494   1.00 19.76 ? 1167 TYR   A CE2  1 
ATOM   738  C  CZ   . TYR   A 1 103 ? -8.320  15.210  1.220   1.00 18.87 ? 1167 TYR   A CZ   1 
ATOM   739  O  OH   . TYR   A 1 103 ? -8.542  16.434  0.655   1.00 20.63 ? 1167 TYR   A OH   1 
ATOM   740  N  N    . ASN   A 1 104 ? -10.710 10.266  2.323   1.00 17.60 ? 1168 ASN   A N    1 
ATOM   741  C  CA   . ASN   A 1 104 ? -11.747 10.347  1.259   1.00 18.58 ? 1168 ASN   A CA   1 
ATOM   742  C  C    . ASN   A 1 104 ? -13.114 9.981   1.827   1.00 19.23 ? 1168 ASN   A C    1 
ATOM   743  O  O    . ASN   A 1 104 ? -13.196 9.209   2.780   1.00 19.86 ? 1168 ASN   A O    1 
ATOM   744  C  CB   . ASN   A 1 104 ? -11.385 9.494   0.048   1.00 19.88 ? 1168 ASN   A CB   1 
ATOM   745  C  CG   . ASN   A 1 104 ? -10.084 9.934   -0.580  1.00 19.33 ? 1168 ASN   A CG   1 
ATOM   746  O  OD1  . ASN   A 1 104 ? -10.064 10.871  -1.376  1.00 21.69 ? 1168 ASN   A OD1  1 
ATOM   747  N  ND2  . ASN   A 1 104 ? -8.996  9.281   -0.217  1.00 18.88 ? 1168 ASN   A ND2  1 
ATOM   748  N  N    . ARG   A 1 105 ? -14.159 10.540  1.232   1.00 19.95 ? 1169 ARG   A N    1 
ATOM   749  C  CA   . ARG   A 1 105 ? -15.549 10.220  1.626   1.00 21.26 ? 1169 ARG   A CA   1 
ATOM   750  C  C    . ARG   A 1 105 ? -15.935 8.845   1.079   1.00 22.69 ? 1169 ARG   A C    1 
ATOM   751  O  O    . ARG   A 1 105 ? -15.417 8.457   0.023   1.00 22.75 ? 1169 ARG   A O    1 
ATOM   752  C  CB   . ARG   A 1 105 ? -16.465 11.318  1.104   1.00 20.77 ? 1169 ARG   A CB   1 
ATOM   753  C  CG   . ARG   A 1 105 ? -16.214 12.651  1.787   1.00 21.02 ? 1169 ARG   A CG   1 
ATOM   754  C  CD   . ARG   A 1 105 ? -17.253 13.659  1.364   1.00 21.82 ? 1169 ARG   A CD   1 
ATOM   755  N  NE   . ARG   A 1 105 ? -16.897 14.994  1.812   1.00 21.84 ? 1169 ARG   A NE   1 
ATOM   756  C  CZ   . ARG   A 1 105 ? -17.031 15.452  3.056   1.00 22.18 ? 1169 ARG   A CZ   1 
ATOM   757  N  NH1  . ARG   A 1 105 ? -17.510 14.675  4.009   1.00 22.55 ? 1169 ARG   A NH1  1 
ATOM   758  N  NH2  . ARG   A 1 105 ? -16.682 16.695  3.331   1.00 22.53 ? 1169 ARG   A NH2  1 
ATOM   759  N  N    . LYS   A 1 106 ? -16.845 8.143   1.757   1.00 26.00 ? 1170 LYS   A N    1 
ATOM   760  C  CA   . LYS   A 1 106 ? -17.293 6.779   1.350   1.00 29.41 ? 1170 LYS   A CA   1 
ATOM   761  C  C    . LYS   A 1 106 ? -17.822 6.785   -0.086  1.00 30.15 ? 1170 LYS   A C    1 
ATOM   762  O  O    . LYS   A 1 106 ? -17.725 5.745   -0.761  1.00 30.21 ? 1170 LYS   A O    1 
ATOM   763  C  CB   . LYS   A 1 106 ? -18.406 6.276   2.273   1.00 33.86 ? 1170 LYS   A CB   1 
ATOM   764  C  CG   . LYS   A 1 106 ? -17.985 5.993   3.705   1.00 38.83 ? 1170 LYS   A CG   1 
ATOM   765  C  CD   . LYS   A 1 106 ? -19.077 5.299   4.498   1.00 44.52 ? 1170 LYS   A CD   1 
ATOM   766  C  CE   . LYS   A 1 106 ? -18.644 4.887   5.886   1.00 47.68 ? 1170 LYS   A CE   1 
ATOM   767  N  NZ   . LYS   A 1 106 ? -19.808 4.561   6.744   1.00 50.05 ? 1170 LYS   A NZ   1 
ATOM   768  N  N    . THR   A 1 107 ? -18.358 7.923   -0.533  1.00 29.44 ? 1171 THR   A N    1 
ATOM   769  C  CA   . THR   A 1 107 ? -19.001 8.125   -1.853  1.00 30.28 ? 1171 THR   A CA   1 
ATOM   770  C  C    . THR   A 1 107 ? -17.967 8.336   -2.964  1.00 28.73 ? 1171 THR   A C    1 
ATOM   771  O  O    . THR   A 1 107 ? -18.368 8.266   -4.130  1.00 30.73 ? 1171 THR   A O    1 
ATOM   772  C  CB   . THR   A 1 107 ? -19.962 9.321   -1.756  1.00 31.65 ? 1171 THR   A CB   1 
ATOM   773  O  OG1  . THR   A 1 107 ? -19.217 10.454  -1.303  1.00 31.48 ? 1171 THR   A OG1  1 
ATOM   774  C  CG2  . THR   A 1 107 ? -21.088 9.061   -0.781  1.00 34.23 ? 1171 THR   A CG2  1 
ATOM   775  N  N    . SER   A 1 108 ? -16.686 8.576   -2.637  1.00 24.46 ? 1172 SER   A N    1 
ATOM   776  C  CA   . SER   A 1 108 ? -15.654 8.998   -3.620  1.00 24.12 ? 1172 SER   A CA   1 
ATOM   777  C  C    . SER   A 1 108 ? -15.087 7.807   -4.408  1.00 22.49 ? 1172 SER   A C    1 
ATOM   778  O  O    . SER   A 1 108 ? -15.076 6.678   -3.892  1.00 22.18 ? 1172 SER   A O    1 
ATOM   779  C  CB   . SER   A 1 108 ? -14.559 9.771   -2.944  1.00 23.50 ? 1172 SER   A CB   1 
ATOM   780  O  OG   . SER   A 1 108 ? -13.752 8.928   -2.132  1.00 23.88 ? 1172 SER   A OG   1 
ATOM   781  N  N    . ARG   A 1 109 ? -14.586 8.082   -5.609  1.00 24.52 ? 1173 ARG   A N    1 
ATOM   782  C  CA   . ARG   A 1 109 ? -13.925 7.085   -6.487  1.00 24.88 ? 1173 ARG   A CA   1 
ATOM   783  C  C    . ARG   A 1 109 ? -12.695 6.517   -5.760  1.00 23.48 ? 1173 ARG   A C    1 
ATOM   784  O  O    . ARG   A 1 109 ? -12.491 5.278   -5.777  1.00 23.42 ? 1173 ARG   A O    1 
ATOM   785  C  CB   . ARG   A 1 109 ? -13.513 7.730   -7.811  1.00 29.39 ? 1173 ARG   A CB   1 
ATOM   786  C  CG   . ARG   A 1 109 ? -13.090 6.719   -8.862  1.00 35.07 ? 1173 ARG   A CG   1 
ATOM   787  C  CD   . ARG   A 1 109 ? -13.526 7.118   -10.256 1.00 39.53 ? 1173 ARG   A CD   1 
ATOM   788  N  NE   . ARG   A 1 109 ? -12.843 8.321   -10.714 1.00 43.31 ? 1173 ARG   A NE   1 
ATOM   789  C  CZ   . ARG   A 1 109 ? -12.101 8.423   -11.820 1.00 43.20 ? 1173 ARG   A CZ   1 
ATOM   790  N  NH1  . ARG   A 1 109 ? -11.533 9.578   -12.117 1.00 43.06 ? 1173 ARG   A NH1  1 
ATOM   791  N  NH2  . ARG   A 1 109 ? -11.908 7.382   -12.611 1.00 45.56 ? 1173 ARG   A NH2  1 
ATOM   792  N  N    . VAL   A 1 110 ? -11.898 7.377   -5.128  1.00 21.92 ? 1174 VAL   A N    1 
ATOM   793  C  CA   . VAL   A 1 110 ? -10.641 6.902   -4.478  1.00 20.15 ? 1174 VAL   A CA   1 
ATOM   794  C  C    . VAL   A 1 110 ? -11.001 5.944   -3.343  1.00 18.34 ? 1174 VAL   A C    1 
ATOM   795  O  O    . VAL   A 1 110 ? -10.331 4.906   -3.186  1.00 19.63 ? 1174 VAL   A O    1 
ATOM   796  C  CB   . VAL   A 1 110 ? -9.743  8.056   -4.004  1.00 20.07 ? 1174 VAL   A CB   1 
ATOM   797  C  CG1  . VAL   A 1 110 ? -8.562  7.532   -3.204  1.00 20.24 ? 1174 VAL   A CG1  1 
ATOM   798  C  CG2  . VAL   A 1 110 ? -9.270  8.883   -5.183  1.00 21.25 ? 1174 VAL   A CG2  1 
ATOM   799  N  N    . TYR   A 1 111 ? -12.029 6.248   -2.559  1.00 18.69 ? 1175 TYR   A N    1 
ATOM   800  C  CA   . TYR   A 1 111 ? -12.449 5.385   -1.435  1.00 19.58 ? 1175 TYR   A CA   1 
ATOM   801  C  C    . TYR   A 1 111 ? -12.860 4.015   -1.990  1.00 20.62 ? 1175 TYR   A C    1 
ATOM   802  O  O    . TYR   A 1 111 ? -12.457 2.973   -1.445  1.00 21.61 ? 1175 TYR   A O    1 
ATOM   803  C  CB   . TYR   A 1 111 ? -13.598 6.050   -0.677  1.00 19.82 ? 1175 TYR   A CB   1 
ATOM   804  C  CG   . TYR   A 1 111 ? -14.014 5.365   0.597   1.00 19.59 ? 1175 TYR   A CG   1 
ATOM   805  C  CD1  . TYR   A 1 111 ? -14.782 4.212   0.575   1.00 21.23 ? 1175 TYR   A CD1  1 
ATOM   806  C  CD2  . TYR   A 1 111 ? -13.696 5.904   1.834   1.00 19.79 ? 1175 TYR   A CD2  1 
ATOM   807  C  CE1  . TYR   A 1 111 ? -15.199 3.606   1.749   1.00 21.54 ? 1175 TYR   A CE1  1 
ATOM   808  C  CE2  . TYR   A 1 111 ? -14.107 5.306   3.015   1.00 20.01 ? 1175 TYR   A CE2  1 
ATOM   809  C  CZ   . TYR   A 1 111 ? -14.871 4.156   2.971   1.00 22.09 ? 1175 TYR   A CZ   1 
ATOM   810  O  OH   . TYR   A 1 111 ? -15.315 3.567   4.126   1.00 25.30 ? 1175 TYR   A OH   1 
ATOM   811  N  N    . LYS   A 1 112 ? -13.641 4.022   -3.069  1.00 22.22 ? 1176 LYS   A N    1 
ATOM   812  C  CA   . LYS   A 1 112 ? -14.138 2.775   -3.706  1.00 23.78 ? 1176 LYS   A CA   1 
ATOM   813  C  C    . LYS   A 1 112 ? -12.947 1.988   -4.270  1.00 22.50 ? 1176 LYS   A C    1 
ATOM   814  O  O    . LYS   A 1 112 ? -12.908 0.761   -4.069  1.00 24.88 ? 1176 LYS   A O    1 
ATOM   815  C  CB   . LYS   A 1 112 ? -15.208 3.103   -4.752  1.00 26.60 ? 1176 LYS   A CB   1 
ATOM   816  C  CG   . LYS   A 1 112 ? -16.494 3.685   -4.174  1.00 29.66 ? 1176 LYS   A CG   1 
ATOM   817  C  CD   . LYS   A 1 112 ? -17.448 4.158   -5.242  1.00 33.92 ? 1176 LYS   A CD   1 
ATOM   818  C  CE   . LYS   A 1 112 ? -18.461 5.164   -4.744  1.00 38.77 ? 1176 LYS   A CE   1 
ATOM   819  N  NZ   . LYS   A 1 112 ? -19.485 4.533   -3.878  1.00 42.24 ? 1176 LYS   A NZ   1 
ATOM   820  N  N    . PHE   A 1 113 ? -11.995 2.662   -4.917  1.00 21.32 ? 1177 PHE   A N    1 
ATOM   821  C  CA   . PHE   A 1 113 ? -10.784 2.016   -5.489  1.00 21.18 ? 1177 PHE   A CA   1 
ATOM   822  C  C    . PHE   A 1 113 ? -9.985  1.383   -4.353  1.00 22.25 ? 1177 PHE   A C    1 
ATOM   823  O  O    . PHE   A 1 113 ? -9.502  0.253   -4.495  1.00 21.93 ? 1177 PHE   A O    1 
ATOM   824  C  CB   . PHE   A 1 113 ? -9.951  3.012   -6.295  1.00 22.33 ? 1177 PHE   A CB   1 
ATOM   825  C  CG   . PHE   A 1 113 ? -10.525 3.366   -7.643  1.00 23.17 ? 1177 PHE   A CG   1 
ATOM   826  C  CD1  . PHE   A 1 113 ? -11.769 2.892   -8.037  1.00 25.27 ? 1177 PHE   A CD1  1 
ATOM   827  C  CD2  . PHE   A 1 113 ? -9.828  4.192   -8.508  1.00 24.68 ? 1177 PHE   A CD2  1 
ATOM   828  C  CE1  . PHE   A 1 113 ? -12.287 3.216   -9.281  1.00 27.22 ? 1177 PHE   A CE1  1 
ATOM   829  C  CE2  . PHE   A 1 113 ? -10.348 4.514   -9.751  1.00 26.56 ? 1177 PHE   A CE2  1 
ATOM   830  C  CZ   . PHE   A 1 113 ? -11.580 4.034   -10.130 1.00 27.19 ? 1177 PHE   A CZ   1 
ATOM   831  N  N    . CYS   A 1 114 ? -9.854  2.109   -3.248  1.00 20.61 ? 1178 CYS   A N    1 
ATOM   832  C  CA   . CYS   A 1 114 ? -9.153  1.609   -2.049  1.00 20.93 ? 1178 CYS   A CA   1 
ATOM   833  C  C    . CYS   A 1 114 ? -9.799  0.291   -1.602  1.00 21.37 ? 1178 CYS   A C    1 
ATOM   834  O  O    . CYS   A 1 114 ? -9.082  -0.692  -1.348  1.00 21.81 ? 1178 CYS   A O    1 
ATOM   835  C  CB   . CYS   A 1 114 ? -9.202  2.613   -0.912  1.00 19.73 ? 1178 CYS   A CB   1 
ATOM   836  S  SG   . CYS   A 1 114 ? -8.242  2.015   0.494   1.00 21.12 ? 1178 CYS   A SG   1 
ATOM   837  N  N    . SER   A 1 115 ? -11.124 0.253   -1.513  1.00 22.15 ? 1179 SER   A N    1 
ATOM   838  C  CA   . SER   A 1 115 ? -11.859 -0.955  -1.071  1.00 23.63 ? 1179 SER   A CA   1 
ATOM   839  C  C    . SER   A 1 115 ? -11.568 -2.128  -2.020  1.00 24.21 ? 1179 SER   A C    1 
ATOM   840  O  O    . SER   A 1 115 ? -11.399 -3.249  -1.523  1.00 26.39 ? 1179 SER   A O    1 
ATOM   841  C  CB   . SER   A 1 115 ? -13.331 -0.673  -0.948  1.00 23.78 ? 1179 SER   A CB   1 
ATOM   842  O  OG   . SER   A 1 115 ? -13.565 0.273   0.074   1.00 24.86 ? 1179 SER   A OG   1 
ATOM   843  N  N    . LYS   A 1 116 ? -11.496 -1.872  -3.327  1.00 26.05 ? 1180 LYS   A N    1 
ATOM   844  C  CA   . LYS   A 1 116 ? -11.143 -2.886  -4.355  1.00 26.79 ? 1180 LYS   A CA   1 
ATOM   845  C  C    . LYS   A 1 116 ? -9.732  -3.415  -4.070  1.00 27.20 ? 1180 LYS   A C    1 
ATOM   846  O  O    . LYS   A 1 116 ? -9.573  -4.641  -3.954  1.00 27.74 ? 1180 LYS   A O    1 
ATOM   847  C  CB   . LYS   A 1 116 ? -11.263 -2.299  -5.763  1.00 30.18 ? 1180 LYS   A CB   1 
ATOM   848  C  CG   . LYS   A 1 116 ? -10.837 -3.234  -6.886  1.00 33.53 ? 1180 LYS   A CG   1 
ATOM   849  C  CD   . LYS   A 1 116 ? -11.623 -4.523  -6.953  1.00 37.00 ? 1180 LYS   A CD   1 
ATOM   850  C  CE   . LYS   A 1 116 ? -11.171 -5.411  -8.094  1.00 40.06 ? 1180 LYS   A CE   1 
ATOM   851  N  NZ   . LYS   A 1 116 ? -11.860 -6.723  -8.057  1.00 43.80 ? 1180 LYS   A NZ   1 
ATOM   852  N  N    . LEU   A 1 117 ? -8.739  -2.532  -3.912  1.00 25.50 ? 1181 LEU   A N    1 
ATOM   853  C  CA   . LEU   A 1 117 ? -7.335  -2.954  -3.644  1.00 25.71 ? 1181 LEU   A CA   1 
ATOM   854  C  C    . LEU   A 1 117 ? -7.262  -3.785  -2.361  1.00 24.91 ? 1181 LEU   A C    1 
ATOM   855  O  O    . LEU   A 1 117 ? -6.501  -4.786  -2.341  1.00 26.34 ? 1181 LEU   A O    1 
ATOM   856  C  CB   . LEU   A 1 117 ? -6.421  -1.733  -3.527  1.00 26.14 ? 1181 LEU   A CB   1 
ATOM   857  C  CG   . LEU   A 1 117 ? -6.189  -0.935  -4.805  1.00 28.47 ? 1181 LEU   A CG   1 
ATOM   858  C  CD1  . LEU   A 1 117 ? -5.011  0.013   -4.621  1.00 29.46 ? 1181 LEU   A CD1  1 
ATOM   859  C  CD2  . LEU   A 1 117 ? -5.965  -1.834  -6.003  1.00 28.95 ? 1181 LEU   A CD2  1 
ATOM   860  N  N    . ALA   A 1 118 ? -7.996  -3.401  -1.314  1.00 24.30 ? 1182 ALA   A N    1 
ATOM   861  C  CA   . ALA   A 1 118 ? -7.954  -4.081  -0.001  1.00 25.62 ? 1182 ALA   A CA   1 
ATOM   862  C  C    . ALA   A 1 118 ? -8.506  -5.503  -0.160  1.00 28.04 ? 1182 ALA   A C    1 
ATOM   863  O  O    . ALA   A 1 118 ? -7.933  -6.419  0.439   1.00 29.11 ? 1182 ALA   A O    1 
ATOM   864  C  CB   . ALA   A 1 118 ? -8.699  -3.288  1.040   1.00 25.91 ? 1182 ALA   A CB   1 
ATOM   865  N  N    . GLU   A 1 119 ? -9.555  -5.672  -0.964  1.00 29.05 ? 1183 GLU   A N    1 
ATOM   866  C  CA   . GLU   A 1 119 ? -10.144 -7.003  -1.272  1.00 33.25 ? 1183 GLU   A CA   1 
ATOM   867  C  C    . GLU   A 1 119 ? -9.092  -7.855  -1.984  1.00 31.97 ? 1183 GLU   A C    1 
ATOM   868  O  O    . GLU   A 1 119 ? -8.847  -8.993  -1.532  1.00 33.03 ? 1183 GLU   A O    1 
ATOM   869  C  CB   . GLU   A 1 119 ? -11.391 -6.877  -2.146  1.00 37.18 ? 1183 GLU   A CB   1 
ATOM   870  C  CG   . GLU   A 1 119 ? -12.636 -6.458  -1.387  1.00 42.53 ? 1183 GLU   A CG   1 
ATOM   871  C  CD   . GLU   A 1 119 ? -13.879 -6.430  -2.262  1.00 47.76 ? 1183 GLU   A CD   1 
ATOM   872  O  OE1  . GLU   A 1 119 ? -13.921 -7.201  -3.249  1.00 51.73 ? 1183 GLU   A OE1  1 
ATOM   873  O  OE2  . GLU   A 1 119 ? -14.793 -5.633  -1.968  1.00 53.44 ? 1183 GLU   A OE2  1 
ATOM   874  N  N    . VAL   A 1 120 ? -8.479  -7.318  -3.038  1.00 30.37 ? 1184 VAL   A N    1 
ATOM   875  C  CA   . VAL   A 1 120 ? -7.419  -8.020  -3.819  1.00 29.70 ? 1184 VAL   A CA   1 
ATOM   876  C  C    . VAL   A 1 120 ? -6.294  -8.402  -2.854  1.00 31.63 ? 1184 VAL   A C    1 
ATOM   877  O  O    . VAL   A 1 120 ? -5.864  -9.574  -2.878  1.00 31.10 ? 1184 VAL   A O    1 
ATOM   878  C  CB   . VAL   A 1 120 ? -6.916  -7.174  -5.003  1.00 30.32 ? 1184 VAL   A CB   1 
ATOM   879  C  CG1  . VAL   A 1 120 ? -5.669  -7.768  -5.636  1.00 31.62 ? 1184 VAL   A CG1  1 
ATOM   880  C  CG2  . VAL   A 1 120 ? -8.000  -6.969  -6.049  1.00 30.90 ? 1184 VAL   A CG2  1 
ATOM   881  N  N    . PHE   A 1 121 ? -5.844  -7.478  -2.002  1.00 28.25 ? 1185 PHE   A N    1 
ATOM   882  C  CA   . PHE   A 1 121 ? -4.691  -7.721  -1.103  1.00 29.26 ? 1185 PHE   A CA   1 
ATOM   883  C  C    . PHE   A 1 121 ? -5.012  -8.861  -0.129  1.00 31.65 ? 1185 PHE   A C    1 
ATOM   884  O  O    . PHE   A 1 121 ? -4.148  -9.736  0.047   1.00 32.08 ? 1185 PHE   A O    1 
ATOM   885  C  CB   . PHE   A 1 121 ? -4.293  -6.462  -0.334  1.00 27.59 ? 1185 PHE   A CB   1 
ATOM   886  C  CG   . PHE   A 1 121 ? -3.022  -6.639  0.448   1.00 25.14 ? 1185 PHE   A CG   1 
ATOM   887  C  CD1  . PHE   A 1 121 ? -1.818  -6.839  -0.206  1.00 24.52 ? 1185 PHE   A CD1  1 
ATOM   888  C  CD2  . PHE   A 1 121 ? -3.042  -6.659  1.831   1.00 26.00 ? 1185 PHE   A CD2  1 
ATOM   889  C  CE1  . PHE   A 1 121 ? -0.644  -6.998  0.514   1.00 25.07 ? 1185 PHE   A CE1  1 
ATOM   890  C  CE2  . PHE   A 1 121 ? -1.870  -6.827  2.551   1.00 25.92 ? 1185 PHE   A CE2  1 
ATOM   891  C  CZ   . PHE   A 1 121 ? -0.671  -6.994  1.889   1.00 24.99 ? 1185 PHE   A CZ   1 
ATOM   892  N  N    . GLU   A 1 122 ? -6.194  -8.830  0.494   1.00 33.31 ? 1186 GLU   A N    1 
ATOM   893  C  CA   . GLU   A 1 122 ? -6.644  -9.843  1.487   1.00 37.14 ? 1186 GLU   A CA   1 
ATOM   894  C  C    . GLU   A 1 122 ? -6.553  -11.240 0.855   1.00 38.30 ? 1186 GLU   A C    1 
ATOM   895  O  O    . GLU   A 1 122 ? -6.099  -12.162 1.545   1.00 37.33 ? 1186 GLU   A O    1 
ATOM   896  C  CB   . GLU   A 1 122 ? -8.063  -9.538  1.967   1.00 41.31 ? 1186 GLU   A CB   1 
ATOM   897  C  CG   . GLU   A 1 122 ? -8.446  -10.310 3.217   1.00 46.71 ? 1186 GLU   A CG   1 
ATOM   898  C  CD   . GLU   A 1 122 ? -9.857  -10.043 3.710   1.00 50.27 ? 1186 GLU   A CD   1 
ATOM   899  O  OE1  . GLU   A 1 122 ? -10.600 -9.323  3.012   1.00 54.54 ? 1186 GLU   A OE1  1 
ATOM   900  O  OE2  . GLU   A 1 122 ? -10.210 -10.562 4.785   1.00 57.78 ? 1186 GLU   A OE2  1 
ATOM   901  N  N    . GLN   A 1 123 ? -6.935  -11.364 -0.419  1.00 37.69 ? 1187 GLN   A N    1 
ATOM   902  C  CA   . GLN   A 1 123 ? -6.864  -12.625 -1.210  1.00 43.13 ? 1187 GLN   A CA   1 
ATOM   903  C  C    . GLN   A 1 123 ? -5.400  -13.051 -1.362  1.00 43.50 ? 1187 GLN   A C    1 
ATOM   904  O  O    . GLN   A 1 123 ? -5.086  -14.221 -1.066  1.00 43.25 ? 1187 GLN   A O    1 
ATOM   905  C  CB   . GLN   A 1 123 ? -7.489  -12.434 -2.593  1.00 46.39 ? 1187 GLN   A CB   1 
ATOM   906  C  CG   . GLN   A 1 123 ? -8.945  -11.992 -2.555  1.00 50.20 ? 1187 GLN   A CG   1 
ATOM   907  C  CD   . GLN   A 1 123 ? -9.927  -13.126 -2.716  1.00 56.37 ? 1187 GLN   A CD   1 
ATOM   908  O  OE1  . GLN   A 1 123 ? -10.988 -12.961 -3.317  1.00 60.79 ? 1187 GLN   A OE1  1 
ATOM   909  N  NE2  . GLN   A 1 123 ? -9.588  -14.286 -2.173  1.00 58.40 ? 1187 GLN   A NE2  1 
ATOM   910  N  N    . GLU   A 1 124 ? -4.539  -12.122 -1.794  1.00 41.25 ? 1188 GLU   A N    1 
ATOM   911  C  CA   . GLU   A 1 124 ? -3.123  -12.377 -2.168  1.00 40.37 ? 1188 GLU   A CA   1 
ATOM   912  C  C    . GLU   A 1 124 ? -2.276  -12.719 -0.937  1.00 40.60 ? 1188 GLU   A C    1 
ATOM   913  O  O    . GLU   A 1 124 ? -1.413  -13.606 -1.052  1.00 39.69 ? 1188 GLU   A O    1 
ATOM   914  C  CB   . GLU   A 1 124 ? -2.542  -11.154 -2.881  1.00 42.74 ? 1188 GLU   A CB   1 
ATOM   915  C  CG   . GLU   A 1 124 ? -3.151  -10.921 -4.251  1.00 45.96 ? 1188 GLU   A CG   1 
ATOM   916  C  CD   . GLU   A 1 124 ? -2.747  -11.943 -5.300  1.00 49.27 ? 1188 GLU   A CD   1 
ATOM   917  O  OE1  . GLU   A 1 124 ? -1.576  -12.374 -5.283  1.00 51.63 ? 1188 GLU   A OE1  1 
ATOM   918  O  OE2  . GLU   A 1 124 ? -3.604  -12.302 -6.133  1.00 52.24 ? 1188 GLU   A OE2  1 
ATOM   919  N  N    . ILE   A 1 125 ? -2.488  -12.030 0.186   1.00 38.84 ? 1189 ILE   A N    1 
ATOM   920  C  CA   . ILE   A 1 125 ? -1.561  -12.058 1.357   1.00 41.41 ? 1189 ILE   A CA   1 
ATOM   921  C  C    . ILE   A 1 125 ? -1.884  -13.251 2.266   1.00 44.75 ? 1189 ILE   A C    1 
ATOM   922  O  O    . ILE   A 1 125 ? -0.986  -13.646 3.034   1.00 47.61 ? 1189 ILE   A O    1 
ATOM   923  C  CB   . ILE   A 1 125 ? -1.584  -10.717 2.124   1.00 39.03 ? 1189 ILE   A CB   1 
ATOM   924  C  CG1  . ILE   A 1 125 ? -0.315  -10.519 2.956   1.00 38.78 ? 1189 ILE   A CG1  1 
ATOM   925  C  CG2  . ILE   A 1 125 ? -2.842  -10.584 2.974   1.00 39.01 ? 1189 ILE   A CG2  1 
ATOM   926  C  CD1  . ILE   A 1 125 ? 0.966   -10.481 2.143   1.00 38.65 ? 1189 ILE   A CD1  1 
ATOM   927  N  N    . ASP   A 1 126 ? -3.105  -13.793 2.203   1.00 50.19 ? 1190 ASP   A N    1 
ATOM   928  C  CA   . ASP   A 1 126 ? -3.542  -14.944 3.043   1.00 55.38 ? 1190 ASP   A CA   1 
ATOM   929  C  C    . ASP   A 1 126 ? -2.589  -16.121 2.842   1.00 52.97 ? 1190 ASP   A C    1 
ATOM   930  O  O    . ASP   A 1 126 ? -1.920  -16.531 3.788   1.00 49.64 ? 1190 ASP   A O    1 
ATOM   931  C  CB   . ASP   A 1 126 ? -5.001  -15.324 2.771   1.00 61.14 ? 1190 ASP   A CB   1 
ATOM   932  C  CG   . ASP   A 1 126 ? -6.000  -14.532 3.599   1.00 69.01 ? 1190 ASP   A CG   1 
ATOM   933  O  OD1  . ASP   A 1 126 ? -5.646  -13.418 4.050   1.00 73.38 ? 1190 ASP   A OD1  1 
ATOM   934  O  OD2  . ASP   A 1 126 ? -7.126  -15.035 3.789   1.00 77.64 ? 1190 ASP   A OD2  1 
ATOM   935  N  N    . PRO   A 1 127 ? -2.491  -16.703 1.623   1.00 55.60 ? 1191 PRO   A N    1 
ATOM   936  C  CA   . PRO   A 1 127 ? -1.610  -17.848 1.386   1.00 56.69 ? 1191 PRO   A CA   1 
ATOM   937  C  C    . PRO   A 1 127 ? -0.145  -17.562 1.749   1.00 57.80 ? 1191 PRO   A C    1 
ATOM   938  O  O    . PRO   A 1 127 ? 0.469   -18.401 2.389   1.00 56.88 ? 1191 PRO   A O    1 
ATOM   939  C  CB   . PRO   A 1 127 ? -1.747  -18.137 -0.120  1.00 56.77 ? 1191 PRO   A CB   1 
ATOM   940  C  CG   . PRO   A 1 127 ? -2.364  -16.880 -0.700  1.00 57.39 ? 1191 PRO   A CG   1 
ATOM   941  C  CD   . PRO   A 1 127 ? -3.224  -16.314 0.410   1.00 55.39 ? 1191 PRO   A CD   1 
ATOM   942  N  N    . VAL   A 1 128 ? 0.363   -16.389 1.356   1.00 57.23 ? 1192 VAL   A N    1 
ATOM   943  C  CA   . VAL   A 1 128 ? 1.765   -15.946 1.627   1.00 56.84 ? 1192 VAL   A CA   1 
ATOM   944  C  C    . VAL   A 1 128 ? 1.994   -15.932 3.147   1.00 58.55 ? 1192 VAL   A C    1 
ATOM   945  O  O    . VAL   A 1 128 ? 3.127   -16.232 3.562   1.00 60.95 ? 1192 VAL   A O    1 
ATOM   946  C  CB   . VAL   A 1 128 ? 2.075   -14.584 0.971   1.00 54.44 ? 1192 VAL   A CB   1 
ATOM   947  C  CG1  . VAL   A 1 128 ? 3.464   -14.076 1.339   1.00 54.53 ? 1192 VAL   A CG1  1 
ATOM   948  C  CG2  . VAL   A 1 128 ? 1.920   -14.642 -0.542  1.00 52.49 ? 1192 VAL   A CG2  1 
ATOM   949  N  N    . MET   A 1 129 ? 0.960   -15.632 3.941   1.00 62.78 ? 1193 MET   A N    1 
ATOM   950  C  CA   . MET   A 1 129 ? 1.000   -15.706 5.427   1.00 66.68 ? 1193 MET   A CA   1 
ATOM   951  C  C    . MET   A 1 129 ? 0.508   -17.088 5.875   1.00 68.09 ? 1193 MET   A C    1 
ATOM   952  O  O    . MET   A 1 129 ? 0.926   -18.117 5.343   1.00 64.83 ? 1193 MET   A O    1 
ATOM   953  C  CB   . MET   A 1 129 ? 0.126   -14.618 6.062   1.00 70.42 ? 1193 MET   A CB   1 
ATOM   954  C  CG   . MET   A 1 129 ? 0.726   -14.028 7.326   1.00 73.68 ? 1193 MET   A CG   1 
ATOM   955  S  SD   . MET   A 1 129 ? 2.113   -12.905 6.983   1.00 79.44 ? 1193 MET   A SD   1 
ATOM   956  C  CE   . MET   A 1 129 ? 2.954   -12.926 8.567   1.00 77.80 ? 1193 MET   A CE   1 
HETATM 957  C  CAS  . A1EDN B 2 .   ? -1.736  10.880  -12.033 1.00 37.31 ? 1201 A1EDN A CAS  1 
HETATM 958  C  CAT  . A1EDN B 2 .   ? -0.326  11.268  -12.487 1.00 39.18 ? 1201 A1EDN A CAT  1 
HETATM 959  O  OAU  . A1EDN B 2 .   ? 0.390   9.985   -12.514 1.00 43.89 ? 1201 A1EDN A OAU  1 
HETATM 960  C  CAV  . A1EDN B 2 .   ? 0.457   9.239   -11.256 1.00 41.46 ? 1201 A1EDN A CAV  1 
HETATM 961  C  CAW  . A1EDN B 2 .   ? -0.974  9.033   -10.738 1.00 39.22 ? 1201 A1EDN A CAW  1 
HETATM 962  N  NAR  . A1EDN B 2 .   ? -1.581  10.332  -10.714 1.00 34.78 ? 1201 A1EDN A NAR  1 
HETATM 963  C  CAQ  . A1EDN B 2 .   ? -2.905  10.155  -10.012 1.00 31.25 ? 1201 A1EDN A CAQ  1 
HETATM 964  C  CAX  . A1EDN B 2 .   ? -4.060  9.575   -10.855 1.00 31.51 ? 1201 A1EDN A CAX  1 
HETATM 965  C  CAP  . A1EDN B 2 .   ? -3.298  11.494  -9.507  1.00 29.97 ? 1201 A1EDN A CAP  1 
HETATM 966  N  NAM  . A1EDN B 2 .   ? -4.460  11.527  -8.505  1.00 28.28 ? 1201 A1EDN A NAM  1 
HETATM 967  C  CAL  . A1EDN B 2 .   ? -4.351  11.097  -7.221  1.00 26.59 ? 1201 A1EDN A CAL  1 
HETATM 968  C  CAK  . A1EDN B 2 .   ? -5.522  11.335  -6.608  1.00 25.33 ? 1201 A1EDN A CAK  1 
HETATM 969  C  CAF  . A1EDN B 2 .   ? -5.811  11.091  -5.292  1.00 25.39 ? 1201 A1EDN A CAF  1 
HETATM 970  C  CAA  . A1EDN B 2 .   ? -5.223  10.068  -4.544  1.00 25.53 ? 1201 A1EDN A CAA  1 
HETATM 971  C  CAB  . A1EDN B 2 .   ? -5.560  9.934   -3.239  1.00 27.48 ? 1201 A1EDN A CAB  1 
HETATM 972  C  CAI  . A1EDN B 2 .   ? -5.199  9.084   -2.318  1.00 29.46 ? 1201 A1EDN A CAI  1 
HETATM 973  C  CAJ  . A1EDN B 2 .   ? -4.239  7.958   -2.607  1.00 28.55 ? 1201 A1EDN A CAJ  1 
HETATM 974  N  NAH  . A1EDN B 2 .   ? -5.780  9.350   -1.118  1.00 30.22 ? 1201 A1EDN A NAH  1 
HETATM 975  O  OAG  . A1EDN B 2 .   ? -6.465  10.270  -1.213  1.00 28.76 ? 1201 A1EDN A OAG  1 
HETATM 976  C  CAC  . A1EDN B 2 .   ? -6.405  10.746  -2.625  1.00 26.95 ? 1201 A1EDN A CAC  1 
HETATM 977  C  CAD  . A1EDN B 2 .   ? -6.968  11.756  -3.271  1.00 26.40 ? 1201 A1EDN A CAD  1 
HETATM 978  C  CAE  . A1EDN B 2 .   ? -6.691  11.955  -4.627  1.00 27.57 ? 1201 A1EDN A CAE  1 
HETATM 979  N  NAO  . A1EDN B 2 .   ? -6.346  11.978  -7.468  1.00 25.54 ? 1201 A1EDN A NAO  1 
HETATM 980  C  CAN  . A1EDN B 2 .   ? -5.687  12.066  -8.624  1.00 26.80 ? 1201 A1EDN A CAN  1 
HETATM 981  C  CAY  . A1EDN B 2 .   ? -6.221  12.683  -9.795  1.00 29.40 ? 1201 A1EDN A CAY  1 
HETATM 982  C  CAZ  . A1EDN B 2 .   ? -6.265  14.189  -9.587  1.00 31.49 ? 1201 A1EDN A CAZ  1 
HETATM 983  C  CBA  . A1EDN B 2 .   ? -7.749  14.498  -9.676  1.00 31.12 ? 1201 A1EDN A CBA  1 
HETATM 984  C  CBB  . A1EDN B 2 .   ? -8.398  13.342  -10.065 1.00 30.59 ? 1201 A1EDN A CBB  1 
HETATM 985  O  OBD  . A1EDN B 2 .   ? -9.600  13.285  -10.293 1.00 28.59 ? 1201 A1EDN A OBD  1 
HETATM 986  N  NBC  . A1EDN B 2 .   ? -7.602  12.281  -10.104 1.00 28.31 ? 1201 A1EDN A NBC  1 
HETATM 987  C  CBE  . A1EDN B 2 .   ? -7.914  11.027  -10.437 1.00 28.71 ? 1201 A1EDN A CBE  1 
HETATM 988  C  CBJ  . A1EDN B 2 .   ? -8.452  10.151  -9.496  1.00 28.61 ? 1201 A1EDN A CBJ  1 
HETATM 989  C  CBI  . A1EDN B 2 .   ? -8.744  8.849   -9.866  1.00 29.74 ? 1201 A1EDN A CBI  1 
HETATM 990  CL CLBM . A1EDN B 2 .   ? -9.462  7.702   -8.698  1.00 37.23 ? 1201 A1EDN A CLBM 1 
HETATM 991  C  CBH  . A1EDN B 2 .   ? -8.523  8.411   -11.163 1.00 30.94 ? 1201 A1EDN A CBH  1 
HETATM 992  O  OBK  . A1EDN B 2 .   ? -8.879  7.120   -11.381 1.00 33.15 ? 1201 A1EDN A OBK  1 
HETATM 993  C  CBL  . A1EDN B 2 .   ? -8.525  6.473   -12.614 1.00 35.49 ? 1201 A1EDN A CBL  1 
HETATM 994  C  CBG  . A1EDN B 2 .   ? -7.973  9.285   -12.102 1.00 29.50 ? 1201 A1EDN A CBG  1 
HETATM 995  C  CBF  . A1EDN B 2 .   ? -7.682  10.580  -11.731 1.00 28.46 ? 1201 A1EDN A CBF  1 
HETATM 996  C  C1   . EDO   C 3 .   ? 19.327  -6.171  0.673   1.00 47.48 ? 1202 EDO   A C1   1 
HETATM 997  O  O1   . EDO   C 3 .   ? 19.392  -5.763  2.029   1.00 49.60 ? 1202 EDO   A O1   1 
HETATM 998  C  C2   . EDO   C 3 .   ? 18.407  -5.325  -0.123  1.00 46.26 ? 1202 EDO   A C2   1 
HETATM 999  O  O2   . EDO   C 3 .   ? 17.867  -5.968  -1.255  1.00 47.47 ? 1202 EDO   A O2   1 
HETATM 1000 C  C1   . GOL   D 4 .   ? -13.880 11.896  4.821   1.00 42.90 ? 1203 GOL   A C1   1 
HETATM 1001 O  O1   . GOL   D 4 .   ? -14.729 11.097  5.643   1.00 41.77 ? 1203 GOL   A O1   1 
HETATM 1002 C  C2   . GOL   D 4 .   ? -13.476 13.195  5.495   0.50 42.81 ? 1203 GOL   A C2   1 
HETATM 1003 O  O2   . GOL   D 4 .   ? -13.986 13.255  6.828   0.50 41.63 ? 1203 GOL   A O2   1 
HETATM 1004 C  C3   . GOL   D 4 .   ? -13.935 14.429  4.752   0.50 43.54 ? 1203 GOL   A C3   1 
HETATM 1005 O  O3   . GOL   D 4 .   ? -14.872 15.169  5.530   0.50 46.17 ? 1203 GOL   A O3   1 
HETATM 1006 O  O    . HOH   E 5 .   ? -13.274 8.949   5.136   1.00 24.82 ? 1301 HOH   A O    1 
HETATM 1007 O  O    . HOH   E 5 .   ? -11.345 11.382  -10.465 1.00 41.44 ? 1302 HOH   A O    1 
HETATM 1008 O  O    . HOH   E 5 .   ? -11.745 11.886  -2.918  1.00 29.00 ? 1303 HOH   A O    1 
HETATM 1009 O  O    . HOH   E 5 .   ? -4.658  8.543   1.202   1.00 22.34 ? 1304 HOH   A O    1 
HETATM 1010 O  O    . HOH   E 5 .   ? 14.517  -10.666 9.398   1.00 30.97 ? 1305 HOH   A O    1 
HETATM 1011 O  O    . HOH   E 5 .   ? 8.063   7.443   -4.594  1.00 28.57 ? 1306 HOH   A O    1 
HETATM 1012 O  O    . HOH   E 5 .   ? 12.176  4.848   -6.171  1.00 39.46 ? 1307 HOH   A O    1 
HETATM 1013 O  O    . HOH   E 5 .   ? 7.982   9.079   -6.617  1.00 36.50 ? 1308 HOH   A O    1 
HETATM 1014 O  O    . HOH   E 5 .   ? 13.113  -10.816 12.009  1.00 50.05 ? 1309 HOH   A O    1 
HETATM 1015 O  O    . HOH   E 5 .   ? 4.647   3.231   -8.596  1.00 29.89 ? 1310 HOH   A O    1 
HETATM 1016 O  O    . HOH   E 5 .   ? -17.451 2.047   3.909   1.00 36.17 ? 1311 HOH   A O    1 
HETATM 1017 O  O    . HOH   E 5 .   ? -17.920 3.128   -0.582  1.00 32.49 ? 1312 HOH   A O    1 
HETATM 1018 O  O    . HOH   E 5 .   ? 6.436   2.708   7.442   1.00 33.42 ? 1313 HOH   A O    1 
HETATM 1019 O  O    . HOH   E 5 .   ? 5.940   -1.074  8.426   1.00 32.70 ? 1314 HOH   A O    1 
HETATM 1020 O  O    . HOH   E 5 .   ? 3.624   0.885   8.764   1.00 32.91 ? 1315 HOH   A O    1 
HETATM 1021 O  O    . HOH   E 5 .   ? 17.755  -1.468  3.723   1.00 38.37 ? 1316 HOH   A O    1 
HETATM 1022 O  O    . HOH   E 5 .   ? -1.069  7.691   -3.430  1.00 26.40 ? 1317 HOH   A O    1 
HETATM 1023 O  O    . HOH   E 5 .   ? 4.234   12.442  -5.868  1.00 33.65 ? 1318 HOH   A O    1 
HETATM 1024 O  O    . HOH   E 5 .   ? -3.879  22.971  -4.735  1.00 39.53 ? 1319 HOH   A O    1 
HETATM 1025 O  O    . HOH   E 5 .   ? 4.897   7.859   6.209   1.00 37.62 ? 1320 HOH   A O    1 
HETATM 1026 O  O    . HOH   E 5 .   ? -1.631  19.122  3.030   1.00 25.96 ? 1321 HOH   A O    1 
HETATM 1027 O  O    . HOH   E 5 .   ? 16.664  -4.411  -5.663  1.00 42.61 ? 1322 HOH   A O    1 
HETATM 1028 O  O    . HOH   E 5 .   ? 9.179   2.400   -6.388  1.00 31.56 ? 1323 HOH   A O    1 
HETATM 1029 O  O    . HOH   E 5 .   ? -1.118  7.945   2.046   1.00 23.56 ? 1324 HOH   A O    1 
HETATM 1030 O  O    . HOH   E 5 .   ? 1.977   12.038  0.595   1.00 29.49 ? 1325 HOH   A O    1 
HETATM 1031 O  O    . HOH   E 5 .   ? -16.024 1.111   -0.768  1.00 28.68 ? 1326 HOH   A O    1 
HETATM 1032 O  O    . HOH   E 5 .   ? -1.544  6.084   -1.385  1.00 22.82 ? 1327 HOH   A O    1 
HETATM 1033 O  O    . HOH   E 5 .   ? -3.213  6.268   0.789   1.00 18.62 ? 1328 HOH   A O    1 
HETATM 1034 O  O    . HOH   E 5 .   ? 13.042  -7.497  0.738   1.00 43.28 ? 1329 HOH   A O    1 
HETATM 1035 O  O    . HOH   E 5 .   ? -14.962 -1.089  -4.212  1.00 41.66 ? 1330 HOH   A O    1 
HETATM 1036 O  O    . HOH   E 5 .   ? -2.830  1.811   9.756   1.00 43.42 ? 1331 HOH   A O    1 
HETATM 1037 O  O    . HOH   E 5 .   ? -1.523  8.562   8.479   1.00 20.88 ? 1332 HOH   A O    1 
HETATM 1038 O  O    . HOH   E 5 .   ? -8.948  12.803  -6.959  1.00 35.81 ? 1333 HOH   A O    1 
HETATM 1039 O  O    . HOH   E 5 .   ? -3.104  10.386  10.091  1.00 26.60 ? 1334 HOH   A O    1 
HETATM 1040 O  O    . HOH   E 5 .   ? -9.102  20.323  0.345   1.00 28.63 ? 1335 HOH   A O    1 
HETATM 1041 O  O    . HOH   E 5 .   ? 0.191   12.834  -6.100  1.00 40.46 ? 1336 HOH   A O    1 
HETATM 1042 O  O    . HOH   E 5 .   ? 3.451   8.076   0.246   1.00 23.51 ? 1337 HOH   A O    1 
HETATM 1043 O  O    . HOH   E 5 .   ? -0.551  0.153   9.539   1.00 36.57 ? 1338 HOH   A O    1 
HETATM 1044 O  O    . HOH   E 5 .   ? 17.164  -16.594 6.712   1.00 54.68 ? 1339 HOH   A O    1 
HETATM 1045 O  O    . HOH   E 5 .   ? -7.466  -4.326  -13.947 1.00 37.26 ? 1340 HOH   A O    1 
HETATM 1046 O  O    . HOH   E 5 .   ? -10.139 19.729  6.133   1.00 26.40 ? 1341 HOH   A O    1 
HETATM 1047 O  O    . HOH   E 5 .   ? -9.191  4.419   7.922   1.00 24.18 ? 1342 HOH   A O    1 
HETATM 1048 O  O    . HOH   E 5 .   ? 2.431   -16.206 11.120  1.00 60.68 ? 1343 HOH   A O    1 
HETATM 1049 O  O    . HOH   E 5 .   ? -12.485 -3.760  1.115   1.00 43.85 ? 1344 HOH   A O    1 
HETATM 1050 O  O    . HOH   E 5 .   ? 12.497  -5.751  2.468   1.00 33.88 ? 1345 HOH   A O    1 
HETATM 1051 O  O    . HOH   E 5 .   ? -4.556  5.934   8.790   1.00 31.60 ? 1346 HOH   A O    1 
HETATM 1052 O  O    . HOH   E 5 .   ? -0.601  8.057   -7.888  1.00 32.88 ? 1347 HOH   A O    1 
HETATM 1053 O  O    . HOH   E 5 .   ? 18.969  -11.665 0.304   1.00 41.74 ? 1348 HOH   A O    1 
HETATM 1054 O  O    . HOH   E 5 .   ? -10.703 16.507  -1.337  1.00 33.67 ? 1349 HOH   A O    1 
HETATM 1055 O  O    . HOH   E 5 .   ? 5.688   -11.299 10.017  1.00 35.81 ? 1350 HOH   A O    1 
HETATM 1056 O  O    . HOH   E 5 .   ? -13.610 12.515  -0.906  1.00 24.52 ? 1351 HOH   A O    1 
HETATM 1057 O  O    . HOH   E 5 .   ? -6.640  -5.937  3.061   1.00 37.58 ? 1352 HOH   A O    1 
HETATM 1058 O  O    . HOH   E 5 .   ? -13.735 5.044   -12.938 1.00 47.75 ? 1353 HOH   A O    1 
HETATM 1059 O  O    . HOH   E 5 .   ? -5.170  -7.689  4.255   1.00 38.64 ? 1354 HOH   A O    1 
HETATM 1060 O  O    . HOH   E 5 .   ? 8.475   -0.478  7.833   1.00 39.86 ? 1355 HOH   A O    1 
HETATM 1061 O  O    . HOH   E 5 .   ? -3.089  -3.728  -15.711 1.00 51.44 ? 1356 HOH   A O    1 
HETATM 1062 O  O    . HOH   E 5 .   ? 1.095   9.284   -0.172  1.00 23.78 ? 1357 HOH   A O    1 
HETATM 1063 O  O    . HOH   E 5 .   ? -15.113 10.896  -6.566  1.00 36.04 ? 1358 HOH   A O    1 
HETATM 1064 O  O    . HOH   E 5 .   ? -12.212 10.419  -5.418  1.00 25.81 ? 1359 HOH   A O    1 
HETATM 1065 O  O    . HOH   E 5 .   ? -8.164  19.913  7.861   1.00 33.76 ? 1360 HOH   A O    1 
HETATM 1066 O  O    . HOH   E 5 .   ? 11.501  1.003   -6.465  1.00 33.77 ? 1361 HOH   A O    1 
HETATM 1067 O  O    . HOH   E 5 .   ? -15.463 17.641  0.315   1.00 42.33 ? 1362 HOH   A O    1 
HETATM 1068 O  O    . HOH   E 5 .   ? 3.021   6.144   -11.603 1.00 53.65 ? 1363 HOH   A O    1 
HETATM 1069 O  O    . HOH   E 5 .   ? -0.642  22.247  -0.228  1.00 49.19 ? 1364 HOH   A O    1 
HETATM 1070 O  O    . HOH   E 5 .   ? 9.833   -19.795 13.608  1.00 53.89 ? 1365 HOH   A O    1 
HETATM 1071 O  O    . HOH   E 5 .   ? 7.460   2.903   -8.538  1.00 46.92 ? 1366 HOH   A O    1 
HETATM 1072 O  O    . HOH   E 5 .   ? -11.290 11.246  -7.731  1.00 41.32 ? 1367 HOH   A O    1 
HETATM 1073 O  O    . HOH   E 5 .   ? -7.013  5.562   9.844   1.00 38.54 ? 1368 HOH   A O    1 
HETATM 1074 O  O    . HOH   E 5 .   ? 0.421   20.583  1.954   1.00 41.38 ? 1369 HOH   A O    1 
HETATM 1075 O  O    . HOH   E 5 .   ? 3.808   3.272   -11.262 1.00 44.31 ? 1370 HOH   A O    1 
# 
